data_3LPV
# 
_entry.id   3LPV 
# 
_audit_conform.dict_name       mmcif_pdbx.dic 
_audit_conform.dict_version    5.378 
_audit_conform.dict_location   http://mmcif.pdb.org/dictionaries/ascii/mmcif_pdbx.dic 
# 
loop_
_database_2.database_id 
_database_2.database_code 
_database_2.pdbx_database_accession 
_database_2.pdbx_DOI 
PDB   3LPV         pdb_00003lpv 10.2210/pdb3lpv/pdb 
NDB   NA0453       ?            ?                   
RCSB  RCSB057580   ?            ?                   
WWPDB D_1000057580 ?            ?                   
# 
_pdbx_database_related.db_name        PDB 
_pdbx_database_related.db_id          1AIO 
_pdbx_database_related.details        . 
_pdbx_database_related.content_type   unspecified 
# 
_pdbx_database_status.entry_id                        3LPV 
_pdbx_database_status.deposit_site                    RCSB 
_pdbx_database_status.process_site                    RCSB 
_pdbx_database_status.recvd_initial_deposition_date   2010-02-06 
_pdbx_database_status.status_code                     REL 
_pdbx_database_status.status_code_sf                  REL 
_pdbx_database_status.status_code_mr                  ? 
_pdbx_database_status.SG_entry                        ? 
_pdbx_database_status.pdb_format_compatible           Y 
_pdbx_database_status.status_code_cs                  ? 
_pdbx_database_status.methods_development_category    ? 
_pdbx_database_status.status_code_nmr_data            ? 
# 
loop_
_audit_author.name 
_audit_author.pdbx_ordinal 
'Todd, R.C.'    1 
'Lippard, S.J.' 2 
# 
_citation.id                        primary 
_citation.title                     
'Structure of duplex DNA containing the cisplatin 1,2-{Pt(NH(3))(2)}(2+)-d(GpG) cross-link at 1.77A resolution.' 
_citation.journal_abbrev            J.Inorg.Biochem. 
_citation.journal_volume            104 
_citation.page_first                902 
_citation.page_last                 908 
_citation.year                      2010 
_citation.journal_id_ASTM           JIBIDJ 
_citation.country                   US 
_citation.journal_id_ISSN           0162-0134 
_citation.journal_id_CSD            0525 
_citation.book_publisher            ? 
_citation.pdbx_database_id_PubMed   20541266 
_citation.pdbx_database_id_DOI      10.1016/j.jinorgbio.2010.04.005 
# 
loop_
_citation_author.citation_id 
_citation_author.name 
_citation_author.ordinal 
_citation_author.identifier_ORCID 
primary 'Todd, R.C.'    1 ? 
primary 'Lippard, S.J.' 2 ? 
# 
_cell.entry_id           3LPV 
_cell.length_a           31.303 
_cell.length_b           35.425 
_cell.length_c           45.128 
_cell.angle_alpha        80.06 
_cell.angle_beta         84.09 
_cell.angle_gamma        81.77 
_cell.Z_PDB              2 
_cell.pdbx_unique_axis   ? 
_cell.length_a_esd       ? 
_cell.length_b_esd       ? 
_cell.length_c_esd       ? 
_cell.angle_alpha_esd    ? 
_cell.angle_beta_esd     ? 
_cell.angle_gamma_esd    ? 
# 
_symmetry.entry_id                         3LPV 
_symmetry.space_group_name_H-M             'P 1' 
_symmetry.pdbx_full_space_group_name_H-M   ? 
_symmetry.cell_setting                     ? 
_symmetry.Int_Tables_number                1 
_symmetry.space_group_name_Hall            ? 
# 
loop_
_entity.id 
_entity.type 
_entity.src_method 
_entity.pdbx_description 
_entity.formula_weight 
_entity.pdbx_number_of_molecules 
_entity.pdbx_ec 
_entity.pdbx_mutation 
_entity.pdbx_fragment 
_entity.details 
1 polymer     syn "5'-D(*CP*CP*TP*CP*TP*GP*GP*TP*CP*TP*CP*C)-3'" 3565.316 2   ? ? ? ? 
2 polymer     syn "5'-D(*GP*GP*AP*GP*AP*CP*CP*AP*GP*AP*GP*G)-3'" 3761.468 2   ? ? ? ? 
3 non-polymer syn Cisplatin                                      300.045  2   ? ? ? ? 
4 non-polymer syn 'MAGNESIUM ION'                                24.305   4   ? ? ? ? 
5 water       nat water                                          18.015   148 ? ? ? ? 
# 
loop_
_entity_poly.entity_id 
_entity_poly.type 
_entity_poly.nstd_linkage 
_entity_poly.nstd_monomer 
_entity_poly.pdbx_seq_one_letter_code 
_entity_poly.pdbx_seq_one_letter_code_can 
_entity_poly.pdbx_strand_id 
_entity_poly.pdbx_target_identifier 
1 polydeoxyribonucleotide no no '(DC)(DC)(DT)(DC)(DT)(DG)(DG)(DT)(DC)(DT)(DC)(DC)' CCTCTGGTCTCC A,C ? 
2 polydeoxyribonucleotide no no '(DG)(DG)(DA)(DG)(DA)(DC)(DC)(DA)(DG)(DA)(DG)(DG)' GGAGACCAGAGG B,D ? 
# 
loop_
_entity_poly_seq.entity_id 
_entity_poly_seq.num 
_entity_poly_seq.mon_id 
_entity_poly_seq.hetero 
1 1  DC n 
1 2  DC n 
1 3  DT n 
1 4  DC n 
1 5  DT n 
1 6  DG n 
1 7  DG n 
1 8  DT n 
1 9  DC n 
1 10 DT n 
1 11 DC n 
1 12 DC n 
2 1  DG n 
2 2  DG n 
2 3  DA n 
2 4  DG n 
2 5  DA n 
2 6  DC n 
2 7  DC n 
2 8  DA n 
2 9  DG n 
2 10 DA n 
2 11 DG n 
2 12 DG n 
# 
loop_
_pdbx_entity_src_syn.entity_id 
_pdbx_entity_src_syn.pdbx_src_id 
_pdbx_entity_src_syn.pdbx_alt_source_flag 
_pdbx_entity_src_syn.pdbx_beg_seq_num 
_pdbx_entity_src_syn.pdbx_end_seq_num 
_pdbx_entity_src_syn.organism_scientific 
_pdbx_entity_src_syn.organism_common_name 
_pdbx_entity_src_syn.ncbi_taxonomy_id 
_pdbx_entity_src_syn.details 
1 1 sample ? ? ? ? ? 'Synthetic Oligonucleotide' 
2 1 sample ? ? ? ? ? 'Synthetic Oligonucleotide' 
# 
loop_
_struct_ref.id 
_struct_ref.db_name 
_struct_ref.db_code 
_struct_ref.pdbx_db_accession 
_struct_ref.entity_id 
_struct_ref.pdbx_align_begin 
_struct_ref.pdbx_seq_one_letter_code 
_struct_ref.pdbx_db_isoform 
1 PDB 3LPV 3LPV 1 ? CCTCTGGTCTCC ? 
2 PDB 3LPV 3LPV 2 ? GGAGACCAGAGG ? 
# 
loop_
_struct_ref_seq.align_id 
_struct_ref_seq.ref_id 
_struct_ref_seq.pdbx_PDB_id_code 
_struct_ref_seq.pdbx_strand_id 
_struct_ref_seq.seq_align_beg 
_struct_ref_seq.pdbx_seq_align_beg_ins_code 
_struct_ref_seq.seq_align_end 
_struct_ref_seq.pdbx_seq_align_end_ins_code 
_struct_ref_seq.pdbx_db_accession 
_struct_ref_seq.db_align_beg 
_struct_ref_seq.pdbx_db_align_beg_ins_code 
_struct_ref_seq.db_align_end 
_struct_ref_seq.pdbx_db_align_end_ins_code 
_struct_ref_seq.pdbx_auth_seq_align_beg 
_struct_ref_seq.pdbx_auth_seq_align_end 
1 1 3LPV A 1 ? 12 ? 3LPV 1  ? 12 ? 1  12 
2 1 3LPV C 1 ? 12 ? 3LPV 25 ? 36 ? 25 36 
3 2 3LPV B 1 ? 12 ? 3LPV 13 ? 24 ? 13 24 
4 2 3LPV D 1 ? 12 ? 3LPV 37 ? 48 ? 37 48 
# 
loop_
_chem_comp.id 
_chem_comp.type 
_chem_comp.mon_nstd_flag 
_chem_comp.name 
_chem_comp.pdbx_synonyms 
_chem_comp.formula 
_chem_comp.formula_weight 
CPT non-polymer   . Cisplatin                            'diammine(dichloro)platinum' 'Cl2 H6 N2 Pt'    300.045 
DA  'DNA linking' y "2'-DEOXYADENOSINE-5'-MONOPHOSPHATE" ?                            'C10 H14 N5 O6 P' 331.222 
DC  'DNA linking' y "2'-DEOXYCYTIDINE-5'-MONOPHOSPHATE"  ?                            'C9 H14 N3 O7 P'  307.197 
DG  'DNA linking' y "2'-DEOXYGUANOSINE-5'-MONOPHOSPHATE" ?                            'C10 H14 N5 O7 P' 347.221 
DT  'DNA linking' y "THYMIDINE-5'-MONOPHOSPHATE"         ?                            'C10 H15 N2 O8 P' 322.208 
HOH non-polymer   . WATER                                ?                            'H2 O'            18.015  
MG  non-polymer   . 'MAGNESIUM ION'                      ?                            'Mg 2'            24.305  
# 
_exptl.entry_id          3LPV 
_exptl.method            'X-RAY DIFFRACTION' 
_exptl.crystals_number   1 
# 
_exptl_crystal.id                    1 
_exptl_crystal.density_meas          ? 
_exptl_crystal.density_Matthews      3.32 
_exptl_crystal.density_percent_sol   62.93 
_exptl_crystal.description           ? 
_exptl_crystal.F_000                 ? 
_exptl_crystal.preparation           ? 
# 
_exptl_crystal_grow.crystal_id      1 
_exptl_crystal_grow.method          'VAPOR DIFFUSION, HANGING DROP' 
_exptl_crystal_grow.temp            277 
_exptl_crystal_grow.temp_details    ? 
_exptl_crystal_grow.pH              6.5 
_exptl_crystal_grow.pdbx_pH_range   ? 
_exptl_crystal_grow.pdbx_details    
;120 mM Magnesium Acetate, 50 mM Sodium Cacodylate pH 6.5, 28% w/v PEG-4000, 1 mM spermine, VAPOR DIFFUSION, HANGING DROP, temperature 277K
;
# 
_diffrn.id                     1 
_diffrn.ambient_temp           100 
_diffrn.ambient_temp_details   ? 
_diffrn.crystal_id             1 
# 
_diffrn_detector.diffrn_id              1 
_diffrn_detector.detector               CCD 
_diffrn_detector.type                   'MARMOSAIC 325 mm CCD' 
_diffrn_detector.pdbx_collection_date   2009-05-30 
_diffrn_detector.details                'Rh coated flat mirror, toroidal focusing mirror' 
# 
_diffrn_radiation.diffrn_id                        1 
_diffrn_radiation.wavelength_id                    1 
_diffrn_radiation.pdbx_monochromatic_or_laue_m_l   M 
_diffrn_radiation.monochromator                    'Double crystal monochromator' 
_diffrn_radiation.pdbx_diffrn_protocol             'SINGLE WAVELENGTH' 
_diffrn_radiation.pdbx_scattering_type             x-ray 
# 
_diffrn_radiation_wavelength.id           1 
_diffrn_radiation_wavelength.wavelength   0.979 
_diffrn_radiation_wavelength.wt           1.0 
# 
_diffrn_source.diffrn_id                   1 
_diffrn_source.source                      SYNCHROTRON 
_diffrn_source.type                        'SSRL BEAMLINE BL9-2' 
_diffrn_source.pdbx_synchrotron_site       SSRL 
_diffrn_source.pdbx_synchrotron_beamline   BL9-2 
_diffrn_source.pdbx_wavelength             ? 
_diffrn_source.pdbx_wavelength_list        0.979 
# 
_reflns.entry_id                     3LPV 
_reflns.observed_criterion_sigma_I   0.0 
_reflns.observed_criterion_sigma_F   0.0 
_reflns.d_resolution_low             50.000 
_reflns.d_resolution_high            1.770 
_reflns.number_obs                   17639 
_reflns.number_all                   17639 
_reflns.percent_possible_obs         96.000 
_reflns.pdbx_Rmerge_I_obs            0.092 
_reflns.pdbx_Rsym_value              ? 
_reflns.pdbx_netI_over_sigmaI        15.600 
_reflns.B_iso_Wilson_estimate        ? 
_reflns.pdbx_redundancy              2.900 
_reflns.R_free_details               ? 
_reflns.pdbx_chi_squared             ? 
_reflns.pdbx_scaling_rejects         ? 
_reflns.pdbx_diffrn_id               1 
_reflns.pdbx_ordinal                 1 
# 
loop_
_reflns_shell.d_res_high 
_reflns_shell.d_res_low 
_reflns_shell.percent_possible_all 
_reflns_shell.Rmerge_I_obs 
_reflns_shell.pdbx_Rsym_value 
_reflns_shell.meanI_over_sigI_obs 
_reflns_shell.pdbx_redundancy 
_reflns_shell.percent_possible_obs 
_reflns_shell.number_unique_all 
_reflns_shell.number_measured_all 
_reflns_shell.number_measured_obs 
_reflns_shell.number_unique_obs 
_reflns_shell.pdbx_chi_squared 
_reflns_shell.pdbx_diffrn_id 
_reflns_shell.pdbx_ordinal 
1.77 1.83  85.20 0.389 ? ? 2.50 ? ? ? ? ? ? ? 1  
1.83 1.91  95.00 0.351 ? ? 2.70 ? ? ? ? ? ? ? 2  
1.91 1.99  96.50 0.333 ? ? 2.90 ? ? ? ? ? ? ? 3  
1.99 2.10  97.20 0.229 ? ? 3.00 ? ? ? ? ? ? ? 4  
2.10 2.23  97.70 0.175 ? ? 3.00 ? ? ? ? ? ? ? 5  
2.23 2.40  97.50 0.140 ? ? 3.00 ? ? ? ? ? ? ? 6  
2.40 2.64  97.90 0.101 ? ? 3.00 ? ? ? ? ? ? ? 7  
2.64 3.03  98.20 0.093 ? ? 3.00 ? ? ? ? ? ? ? 8  
3.03 3.81  98.20 0.068 ? ? 3.00 ? ? ? ? ? ? ? 9  
3.81 50.00 96.50 0.090 ? ? 2.90 ? ? ? ? ? ? ? 10 
# 
_refine.pdbx_refine_id                           'X-RAY DIFFRACTION' 
_refine.entry_id                                 3LPV 
_refine.ls_number_reflns_obs                     16745 
_refine.ls_number_reflns_all                     17624 
_refine.pdbx_ls_sigma_I                          ? 
_refine.pdbx_ls_sigma_F                          . 
_refine.pdbx_data_cutoff_high_absF               ? 
_refine.pdbx_data_cutoff_low_absF                ? 
_refine.pdbx_data_cutoff_high_rms_absF           ? 
_refine.ls_d_res_low                             44.31 
_refine.ls_d_res_high                            1.77 
_refine.ls_percent_reflns_obs                    96.25 
_refine.ls_R_factor_obs                          0.17342 
_refine.ls_R_factor_all                          ? 
_refine.ls_R_factor_R_work                       0.17212 
_refine.ls_R_factor_R_free                       0.19788 
_refine.ls_R_factor_R_free_error                 ? 
_refine.ls_R_factor_R_free_error_details         ? 
_refine.ls_percent_reflns_R_free                 5.1 
_refine.ls_number_reflns_R_free                  891 
_refine.ls_number_parameters                     ? 
_refine.ls_number_restraints                     ? 
_refine.occupancy_min                            1.00 
_refine.occupancy_max                            1.00 
_refine.correlation_coeff_Fo_to_Fc               0.974 
_refine.correlation_coeff_Fo_to_Fc_free          0.963 
_refine.B_iso_mean                               39.042 
_refine.aniso_B[1][1]                            -0.53 
_refine.aniso_B[2][2]                            -0.34 
_refine.aniso_B[3][3]                            0.03 
_refine.aniso_B[1][2]                            0.09 
_refine.aniso_B[1][3]                            1.75 
_refine.aniso_B[2][3]                            1.31 
_refine.solvent_model_details                    MASK 
_refine.solvent_model_param_ksol                 ? 
_refine.solvent_model_param_bsol                 ? 
_refine.pdbx_solvent_vdw_probe_radii             1.40 
_refine.pdbx_solvent_ion_probe_radii             0.80 
_refine.pdbx_solvent_shrinkage_radii             0.80 
_refine.pdbx_ls_cross_valid_method               THROUGHOUT 
_refine.details                                  'HYDROGENS HAVE BEEN ADDED IN THE RIDING POSITIONS' 
_refine.pdbx_starting_model                      1AIO 
_refine.pdbx_method_to_determine_struct          'MOLECULAR REPLACEMENT' 
_refine.pdbx_isotropic_thermal_model             ? 
_refine.pdbx_stereochemistry_target_values       'MAXIMUM LIKELIHOOD' 
_refine.pdbx_stereochem_target_val_spec_case     ? 
_refine.pdbx_R_Free_selection_details            RANDOM 
_refine.pdbx_overall_ESU_R                       0.096 
_refine.pdbx_overall_ESU_R_Free                  0.094 
_refine.overall_SU_ML                            0.069 
_refine.pdbx_overall_phase_error                 ? 
_refine.overall_SU_B                             2.234 
_refine.overall_SU_R_Cruickshank_DPI             0.097 
_refine.pdbx_overall_SU_R_free_Cruickshank_DPI   ? 
_refine.pdbx_overall_SU_R_Blow_DPI               ? 
_refine.pdbx_overall_SU_R_free_Blow_DPI          ? 
_refine.ls_redundancy_reflns_obs                 ? 
_refine.overall_SU_R_free                        ? 
_refine.ls_wR_factor_R_free                      ? 
_refine.ls_wR_factor_R_work                      ? 
_refine.overall_FOM_free_R_set                   ? 
_refine.overall_FOM_work_R_set                   ? 
_refine.pdbx_diffrn_id                           1 
_refine.pdbx_TLS_residual_ADP_flag               ? 
# 
_refine_hist.pdbx_refine_id                   'X-RAY DIFFRACTION' 
_refine_hist.cycle_id                         LAST 
_refine_hist.pdbx_number_atoms_protein        0 
_refine_hist.pdbx_number_atoms_nucleic_acid   972 
_refine_hist.pdbx_number_atoms_ligand         10 
_refine_hist.number_atoms_solvent             148 
_refine_hist.number_atoms_total               1130 
_refine_hist.d_res_high                       1.77 
_refine_hist.d_res_low                        44.31 
# 
loop_
_refine_ls_restr.type 
_refine_ls_restr.dev_ideal 
_refine_ls_restr.dev_ideal_target 
_refine_ls_restr.weight 
_refine_ls_restr.number 
_refine_ls_restr.pdbx_refine_id 
_refine_ls_restr.pdbx_restraint_function 
r_bond_refined_d             0.011 0.021 ? 1105 'X-RAY DIFFRACTION' ? 
r_bond_other_d               ?     ?     ? ?    'X-RAY DIFFRACTION' ? 
r_angle_refined_deg          1.883 3.000 ? 1704 'X-RAY DIFFRACTION' ? 
r_angle_other_deg            ?     ?     ? ?    'X-RAY DIFFRACTION' ? 
r_dihedral_angle_1_deg       ?     ?     ? ?    'X-RAY DIFFRACTION' ? 
r_dihedral_angle_2_deg       ?     ?     ? ?    'X-RAY DIFFRACTION' ? 
r_dihedral_angle_3_deg       ?     ?     ? ?    'X-RAY DIFFRACTION' ? 
r_dihedral_angle_4_deg       ?     ?     ? ?    'X-RAY DIFFRACTION' ? 
r_chiral_restr               0.080 0.200 ? 188  'X-RAY DIFFRACTION' ? 
r_gen_planes_refined         0.011 0.020 ? 504  'X-RAY DIFFRACTION' ? 
r_gen_planes_other           0.001 0.020 ? 96   'X-RAY DIFFRACTION' ? 
r_nbd_refined                0.105 0.200 ? 131  'X-RAY DIFFRACTION' ? 
r_nbd_other                  0.265 0.200 ? 485  'X-RAY DIFFRACTION' ? 
r_nbtor_refined              0.263 0.200 ? 360  'X-RAY DIFFRACTION' ? 
r_nbtor_other                0.074 0.200 ? 231  'X-RAY DIFFRACTION' ? 
r_xyhbond_nbd_refined        0.161 0.200 ? 103  'X-RAY DIFFRACTION' ? 
r_xyhbond_nbd_other          ?     ?     ? ?    'X-RAY DIFFRACTION' ? 
r_metal_ion_refined          0.041 0.200 ? 3    'X-RAY DIFFRACTION' ? 
r_metal_ion_other            ?     ?     ? ?    'X-RAY DIFFRACTION' ? 
r_symmetry_vdw_refined       0.146 0.200 ? 20   'X-RAY DIFFRACTION' ? 
r_symmetry_vdw_other         0.166 0.200 ? 56   'X-RAY DIFFRACTION' ? 
r_symmetry_hbond_refined     0.216 0.200 ? 5    'X-RAY DIFFRACTION' ? 
r_symmetry_hbond_other       ?     ?     ? ?    'X-RAY DIFFRACTION' ? 
r_symmetry_metal_ion_refined ?     ?     ? ?    'X-RAY DIFFRACTION' ? 
r_symmetry_metal_ion_other   ?     ?     ? ?    'X-RAY DIFFRACTION' ? 
r_mcbond_it                  0.315 1.500 ? 1    'X-RAY DIFFRACTION' ? 
r_mcbond_other               ?     ?     ? ?    'X-RAY DIFFRACTION' ? 
r_mcangle_it                 ?     ?     ? ?    'X-RAY DIFFRACTION' ? 
r_scbond_it                  1.895 3.000 ? 1104 'X-RAY DIFFRACTION' ? 
r_scangle_it                 2.840 4.500 ? 1704 'X-RAY DIFFRACTION' ? 
r_rigid_bond_restr           ?     ?     ? ?    'X-RAY DIFFRACTION' ? 
r_sphericity_free            ?     ?     ? ?    'X-RAY DIFFRACTION' ? 
r_sphericity_bonded          ?     ?     ? ?    'X-RAY DIFFRACTION' ? 
# 
_refine_ls_shell.pdbx_refine_id                   'X-RAY DIFFRACTION' 
_refine_ls_shell.pdbx_total_number_of_bins_used   20 
_refine_ls_shell.d_res_high                       1.772 
_refine_ls_shell.d_res_low                        1.817 
_refine_ls_shell.number_reflns_R_work             1112 
_refine_ls_shell.R_factor_R_work                  0.254 
_refine_ls_shell.percent_reflns_obs               85.58 
_refine_ls_shell.R_factor_R_free                  0.335 
_refine_ls_shell.R_factor_R_free_error            ? 
_refine_ls_shell.percent_reflns_R_free            ? 
_refine_ls_shell.number_reflns_R_free             45 
_refine_ls_shell.number_reflns_all                ? 
_refine_ls_shell.R_factor_all                     ? 
_refine_ls_shell.redundancy_reflns_obs            ? 
_refine_ls_shell.number_reflns_obs                ? 
# 
_struct.entry_id                  3LPV 
_struct.title                     'X-ray crystal structure of duplex DNA containing a cisplatin 1,2-d(GpG) intrastrand cross-link' 
_struct.pdbx_model_details        ? 
_struct.pdbx_CASP_flag            N 
_struct.pdbx_model_type_details   ? 
# 
_struct_keywords.entry_id        3LPV 
_struct_keywords.pdbx_keywords   DNA 
_struct_keywords.text            'cisplatin, DNA' 
# 
loop_
_struct_asym.id 
_struct_asym.pdbx_blank_PDB_chainid_flag 
_struct_asym.pdbx_modified 
_struct_asym.entity_id 
_struct_asym.details 
A N N 1 ? 
B N N 2 ? 
C N N 1 ? 
D N N 2 ? 
E N N 3 ? 
F N N 4 ? 
G N N 4 ? 
H N N 3 ? 
I N N 4 ? 
J N N 4 ? 
K N N 5 ? 
L N N 5 ? 
M N N 5 ? 
N N N 5 ? 
# 
_struct_biol.id        1 
_struct_biol.details   ? 
# 
loop_
_struct_conn.id 
_struct_conn.conn_type_id 
_struct_conn.pdbx_leaving_atom_flag 
_struct_conn.pdbx_PDB_id 
_struct_conn.ptnr1_label_asym_id 
_struct_conn.ptnr1_label_comp_id 
_struct_conn.ptnr1_label_seq_id 
_struct_conn.ptnr1_label_atom_id 
_struct_conn.pdbx_ptnr1_label_alt_id 
_struct_conn.pdbx_ptnr1_PDB_ins_code 
_struct_conn.pdbx_ptnr1_standard_comp_id 
_struct_conn.ptnr1_symmetry 
_struct_conn.ptnr2_label_asym_id 
_struct_conn.ptnr2_label_comp_id 
_struct_conn.ptnr2_label_seq_id 
_struct_conn.ptnr2_label_atom_id 
_struct_conn.pdbx_ptnr2_label_alt_id 
_struct_conn.pdbx_ptnr2_PDB_ins_code 
_struct_conn.ptnr1_auth_asym_id 
_struct_conn.ptnr1_auth_comp_id 
_struct_conn.ptnr1_auth_seq_id 
_struct_conn.ptnr2_auth_asym_id 
_struct_conn.ptnr2_auth_comp_id 
_struct_conn.ptnr2_auth_seq_id 
_struct_conn.ptnr2_symmetry 
_struct_conn.pdbx_ptnr3_label_atom_id 
_struct_conn.pdbx_ptnr3_label_seq_id 
_struct_conn.pdbx_ptnr3_label_comp_id 
_struct_conn.pdbx_ptnr3_label_asym_id 
_struct_conn.pdbx_ptnr3_label_alt_id 
_struct_conn.pdbx_ptnr3_PDB_ins_code 
_struct_conn.details 
_struct_conn.pdbx_dist_value 
_struct_conn.pdbx_value_order 
_struct_conn.pdbx_role 
metalc1  metalc ? ? A DG  6  N7 ? ? ? 1_555 E CPT .  PT1 ? ? A DG  6    A CPT 49   1_555 ? ? ? ? ? ? ?            2.073 ? ? 
metalc2  metalc ? ? A DG  7  N7 ? ? ? 1_555 E CPT .  PT1 ? ? A DG  7    A CPT 49   1_555 ? ? ? ? ? ? ?            2.108 ? ? 
metalc3  metalc ? ? L HOH .  O  ? ? ? 1_555 F MG  .  MG  ? ? B HOH 1054 B MG  2002 1_555 ? ? ? ? ? ? ?            2.048 ? ? 
metalc4  metalc ? ? L HOH .  O  ? ? ? 1_555 F MG  .  MG  ? ? B HOH 1055 B MG  2002 1_555 ? ? ? ? ? ? ?            2.100 ? ? 
metalc5  metalc ? ? L HOH .  O  ? ? ? 1_555 F MG  .  MG  ? ? B HOH 1056 B MG  2002 1_555 ? ? ? ? ? ? ?            1.924 ? ? 
metalc6  metalc ? ? L HOH .  O  ? ? ? 1_555 F MG  .  MG  ? ? B HOH 1057 B MG  2002 1_555 ? ? ? ? ? ? ?            2.017 ? ? 
metalc7  metalc ? ? L HOH .  O  ? ? ? 1_555 F MG  .  MG  ? ? B HOH 1058 B MG  2002 1_555 ? ? ? ? ? ? ?            2.122 ? ? 
metalc8  metalc ? ? L HOH .  O  ? ? ? 1_555 F MG  .  MG  ? ? B HOH 1059 B MG  2002 1_555 ? ? ? ? ? ? ?            2.275 ? ? 
metalc9  metalc ? ? L HOH .  O  ? ? ? 1_555 G MG  .  MG  ? ? B HOH 1143 B MG  2004 1_555 ? ? ? ? ? ? ?            2.168 ? ? 
metalc10 metalc ? ? L HOH .  O  ? ? ? 1_555 G MG  .  MG  ? ? B HOH 1144 B MG  2004 1_555 ? ? ? ? ? ? ?            2.162 ? ? 
metalc11 metalc ? ? L HOH .  O  ? ? ? 1_555 G MG  .  MG  ? ? B HOH 1145 B MG  2004 1_555 ? ? ? ? ? ? ?            2.184 ? ? 
metalc12 metalc ? ? L HOH .  O  ? ? ? 1_555 G MG  .  MG  ? ? B HOH 1146 B MG  2004 1_555 ? ? ? ? ? ? ?            2.182 ? ? 
metalc13 metalc ? ? L HOH .  O  ? ? ? 1_555 G MG  .  MG  ? ? B HOH 1147 B MG  2004 1_555 ? ? ? ? ? ? ?            2.195 ? ? 
metalc14 metalc ? ? L HOH .  O  ? ? ? 1_555 G MG  .  MG  ? ? B HOH 1148 B MG  2004 1_555 ? ? ? ? ? ? ?            2.171 ? ? 
metalc15 metalc ? ? C DG  6  N7 ? ? ? 1_555 H CPT .  PT1 ? ? C DG  30   C CPT 50   1_555 ? ? ? ? ? ? ?            1.992 ? ? 
metalc16 metalc ? ? C DG  7  N7 ? ? ? 1_555 H CPT .  PT1 ? ? C DG  31   C CPT 50   1_555 ? ? ? ? ? ? ?            2.096 ? ? 
metalc17 metalc ? ? N HOH .  O  ? ? ? 1_555 I MG  .  MG  ? ? D HOH 1060 D MG  2001 1_555 ? ? ? ? ? ? ?            2.065 ? ? 
metalc18 metalc ? ? N HOH .  O  ? ? ? 1_555 I MG  .  MG  ? ? D HOH 1061 D MG  2001 1_555 ? ? ? ? ? ? ?            2.139 ? ? 
metalc19 metalc ? ? N HOH .  O  ? ? ? 1_555 I MG  .  MG  ? ? D HOH 1062 D MG  2001 1_555 ? ? ? ? ? ? ?            2.142 ? ? 
metalc20 metalc ? ? N HOH .  O  ? ? ? 1_555 I MG  .  MG  ? ? D HOH 1063 D MG  2001 1_555 ? ? ? ? ? ? ?            2.163 ? ? 
metalc21 metalc ? ? N HOH .  O  ? ? ? 1_555 I MG  .  MG  ? ? D HOH 1064 D MG  2001 1_555 ? ? ? ? ? ? ?            2.137 ? ? 
metalc22 metalc ? ? N HOH .  O  ? ? ? 1_555 I MG  .  MG  ? ? D HOH 1065 D MG  2001 1_555 ? ? ? ? ? ? ?            2.071 ? ? 
metalc23 metalc ? ? N HOH .  O  ? ? ? 1_555 J MG  .  MG  ? ? D HOH 1137 D MG  2003 1_555 ? ? ? ? ? ? ?            2.189 ? ? 
metalc24 metalc ? ? N HOH .  O  ? ? ? 1_555 J MG  .  MG  ? ? D HOH 1138 D MG  2003 1_555 ? ? ? ? ? ? ?            2.176 ? ? 
metalc25 metalc ? ? N HOH .  O  ? ? ? 1_555 J MG  .  MG  ? ? D HOH 1139 D MG  2003 1_555 ? ? ? ? ? ? ?            2.182 ? ? 
metalc26 metalc ? ? N HOH .  O  ? ? ? 1_555 J MG  .  MG  ? ? D HOH 1140 D MG  2003 1_555 ? ? ? ? ? ? ?            2.182 ? ? 
metalc27 metalc ? ? N HOH .  O  ? ? ? 1_555 J MG  .  MG  ? ? D HOH 1141 D MG  2003 1_555 ? ? ? ? ? ? ?            2.173 ? ? 
metalc28 metalc ? ? N HOH .  O  ? ? ? 1_555 J MG  .  MG  ? ? D HOH 1142 D MG  2003 1_555 ? ? ? ? ? ? ?            2.179 ? ? 
hydrog1  hydrog ? ? A DC  1  N3 ? ? ? 1_555 B DG  12 N1  ? ? A DC  1    B DG  24   1_555 ? ? ? ? ? ? WATSON-CRICK ?     ? ? 
hydrog2  hydrog ? ? A DC  1  N4 ? ? ? 1_555 B DG  12 O6  ? ? A DC  1    B DG  24   1_555 ? ? ? ? ? ? WATSON-CRICK ?     ? ? 
hydrog3  hydrog ? ? A DC  1  O2 ? ? ? 1_555 B DG  12 N2  ? ? A DC  1    B DG  24   1_555 ? ? ? ? ? ? WATSON-CRICK ?     ? ? 
hydrog4  hydrog ? ? A DC  2  N3 ? ? ? 1_555 B DG  11 N1  ? ? A DC  2    B DG  23   1_555 ? ? ? ? ? ? WATSON-CRICK ?     ? ? 
hydrog5  hydrog ? ? A DC  2  N4 ? ? ? 1_555 B DG  11 O6  ? ? A DC  2    B DG  23   1_555 ? ? ? ? ? ? WATSON-CRICK ?     ? ? 
hydrog6  hydrog ? ? A DC  2  O2 ? ? ? 1_555 B DG  11 N2  ? ? A DC  2    B DG  23   1_555 ? ? ? ? ? ? WATSON-CRICK ?     ? ? 
hydrog7  hydrog ? ? A DT  3  N3 ? ? ? 1_555 B DA  10 N1  ? ? A DT  3    B DA  22   1_555 ? ? ? ? ? ? WATSON-CRICK ?     ? ? 
hydrog8  hydrog ? ? A DT  3  O4 ? ? ? 1_555 B DA  10 N6  ? ? A DT  3    B DA  22   1_555 ? ? ? ? ? ? WATSON-CRICK ?     ? ? 
hydrog9  hydrog ? ? A DC  4  N3 ? ? ? 1_555 B DG  9  N1  ? ? A DC  4    B DG  21   1_555 ? ? ? ? ? ? WATSON-CRICK ?     ? ? 
hydrog10 hydrog ? ? A DC  4  N4 ? ? ? 1_555 B DG  9  O6  ? ? A DC  4    B DG  21   1_555 ? ? ? ? ? ? WATSON-CRICK ?     ? ? 
hydrog11 hydrog ? ? A DC  4  O2 ? ? ? 1_555 B DG  9  N2  ? ? A DC  4    B DG  21   1_555 ? ? ? ? ? ? WATSON-CRICK ?     ? ? 
hydrog12 hydrog ? ? A DT  5  N3 ? ? ? 1_555 B DA  8  N1  ? ? A DT  5    B DA  20   1_555 ? ? ? ? ? ? WATSON-CRICK ?     ? ? 
hydrog13 hydrog ? ? A DT  5  O4 ? ? ? 1_555 B DA  8  N6  ? ? A DT  5    B DA  20   1_555 ? ? ? ? ? ? WATSON-CRICK ?     ? ? 
hydrog14 hydrog ? ? A DG  6  N1 ? ? ? 1_555 B DC  7  N3  ? ? A DG  6    B DC  19   1_555 ? ? ? ? ? ? WATSON-CRICK ?     ? ? 
hydrog15 hydrog ? ? A DG  6  N2 ? ? ? 1_555 B DC  7  O2  ? ? A DG  6    B DC  19   1_555 ? ? ? ? ? ? WATSON-CRICK ?     ? ? 
hydrog16 hydrog ? ? A DG  6  O6 ? ? ? 1_555 B DC  7  N4  ? ? A DG  6    B DC  19   1_555 ? ? ? ? ? ? WATSON-CRICK ?     ? ? 
hydrog17 hydrog ? ? A DG  7  N1 ? ? ? 1_555 B DC  6  N3  ? ? A DG  7    B DC  18   1_555 ? ? ? ? ? ? WATSON-CRICK ?     ? ? 
hydrog18 hydrog ? ? A DG  7  N2 ? ? ? 1_555 B DC  6  O2  ? ? A DG  7    B DC  18   1_555 ? ? ? ? ? ? WATSON-CRICK ?     ? ? 
hydrog19 hydrog ? ? A DG  7  O6 ? ? ? 1_555 B DC  6  N4  ? ? A DG  7    B DC  18   1_555 ? ? ? ? ? ? WATSON-CRICK ?     ? ? 
hydrog20 hydrog ? ? A DT  8  N3 ? ? ? 1_555 B DA  5  N1  ? ? A DT  8    B DA  17   1_555 ? ? ? ? ? ? WATSON-CRICK ?     ? ? 
hydrog21 hydrog ? ? A DT  8  O4 ? ? ? 1_555 B DA  5  N6  ? ? A DT  8    B DA  17   1_555 ? ? ? ? ? ? WATSON-CRICK ?     ? ? 
hydrog22 hydrog ? ? A DC  9  N3 ? ? ? 1_555 B DG  4  N1  ? ? A DC  9    B DG  16   1_555 ? ? ? ? ? ? WATSON-CRICK ?     ? ? 
hydrog23 hydrog ? ? A DC  9  N4 ? ? ? 1_555 B DG  4  O6  ? ? A DC  9    B DG  16   1_555 ? ? ? ? ? ? WATSON-CRICK ?     ? ? 
hydrog24 hydrog ? ? A DC  9  O2 ? ? ? 1_555 B DG  4  N2  ? ? A DC  9    B DG  16   1_555 ? ? ? ? ? ? WATSON-CRICK ?     ? ? 
hydrog25 hydrog ? ? A DT  10 N3 ? ? ? 1_555 B DA  3  N1  ? ? A DT  10   B DA  15   1_555 ? ? ? ? ? ? WATSON-CRICK ?     ? ? 
hydrog26 hydrog ? ? A DT  10 O4 ? ? ? 1_555 B DA  3  N6  ? ? A DT  10   B DA  15   1_555 ? ? ? ? ? ? WATSON-CRICK ?     ? ? 
hydrog27 hydrog ? ? A DC  11 N3 ? ? ? 1_555 B DG  2  N1  ? ? A DC  11   B DG  14   1_555 ? ? ? ? ? ? WATSON-CRICK ?     ? ? 
hydrog28 hydrog ? ? A DC  11 N4 ? ? ? 1_555 B DG  2  O6  ? ? A DC  11   B DG  14   1_555 ? ? ? ? ? ? WATSON-CRICK ?     ? ? 
hydrog29 hydrog ? ? A DC  11 O2 ? ? ? 1_555 B DG  2  N2  ? ? A DC  11   B DG  14   1_555 ? ? ? ? ? ? WATSON-CRICK ?     ? ? 
hydrog30 hydrog ? ? A DC  12 N3 ? ? ? 1_555 B DG  1  N1  ? ? A DC  12   B DG  13   1_555 ? ? ? ? ? ? WATSON-CRICK ?     ? ? 
hydrog31 hydrog ? ? A DC  12 N4 ? ? ? 1_555 B DG  1  O6  ? ? A DC  12   B DG  13   1_555 ? ? ? ? ? ? WATSON-CRICK ?     ? ? 
hydrog32 hydrog ? ? A DC  12 O2 ? ? ? 1_555 B DG  1  N2  ? ? A DC  12   B DG  13   1_555 ? ? ? ? ? ? WATSON-CRICK ?     ? ? 
hydrog33 hydrog ? ? C DC  1  N3 ? ? ? 1_555 D DG  12 N1  ? ? C DC  25   D DG  48   1_555 ? ? ? ? ? ? WATSON-CRICK ?     ? ? 
hydrog34 hydrog ? ? C DC  1  N4 ? ? ? 1_555 D DG  12 O6  ? ? C DC  25   D DG  48   1_555 ? ? ? ? ? ? WATSON-CRICK ?     ? ? 
hydrog35 hydrog ? ? C DC  1  O2 ? ? ? 1_555 D DG  12 N2  ? ? C DC  25   D DG  48   1_555 ? ? ? ? ? ? WATSON-CRICK ?     ? ? 
hydrog36 hydrog ? ? C DC  2  N3 ? ? ? 1_555 D DG  11 N1  ? ? C DC  26   D DG  47   1_555 ? ? ? ? ? ? WATSON-CRICK ?     ? ? 
hydrog37 hydrog ? ? C DC  2  N4 ? ? ? 1_555 D DG  11 O6  ? ? C DC  26   D DG  47   1_555 ? ? ? ? ? ? WATSON-CRICK ?     ? ? 
hydrog38 hydrog ? ? C DC  2  O2 ? ? ? 1_555 D DG  11 N2  ? ? C DC  26   D DG  47   1_555 ? ? ? ? ? ? WATSON-CRICK ?     ? ? 
hydrog39 hydrog ? ? C DT  3  N3 ? ? ? 1_555 D DA  10 N1  ? ? C DT  27   D DA  46   1_555 ? ? ? ? ? ? WATSON-CRICK ?     ? ? 
hydrog40 hydrog ? ? C DT  3  O4 ? ? ? 1_555 D DA  10 N6  ? ? C DT  27   D DA  46   1_555 ? ? ? ? ? ? WATSON-CRICK ?     ? ? 
hydrog41 hydrog ? ? C DC  4  N3 ? ? ? 1_555 D DG  9  N1  ? ? C DC  28   D DG  45   1_555 ? ? ? ? ? ? WATSON-CRICK ?     ? ? 
hydrog42 hydrog ? ? C DC  4  N4 ? ? ? 1_555 D DG  9  O6  ? ? C DC  28   D DG  45   1_555 ? ? ? ? ? ? WATSON-CRICK ?     ? ? 
hydrog43 hydrog ? ? C DC  4  O2 ? ? ? 1_555 D DG  9  N2  ? ? C DC  28   D DG  45   1_555 ? ? ? ? ? ? WATSON-CRICK ?     ? ? 
hydrog44 hydrog ? ? C DT  5  N3 ? ? ? 1_555 D DA  8  N1  ? ? C DT  29   D DA  44   1_555 ? ? ? ? ? ? WATSON-CRICK ?     ? ? 
hydrog45 hydrog ? ? C DT  5  O4 ? ? ? 1_555 D DA  8  N6  ? ? C DT  29   D DA  44   1_555 ? ? ? ? ? ? WATSON-CRICK ?     ? ? 
hydrog46 hydrog ? ? C DG  6  N1 ? ? ? 1_555 D DC  7  N3  ? ? C DG  30   D DC  43   1_555 ? ? ? ? ? ? WATSON-CRICK ?     ? ? 
hydrog47 hydrog ? ? C DG  6  N2 ? ? ? 1_555 D DC  7  O2  ? ? C DG  30   D DC  43   1_555 ? ? ? ? ? ? WATSON-CRICK ?     ? ? 
hydrog48 hydrog ? ? C DG  6  O6 ? ? ? 1_555 D DC  7  N4  ? ? C DG  30   D DC  43   1_555 ? ? ? ? ? ? WATSON-CRICK ?     ? ? 
hydrog49 hydrog ? ? C DG  7  N1 ? ? ? 1_555 D DC  6  N3  ? ? C DG  31   D DC  42   1_555 ? ? ? ? ? ? WATSON-CRICK ?     ? ? 
hydrog50 hydrog ? ? C DG  7  N2 ? ? ? 1_555 D DC  6  O2  ? ? C DG  31   D DC  42   1_555 ? ? ? ? ? ? WATSON-CRICK ?     ? ? 
hydrog51 hydrog ? ? C DG  7  O6 ? ? ? 1_555 D DC  6  N4  ? ? C DG  31   D DC  42   1_555 ? ? ? ? ? ? WATSON-CRICK ?     ? ? 
hydrog52 hydrog ? ? C DT  8  N3 ? ? ? 1_555 D DA  5  N1  ? ? C DT  32   D DA  41   1_555 ? ? ? ? ? ? WATSON-CRICK ?     ? ? 
hydrog53 hydrog ? ? C DT  8  O4 ? ? ? 1_555 D DA  5  N6  ? ? C DT  32   D DA  41   1_555 ? ? ? ? ? ? WATSON-CRICK ?     ? ? 
hydrog54 hydrog ? ? C DC  9  N3 ? ? ? 1_555 D DG  4  N1  ? ? C DC  33   D DG  40   1_555 ? ? ? ? ? ? WATSON-CRICK ?     ? ? 
hydrog55 hydrog ? ? C DC  9  N4 ? ? ? 1_555 D DG  4  O6  ? ? C DC  33   D DG  40   1_555 ? ? ? ? ? ? WATSON-CRICK ?     ? ? 
hydrog56 hydrog ? ? C DC  9  O2 ? ? ? 1_555 D DG  4  N2  ? ? C DC  33   D DG  40   1_555 ? ? ? ? ? ? WATSON-CRICK ?     ? ? 
hydrog57 hydrog ? ? C DT  10 N3 ? ? ? 1_555 D DA  3  N1  ? ? C DT  34   D DA  39   1_555 ? ? ? ? ? ? WATSON-CRICK ?     ? ? 
hydrog58 hydrog ? ? C DT  10 O4 ? ? ? 1_555 D DA  3  N6  ? ? C DT  34   D DA  39   1_555 ? ? ? ? ? ? WATSON-CRICK ?     ? ? 
hydrog59 hydrog ? ? C DC  11 N3 ? ? ? 1_555 D DG  2  N1  ? ? C DC  35   D DG  38   1_555 ? ? ? ? ? ? WATSON-CRICK ?     ? ? 
hydrog60 hydrog ? ? C DC  11 N4 ? ? ? 1_555 D DG  2  O6  ? ? C DC  35   D DG  38   1_555 ? ? ? ? ? ? WATSON-CRICK ?     ? ? 
hydrog61 hydrog ? ? C DC  11 O2 ? ? ? 1_555 D DG  2  N2  ? ? C DC  35   D DG  38   1_555 ? ? ? ? ? ? WATSON-CRICK ?     ? ? 
hydrog62 hydrog ? ? C DC  12 N3 ? ? ? 1_555 D DG  1  N1  ? ? C DC  36   D DG  37   1_555 ? ? ? ? ? ? WATSON-CRICK ?     ? ? 
hydrog63 hydrog ? ? C DC  12 N4 ? ? ? 1_555 D DG  1  O6  ? ? C DC  36   D DG  37   1_555 ? ? ? ? ? ? WATSON-CRICK ?     ? ? 
hydrog64 hydrog ? ? C DC  12 O2 ? ? ? 1_555 D DG  1  N2  ? ? C DC  36   D DG  37   1_555 ? ? ? ? ? ? WATSON-CRICK ?     ? ? 
# 
loop_
_struct_conn_type.id 
_struct_conn_type.criteria 
_struct_conn_type.reference 
metalc ? ? 
hydrog ? ? 
# 
loop_
_struct_site.id 
_struct_site.pdbx_evidence_code 
_struct_site.pdbx_auth_asym_id 
_struct_site.pdbx_auth_comp_id 
_struct_site.pdbx_auth_seq_id 
_struct_site.pdbx_auth_ins_code 
_struct_site.pdbx_num_residues 
_struct_site.details 
AC1 Software A CPT 49   ? 6 'BINDING SITE FOR RESIDUE CPT A 49'  
AC2 Software B MG  2002 ? 6 'BINDING SITE FOR RESIDUE MG B 2002' 
AC3 Software B MG  2004 ? 6 'BINDING SITE FOR RESIDUE MG B 2004' 
AC4 Software C CPT 50   ? 6 'BINDING SITE FOR RESIDUE CPT C 50'  
AC5 Software D MG  2001 ? 6 'BINDING SITE FOR RESIDUE MG D 2001' 
AC6 Software D MG  2003 ? 6 'BINDING SITE FOR RESIDUE MG D 2003' 
1   ?        ? ?   ?    ? ? ?                                    
# 
loop_
_struct_site_gen.id 
_struct_site_gen.site_id 
_struct_site_gen.pdbx_num_res 
_struct_site_gen.label_comp_id 
_struct_site_gen.label_asym_id 
_struct_site_gen.label_seq_id 
_struct_site_gen.pdbx_auth_ins_code 
_struct_site_gen.auth_comp_id 
_struct_site_gen.auth_asym_id 
_struct_site_gen.auth_seq_id 
_struct_site_gen.label_atom_id 
_struct_site_gen.label_alt_id 
_struct_site_gen.symmetry 
_struct_site_gen.details 
1  AC1 6 DT  A 5 ? DT  A 5    . ? 1_555 ? 
2  AC1 6 DG  A 6 ? DG  A 6    . ? 1_555 ? 
3  AC1 6 DG  A 7 ? DG  A 7    . ? 1_555 ? 
4  AC1 6 HOH K . ? HOH A 1053 . ? 1_555 ? 
5  AC1 6 HOH K . ? HOH A 1074 . ? 1_555 ? 
6  AC1 6 HOH K . ? HOH A 1076 . ? 1_555 ? 
7  AC2 6 HOH L . ? HOH B 1054 . ? 1_555 ? 
8  AC2 6 HOH L . ? HOH B 1055 . ? 1_555 ? 
9  AC2 6 HOH L . ? HOH B 1056 . ? 1_555 ? 
10 AC2 6 HOH L . ? HOH B 1057 . ? 1_555 ? 
11 AC2 6 HOH L . ? HOH B 1058 . ? 1_555 ? 
12 AC2 6 HOH L . ? HOH B 1059 . ? 1_555 ? 
13 AC3 6 HOH L . ? HOH B 1143 . ? 1_555 ? 
14 AC3 6 HOH L . ? HOH B 1144 . ? 1_555 ? 
15 AC3 6 HOH L . ? HOH B 1145 . ? 1_555 ? 
16 AC3 6 HOH L . ? HOH B 1146 . ? 1_555 ? 
17 AC3 6 HOH L . ? HOH B 1147 . ? 1_555 ? 
18 AC3 6 HOH L . ? HOH B 1148 . ? 1_555 ? 
19 AC4 6 DT  C 5 ? DT  C 29   . ? 1_555 ? 
20 AC4 6 DG  C 6 ? DG  C 30   . ? 1_555 ? 
21 AC4 6 DG  C 7 ? DG  C 31   . ? 1_555 ? 
22 AC4 6 HOH M . ? HOH C 1020 . ? 1_555 ? 
23 AC4 6 HOH M . ? HOH C 1073 . ? 1_555 ? 
24 AC4 6 HOH M . ? HOH C 1121 . ? 1_555 ? 
25 AC5 6 HOH N . ? HOH D 1060 . ? 1_555 ? 
26 AC5 6 HOH N . ? HOH D 1061 . ? 1_555 ? 
27 AC5 6 HOH N . ? HOH D 1062 . ? 1_555 ? 
28 AC5 6 HOH N . ? HOH D 1063 . ? 1_555 ? 
29 AC5 6 HOH N . ? HOH D 1064 . ? 1_555 ? 
30 AC5 6 HOH N . ? HOH D 1065 . ? 1_555 ? 
31 AC6 6 HOH N . ? HOH D 1137 . ? 1_555 ? 
32 AC6 6 HOH N . ? HOH D 1138 . ? 1_555 ? 
33 AC6 6 HOH N . ? HOH D 1139 . ? 1_555 ? 
34 AC6 6 HOH N . ? HOH D 1140 . ? 1_555 ? 
35 AC6 6 HOH N . ? HOH D 1141 . ? 1_555 ? 
36 AC6 6 HOH N . ? HOH D 1142 . ? 1_555 ? 
# 
_atom_sites.entry_id                    3LPV 
_atom_sites.fract_transf_matrix[1][1]   -0.02964971 
_atom_sites.fract_transf_matrix[1][2]   0.00490483 
_atom_sites.fract_transf_matrix[1][3]   -0.01206226 
_atom_sites.fract_transf_matrix[2][1]   -0.00177934 
_atom_sites.fract_transf_matrix[2][2]   0.01874114 
_atom_sites.fract_transf_matrix[2][3]   0.02192218 
_atom_sites.fract_transf_matrix[3][1]   0.01032427 
_atom_sites.fract_transf_matrix[3][2]   0.01314267 
_atom_sites.fract_transf_matrix[3][3]   -0.01516855 
_atom_sites.fract_transf_vector[1]      0.431679 
_atom_sites.fract_transf_vector[2]      -0.436487 
_atom_sites.fract_transf_vector[3]      -0.474756 
# 
loop_
_atom_type.symbol 
C  
MG 
N  
O  
P  
PT 
# 
loop_
_atom_site.group_PDB 
_atom_site.id 
_atom_site.type_symbol 
_atom_site.label_atom_id 
_atom_site.label_alt_id 
_atom_site.label_comp_id 
_atom_site.label_asym_id 
_atom_site.label_entity_id 
_atom_site.label_seq_id 
_atom_site.pdbx_PDB_ins_code 
_atom_site.Cartn_x 
_atom_site.Cartn_y 
_atom_site.Cartn_z 
_atom_site.occupancy 
_atom_site.B_iso_or_equiv 
_atom_site.pdbx_formal_charge 
_atom_site.auth_seq_id 
_atom_site.auth_comp_id 
_atom_site.auth_asym_id 
_atom_site.auth_atom_id 
_atom_site.pdbx_PDB_model_num 
ATOM   1    O  "O5'" . DC  A 1 1  ? 17.850  -12.092 5.304   1.00 39.28 ? 1    DC  A "O5'" 1 
ATOM   2    C  "C5'" . DC  A 1 1  ? 18.004  -12.036 6.727   1.00 37.49 ? 1    DC  A "C5'" 1 
ATOM   3    C  "C4'" . DC  A 1 1  ? 17.923  -10.576 7.159   1.00 33.37 ? 1    DC  A "C4'" 1 
ATOM   4    O  "O4'" . DC  A 1 1  ? 18.949  -9.835  6.460   1.00 32.49 ? 1    DC  A "O4'" 1 
ATOM   5    C  "C3'" . DC  A 1 1  ? 16.641  -9.843  6.787   1.00 31.75 ? 1    DC  A "C3'" 1 
ATOM   6    O  "O3'" . DC  A 1 1  ? 15.639  -10.155 7.779   1.00 34.17 ? 1    DC  A "O3'" 1 
ATOM   7    C  "C2'" . DC  A 1 1  ? 17.134  -8.394  6.885   1.00 29.62 ? 1    DC  A "C2'" 1 
ATOM   8    C  "C1'" . DC  A 1 1  ? 18.499  -8.504  6.191   1.00 30.09 ? 1    DC  A "C1'" 1 
ATOM   9    N  N1    . DC  A 1 1  ? 18.441  -8.290  4.698   1.00 28.31 ? 1    DC  A N1    1 
ATOM   10   C  C2    . DC  A 1 1  ? 18.197  -6.977  4.262   1.00 28.17 ? 1    DC  A C2    1 
ATOM   11   O  O2    . DC  A 1 1  ? 18.056  -6.127  5.156   1.00 26.30 ? 1    DC  A O2    1 
ATOM   12   N  N3    . DC  A 1 1  ? 18.125  -6.695  2.928   1.00 29.23 ? 1    DC  A N3    1 
ATOM   13   C  C4    . DC  A 1 1  ? 18.269  -7.683  2.020   1.00 30.66 ? 1    DC  A C4    1 
ATOM   14   N  N4    . DC  A 1 1  ? 18.171  -7.382  0.706   1.00 30.29 ? 1    DC  A N4    1 
ATOM   15   C  C5    . DC  A 1 1  ? 18.533  -9.034  2.450   1.00 31.64 ? 1    DC  A C5    1 
ATOM   16   C  C6    . DC  A 1 1  ? 18.601  -9.294  3.773   1.00 28.06 ? 1    DC  A C6    1 
ATOM   17   P  P     . DC  A 1 2  ? 14.087  -9.961  7.424   1.00 35.00 ? 2    DC  A P     1 
ATOM   18   O  OP1   . DC  A 1 2  ? 13.266  -10.462 8.541   1.00 35.82 ? 2    DC  A OP1   1 
ATOM   19   O  OP2   . DC  A 1 2  ? 13.887  -10.426 6.040   1.00 33.87 ? 2    DC  A OP2   1 
ATOM   20   O  "O5'" . DC  A 1 2  ? 13.914  -8.365  7.434   1.00 32.39 ? 2    DC  A "O5'" 1 
ATOM   21   C  "C5'" . DC  A 1 2  ? 14.083  -7.626  8.644   1.00 30.85 ? 2    DC  A "C5'" 1 
ATOM   22   C  "C4'" . DC  A 1 2  ? 13.844  -6.136  8.438   1.00 30.07 ? 2    DC  A "C4'" 1 
ATOM   23   O  "O4'" . DC  A 1 2  ? 14.863  -5.576  7.552   1.00 29.65 ? 2    DC  A "O4'" 1 
ATOM   24   C  "C3'" . DC  A 1 2  ? 12.526  -5.730  7.781   1.00 31.83 ? 2    DC  A "C3'" 1 
ATOM   25   O  "O3'" . DC  A 1 2  ? 11.538  -5.652  8.795   1.00 34.52 ? 2    DC  A "O3'" 1 
ATOM   26   C  "C2'" . DC  A 1 2  ? 12.877  -4.335  7.257   1.00 31.44 ? 2    DC  A "C2'" 1 
ATOM   27   C  "C1'" . DC  A 1 2  ? 14.268  -4.621  6.687   1.00 31.46 ? 2    DC  A "C1'" 1 
ATOM   28   N  N1    . DC  A 1 2  ? 14.335  -5.109  5.283   1.00 29.81 ? 2    DC  A N1    1 
ATOM   29   C  C2    . DC  A 1 2  ? 14.048  -4.187  4.266   1.00 29.30 ? 2    DC  A C2    1 
ATOM   30   O  O2    . DC  A 1 2  ? 13.764  -3.016  4.611   1.00 30.53 ? 2    DC  A O2    1 
ATOM   31   N  N3    . DC  A 1 2  ? 14.110  -4.590  2.966   1.00 27.21 ? 2    DC  A N3    1 
ATOM   32   C  C4    . DC  A 1 2  ? 14.425  -5.860  2.685   1.00 26.43 ? 2    DC  A C4    1 
ATOM   33   N  N4    . DC  A 1 2  ? 14.492  -6.225  1.395   1.00 27.21 ? 2    DC  A N4    1 
ATOM   34   C  C5    . DC  A 1 2  ? 14.700  -6.828  3.713   1.00 28.74 ? 2    DC  A C5    1 
ATOM   35   C  C6    . DC  A 1 2  ? 14.631  -6.427  4.993   1.00 28.36 ? 2    DC  A C6    1 
ATOM   36   P  P     . DT  A 1 3  ? 9.986   -5.915  8.435   1.00 37.41 ? 3    DT  A P     1 
ATOM   37   O  OP1   . DT  A 1 3  ? 9.256   -5.774  9.724   1.00 37.70 ? 3    DT  A OP1   1 
ATOM   38   O  OP2   . DT  A 1 3  ? 9.850   -7.071  7.513   1.00 36.26 ? 3    DT  A OP2   1 
ATOM   39   O  "O5'" . DT  A 1 3  ? 9.673   -4.639  7.524   1.00 32.77 ? 3    DT  A "O5'" 1 
ATOM   40   C  "C5'" . DT  A 1 3  ? 9.605   -3.330  8.113   1.00 33.27 ? 3    DT  A "C5'" 1 
ATOM   41   C  "C4'" . DT  A 1 3  ? 9.344   -2.319  7.028   1.00 32.11 ? 3    DT  A "C4'" 1 
ATOM   42   O  "O4'" . DT  A 1 3  ? 10.418  -2.301  6.045   1.00 32.13 ? 3    DT  A "O4'" 1 
ATOM   43   C  "C3'" . DT  A 1 3  ? 8.102   -2.577  6.185   1.00 31.36 ? 3    DT  A "C3'" 1 
ATOM   44   O  "O3'" . DT  A 1 3  ? 6.975   -2.105  6.876   1.00 32.20 ? 3    DT  A "O3'" 1 
ATOM   45   C  "C2'" . DT  A 1 3  ? 8.380   -1.698  4.974   1.00 31.14 ? 3    DT  A "C2'" 1 
ATOM   46   C  "C1'" . DT  A 1 3  ? 9.866   -1.975  4.785   1.00 31.01 ? 3    DT  A "C1'" 1 
ATOM   47   N  N1    . DT  A 1 3  ? 10.152  -3.103  3.869   1.00 31.87 ? 3    DT  A N1    1 
ATOM   48   C  C2    . DT  A 1 3  ? 10.100  -2.851  2.523   1.00 31.52 ? 3    DT  A C2    1 
ATOM   49   O  O2    . DT  A 1 3  ? 9.830   -1.768  2.063   1.00 31.74 ? 3    DT  A O2    1 
ATOM   50   N  N3    . DT  A 1 3  ? 10.415  -3.907  1.711   1.00 33.38 ? 3    DT  A N3    1 
ATOM   51   C  C4    . DT  A 1 3  ? 10.716  -5.180  2.144   1.00 35.06 ? 3    DT  A C4    1 
ATOM   52   O  O4    . DT  A 1 3  ? 10.973  -6.056  1.324   1.00 36.66 ? 3    DT  A O4    1 
ATOM   53   C  C5    . DT  A 1 3  ? 10.747  -5.378  3.575   1.00 33.85 ? 3    DT  A C5    1 
ATOM   54   C  C7    . DT  A 1 3  ? 11.061  -6.715  4.168   1.00 33.56 ? 3    DT  A C7    1 
ATOM   55   C  C6    . DT  A 1 3  ? 10.461  -4.347  4.376   1.00 31.88 ? 3    DT  A C6    1 
ATOM   56   P  P     . DC  A 1 4  ? 5.566   -2.816  6.606   1.00 34.39 ? 4    DC  A P     1 
ATOM   57   O  OP1   . DC  A 1 4  ? 4.647   -2.182  7.558   1.00 36.48 ? 4    DC  A OP1   1 
ATOM   58   O  OP2   . DC  A 1 4  ? 5.694   -4.308  6.555   1.00 32.58 ? 4    DC  A OP2   1 
ATOM   59   O  "O5'" . DC  A 1 4  ? 5.229   -2.358  5.130   1.00 32.98 ? 4    DC  A "O5'" 1 
ATOM   60   C  "C5'" . DC  A 1 4  ? 4.803   -1.011  4.865   1.00 32.14 ? 4    DC  A "C5'" 1 
ATOM   61   C  "C4'" . DC  A 1 4  ? 4.690   -0.773  3.380   1.00 33.67 ? 4    DC  A "C4'" 1 
ATOM   62   O  "O4'" . DC  A 1 4  ? 5.950   -1.043  2.734   1.00 32.98 ? 4    DC  A "O4'" 1 
ATOM   63   C  "C3'" . DC  A 1 4  ? 3.720   -1.682  2.633   1.00 29.74 ? 4    DC  A "C3'" 1 
ATOM   64   O  "O3'" . DC  A 1 4  ? 2.432   -1.156  2.785   1.00 30.70 ? 4    DC  A "O3'" 1 
ATOM   65   C  "C2'" . DC  A 1 4  ? 4.158   -1.433  1.201   1.00 31.55 ? 4    DC  A "C2'" 1 
ATOM   66   C  "C1'" . DC  A 1 4  ? 5.684   -1.442  1.395   1.00 31.19 ? 4    DC  A "C1'" 1 
ATOM   67   N  N1    . DC  A 1 4  ? 6.287   -2.818  1.197   1.00 27.23 ? 4    DC  A N1    1 
ATOM   68   C  C2    . DC  A 1 4  ? 6.460   -3.275  -0.102  1.00 29.92 ? 4    DC  A C2    1 
ATOM   69   O  O2    . DC  A 1 4  ? 6.118   -2.562  -1.064  1.00 31.00 ? 4    DC  A O2    1 
ATOM   70   N  N3    . DC  A 1 4  ? 7.007   -4.501  -0.289  1.00 28.79 ? 4    DC  A N3    1 
ATOM   71   C  C4    . DC  A 1 4  ? 7.379   -5.237  0.738   1.00 29.96 ? 4    DC  A C4    1 
ATOM   72   N  N4    . DC  A 1 4  ? 7.927   -6.419  0.419   1.00 28.29 ? 4    DC  A N4    1 
ATOM   73   C  C5    . DC  A 1 4  ? 7.216   -4.798  2.098   1.00 31.08 ? 4    DC  A C5    1 
ATOM   74   C  C6    . DC  A 1 4  ? 6.667   -3.577  2.280   1.00 29.45 ? 4    DC  A C6    1 
ATOM   75   P  P     . DT  A 1 5  ? 1.160   -2.095  2.609   1.00 31.71 ? 5    DT  A P     1 
ATOM   76   O  OP1   . DT  A 1 5  ? -0.017  -1.267  2.944   1.00 30.78 ? 5    DT  A OP1   1 
ATOM   77   O  OP2   . DT  A 1 5  ? 1.420   -3.434  3.195   1.00 28.06 ? 5    DT  A OP2   1 
ATOM   78   O  "O5'" . DT  A 1 5  ? 1.163   -2.335  1.027   1.00 27.48 ? 5    DT  A "O5'" 1 
ATOM   79   C  "C5'" . DT  A 1 5  ? 0.807   -1.287  0.095   1.00 27.43 ? 5    DT  A "C5'" 1 
ATOM   80   C  "C4'" . DT  A 1 5  ? 0.887   -1.812  -1.331  1.00 28.81 ? 5    DT  A "C4'" 1 
ATOM   81   O  "O4'" . DT  A 1 5  ? 2.257   -2.173  -1.605  1.00 29.80 ? 5    DT  A "O4'" 1 
ATOM   82   C  "C3'" . DT  A 1 5  ? 0.158   -3.110  -1.618  1.00 26.69 ? 5    DT  A "C3'" 1 
ATOM   83   O  "O3'" . DT  A 1 5  ? -1.229  -2.807  -1.769  1.00 28.36 ? 5    DT  A "O3'" 1 
ATOM   84   C  "C2'" . DT  A 1 5  ? 0.810   -3.476  -2.954  1.00 24.71 ? 5    DT  A "C2'" 1 
ATOM   85   C  "C1'" . DT  A 1 5  ? 2.249   -3.152  -2.638  1.00 26.38 ? 5    DT  A "C1'" 1 
ATOM   86   N  N1    . DT  A 1 5  ? 2.939   -4.333  -2.075  1.00 25.18 ? 5    DT  A N1    1 
ATOM   87   C  C2    . DT  A 1 5  ? 3.412   -5.254  -2.996  1.00 25.34 ? 5    DT  A C2    1 
ATOM   88   O  O2    . DT  A 1 5  ? 3.294   -5.135  -4.208  1.00 28.36 ? 5    DT  A O2    1 
ATOM   89   N  N3    . DT  A 1 5  ? 4.071   -6.318  -2.455  1.00 25.05 ? 5    DT  A N3    1 
ATOM   90   C  C4    . DT  A 1 5  ? 4.215   -6.578  -1.105  1.00 27.86 ? 5    DT  A C4    1 
ATOM   91   O  O4    . DT  A 1 5  ? 4.842   -7.583  -0.737  1.00 29.33 ? 5    DT  A O4    1 
ATOM   92   C  C5    . DT  A 1 5  ? 3.672   -5.609  -0.180  1.00 27.21 ? 5    DT  A C5    1 
ATOM   93   C  C7    . DT  A 1 5  ? 3.819   -5.826  1.303   1.00 28.22 ? 5    DT  A C7    1 
ATOM   94   C  C6    . DT  A 1 5  ? 3.046   -4.530  -0.692  1.00 25.76 ? 5    DT  A C6    1 
ATOM   95   P  P     . DG  A 1 6  ? -2.354  -3.912  -1.921  1.00 29.92 ? 6    DG  A P     1 
ATOM   96   O  OP1   . DG  A 1 6  ? -3.651  -3.219  -1.760  1.00 31.05 ? 6    DG  A OP1   1 
ATOM   97   O  OP2   . DG  A 1 6  ? -2.008  -5.076  -1.080  1.00 29.43 ? 6    DG  A OP2   1 
ATOM   98   O  "O5'" . DG  A 1 6  ? -2.177  -4.437  -3.415  1.00 28.08 ? 6    DG  A "O5'" 1 
ATOM   99   C  "C5'" . DG  A 1 6  ? -2.364  -3.634  -4.580  1.00 27.58 ? 6    DG  A "C5'" 1 
ATOM   100  C  "C4'" . DG  A 1 6  ? -2.152  -4.561  -5.794  1.00 29.42 ? 6    DG  A "C4'" 1 
ATOM   101  O  "O4'" . DG  A 1 6  ? -0.784  -5.006  -5.760  1.00 28.26 ? 6    DG  A "O4'" 1 
ATOM   102  C  "C3'" . DG  A 1 6  ? -2.893  -5.875  -5.695  1.00 28.42 ? 6    DG  A "C3'" 1 
ATOM   103  O  "O3'" . DG  A 1 6  ? -4.212  -5.767  -6.228  1.00 31.33 ? 6    DG  A "O3'" 1 
ATOM   104  C  "C2'" . DG  A 1 6  ? -2.055  -6.834  -6.536  1.00 27.88 ? 6    DG  A "C2'" 1 
ATOM   105  C  "C1'" . DG  A 1 6  ? -0.645  -6.358  -6.212  1.00 26.77 ? 6    DG  A "C1'" 1 
ATOM   106  N  N9    . DG  A 1 6  ? 0.005   -7.120  -5.141  1.00 27.64 ? 6    DG  A N9    1 
ATOM   107  C  C8    . DG  A 1 6  ? -0.136  -6.919  -3.794  1.00 23.51 ? 6    DG  A C8    1 
ATOM   108  N  N7    . DG  A 1 6  ? 0.546   -7.790  -3.068  1.00 24.92 ? 6    DG  A N7    1 
ATOM   109  C  C5    . DG  A 1 6  ? 1.185   -8.585  -3.993  1.00 24.74 ? 6    DG  A C5    1 
ATOM   110  C  C6    . DG  A 1 6  ? 2.068   -9.675  -3.793  1.00 27.42 ? 6    DG  A C6    1 
ATOM   111  O  O6    . DG  A 1 6  ? 2.486   -10.070 -2.694  1.00 24.33 ? 6    DG  A O6    1 
ATOM   112  N  N1    . DG  A 1 6  ? 2.463   -10.275 -5.001  1.00 25.40 ? 6    DG  A N1    1 
ATOM   113  C  C2    . DG  A 1 6  ? 2.064   -9.807  -6.259  1.00 28.33 ? 6    DG  A C2    1 
ATOM   114  N  N2    . DG  A 1 6  ? 2.485   -10.447 -7.384  1.00 27.75 ? 6    DG  A N2    1 
ATOM   115  N  N3    . DG  A 1 6  ? 1.260   -8.771  -6.429  1.00 25.76 ? 6    DG  A N3    1 
ATOM   116  C  C4    . DG  A 1 6  ? 0.841   -8.224  -5.269  1.00 26.59 ? 6    DG  A C4    1 
ATOM   117  P  P     . DG  A 1 7  ? -5.358  -6.647  -5.575  1.00 33.70 ? 7    DG  A P     1 
ATOM   118  O  OP1   . DG  A 1 7  ? -6.562  -6.275  -6.378  1.00 36.11 ? 7    DG  A OP1   1 
ATOM   119  O  OP2   . DG  A 1 7  ? -5.442  -6.540  -4.104  1.00 32.84 ? 7    DG  A OP2   1 
ATOM   120  O  "O5'" . DG  A 1 7  ? -4.959  -8.132  -6.057  1.00 33.07 ? 7    DG  A "O5'" 1 
ATOM   121  C  "C5'" . DG  A 1 7  ? -5.150  -9.277  -5.276  1.00 32.91 ? 7    DG  A "C5'" 1 
ATOM   122  C  "C4'" . DG  A 1 7  ? -4.408  -10.457 -5.901  1.00 28.82 ? 7    DG  A "C4'" 1 
ATOM   123  O  "O4'" . DG  A 1 7  ? -2.994  -10.218 -5.832  1.00 28.16 ? 7    DG  A "O4'" 1 
ATOM   124  C  "C3'" . DG  A 1 7  ? -4.611  -11.734 -5.117  1.00 29.43 ? 7    DG  A "C3'" 1 
ATOM   125  O  "O3'" . DG  A 1 7  ? -5.846  -12.358 -5.571  1.00 33.09 ? 7    DG  A "O3'" 1 
ATOM   126  C  "C2'" . DG  A 1 7  ? -3.360  -12.537 -5.412  1.00 27.08 ? 7    DG  A "C2'" 1 
ATOM   127  C  "C1'" . DG  A 1 7  ? -2.298  -11.405 -5.519  1.00 27.49 ? 7    DG  A "C1'" 1 
ATOM   128  N  N9    . DG  A 1 7  ? -1.587  -11.214 -4.260  1.00 28.96 ? 7    DG  A N9    1 
ATOM   129  C  C8    . DG  A 1 7  ? -1.666  -10.127 -3.395  1.00 27.77 ? 7    DG  A C8    1 
ATOM   130  N  N7    . DG  A 1 7  ? -0.891  -10.303 -2.369  1.00 28.68 ? 7    DG  A N7    1 
ATOM   131  C  C5    . DG  A 1 7  ? -0.271  -11.529 -2.524  1.00 27.77 ? 7    DG  A C5    1 
ATOM   132  C  C6    . DG  A 1 7  ? 0.698   -12.212 -1.727  1.00 30.22 ? 7    DG  A C6    1 
ATOM   133  O  O6    . DG  A 1 7  ? 1.194   -11.862 -0.646  1.00 30.39 ? 7    DG  A O6    1 
ATOM   134  N  N1    . DG  A 1 7  ? 1.086   -13.432 -2.276  1.00 28.37 ? 7    DG  A N1    1 
ATOM   135  C  C2    . DG  A 1 7  ? 0.609   -13.909 -3.488  1.00 29.82 ? 7    DG  A C2    1 
ATOM   136  N  N2    . DG  A 1 7  ? 1.069   -15.081 -3.924  1.00 27.24 ? 7    DG  A N2    1 
ATOM   137  N  N3    . DG  A 1 7  ? -0.284  -13.278 -4.237  1.00 28.19 ? 7    DG  A N3    1 
ATOM   138  C  C4    . DG  A 1 7  ? -0.678  -12.095 -3.699  1.00 27.77 ? 7    DG  A C4    1 
ATOM   139  P  P     . DT  A 1 8  ? -6.747  -13.224 -4.572  1.00 35.02 ? 8    DT  A P     1 
ATOM   140  O  OP1   . DT  A 1 8  ? -8.014  -13.439 -5.331  1.00 33.57 ? 8    DT  A OP1   1 
ATOM   141  O  OP2   . DT  A 1 8  ? -6.785  -12.638 -3.221  1.00 33.16 ? 8    DT  A OP2   1 
ATOM   142  O  "O5'" . DT  A 1 8  ? -6.005  -14.611 -4.440  1.00 32.84 ? 8    DT  A "O5'" 1 
ATOM   143  C  "C5'" . DT  A 1 8  ? -5.767  -15.500 -5.565  1.00 34.08 ? 8    DT  A "C5'" 1 
ATOM   144  C  "C4'" . DT  A 1 8  ? -4.770  -16.571 -5.154  1.00 33.94 ? 8    DT  A "C4'" 1 
ATOM   145  O  "O4'" . DT  A 1 8  ? -3.460  -16.005 -4.865  1.00 33.99 ? 8    DT  A "O4'" 1 
ATOM   146  C  "C3'" . DT  A 1 8  ? -5.106  -17.370 -3.902  1.00 35.72 ? 8    DT  A "C3'" 1 
ATOM   147  O  "O3'" . DT  A 1 8  ? -5.933  -18.470 -4.249  1.00 36.81 ? 8    DT  A "O3'" 1 
ATOM   148  C  "C2'" . DT  A 1 8  ? -3.758  -17.931 -3.536  1.00 33.02 ? 8    DT  A "C2'" 1 
ATOM   149  C  "C1'" . DT  A 1 8  ? -2.834  -16.760 -3.882  1.00 33.44 ? 8    DT  A "C1'" 1 
ATOM   150  N  N1    . DT  A 1 8  ? -2.520  -15.838 -2.708  1.00 32.96 ? 8    DT  A N1    1 
ATOM   151  C  C2    . DT  A 1 8  ? -1.514  -16.246 -1.868  1.00 32.29 ? 8    DT  A C2    1 
ATOM   152  O  O2    . DT  A 1 8  ? -0.905  -17.301 -2.028  1.00 32.18 ? 8    DT  A O2    1 
ATOM   153  N  N3    . DT  A 1 8  ? -1.248  -15.377 -0.827  1.00 32.59 ? 8    DT  A N3    1 
ATOM   154  C  C4    . DT  A 1 8  ? -1.883  -14.180 -0.563  1.00 30.98 ? 8    DT  A C4    1 
ATOM   155  O  O4    . DT  A 1 8  ? -1.570  -13.460 0.383   1.00 31.20 ? 8    DT  A O4    1 
ATOM   156  C  C5    . DT  A 1 8  ? -2.956  -13.822 -1.457  1.00 31.44 ? 8    DT  A C5    1 
ATOM   157  C  C7    . DT  A 1 8  ? -3.672  -12.530 -1.223  1.00 32.70 ? 8    DT  A C7    1 
ATOM   158  C  C6    . DT  A 1 8  ? -3.223  -14.651 -2.500  1.00 31.02 ? 8    DT  A C6    1 
ATOM   159  P  P     . DC  A 1 9  ? -6.907  -19.075 -3.133  1.00 39.16 ? 9    DC  A P     1 
ATOM   160  O  OP1   . DC  A 1 9  ? -7.851  -19.921 -3.927  1.00 37.57 ? 9    DC  A OP1   1 
ATOM   161  O  OP2   . DC  A 1 9  ? -7.441  -18.002 -2.246  1.00 36.43 ? 9    DC  A OP2   1 
ATOM   162  O  "O5'" . DC  A 1 9  ? -5.875  -19.925 -2.260  1.00 36.56 ? 9    DC  A "O5'" 1 
ATOM   163  C  "C5'" . DC  A 1 9  ? -5.193  -21.090 -2.731  1.00 39.50 ? 9    DC  A "C5'" 1 
ATOM   164  C  "C4'" . DC  A 1 9  ? -4.086  -21.474 -1.779  1.00 40.66 ? 9    DC  A "C4'" 1 
ATOM   165  O  "O4'" . DC  A 1 9  ? -3.229  -20.335 -1.564  1.00 41.09 ? 9    DC  A "O4'" 1 
ATOM   166  C  "C3'" . DC  A 1 9  ? -4.563  -21.797 -0.366  1.00 42.02 ? 9    DC  A "C3'" 1 
ATOM   167  O  "O3'" . DC  A 1 9  ? -4.932  -23.157 -0.317  1.00 43.56 ? 9    DC  A "O3'" 1 
ATOM   168  C  "C2'" . DC  A 1 9  ? -3.329  -21.534 0.483   1.00 40.57 ? 9    DC  A "C2'" 1 
ATOM   169  C  "C1'" . DC  A 1 9  ? -2.763  -20.305 -0.225  1.00 39.77 ? 9    DC  A "C1'" 1 
ATOM   170  N  N1    . DC  A 1 9  ? -3.117  -18.964 0.368   1.00 35.80 ? 9    DC  A N1    1 
ATOM   171  C  C2    . DC  A 1 9  ? -2.336  -18.476 1.424   1.00 34.95 ? 9    DC  A C2    1 
ATOM   172  O  O2    . DC  A 1 9  ? -1.411  -19.149 1.856   1.00 35.26 ? 9    DC  A O2    1 
ATOM   173  N  N3    . DC  A 1 9  ? -2.603  -17.270 1.955   1.00 33.75 ? 9    DC  A N3    1 
ATOM   174  C  C4    . DC  A 1 9  ? -3.602  -16.545 1.481   1.00 34.74 ? 9    DC  A C4    1 
ATOM   175  N  N4    . DC  A 1 9  ? -3.794  -15.350 2.055   1.00 34.02 ? 9    DC  A N4    1 
ATOM   176  C  C5    . DC  A 1 9  ? -4.430  -16.995 0.401   1.00 34.61 ? 9    DC  A C5    1 
ATOM   177  C  C6    . DC  A 1 9  ? -4.154  -18.208 -0.114  1.00 35.83 ? 9    DC  A C6    1 
ATOM   178  P  P     . DT  A 1 10 ? -5.856  -23.720 0.881   1.00 44.35 ? 10   DT  A P     1 
ATOM   179  O  OP1   . DT  A 1 10 ? -6.125  -25.118 0.455   1.00 45.55 ? 10   DT  A OP1   1 
ATOM   180  O  OP2   . DT  A 1 10 ? -6.975  -22.783 1.154   1.00 41.95 ? 10   DT  A OP2   1 
ATOM   181  O  "O5'" . DT  A 1 10 ? -4.872  -23.742 2.143   1.00 42.36 ? 10   DT  A "O5'" 1 
ATOM   182  C  "C5'" . DT  A 1 10 ? -3.639  -24.452 2.118   1.00 42.77 ? 10   DT  A "C5'" 1 
ATOM   183  C  "C4'" . DT  A 1 10 ? -2.880  -24.276 3.426   1.00 44.86 ? 10   DT  A "C4'" 1 
ATOM   184  O  "O4'" . DT  A 1 10 ? -2.545  -22.882 3.703   1.00 44.17 ? 10   DT  A "O4'" 1 
ATOM   185  C  "C3'" . DT  A 1 10 ? -3.632  -24.778 4.662   1.00 45.75 ? 10   DT  A "C3'" 1 
ATOM   186  O  "O3'" . DT  A 1 10 ? -2.702  -25.470 5.487   1.00 50.00 ? 10   DT  A "O3'" 1 
ATOM   187  C  "C2'" . DT  A 1 10 ? -4.156  -23.502 5.323   1.00 44.99 ? 10   DT  A "C2'" 1 
ATOM   188  C  "C1'" . DT  A 1 10 ? -3.119  -22.447 4.928   1.00 42.09 ? 10   DT  A "C1'" 1 
ATOM   189  N  N1    . DT  A 1 10 ? -3.700  -21.079 4.738   1.00 40.04 ? 10   DT  A N1    1 
ATOM   190  C  C2    . DT  A 1 10 ? -3.220  -20.030 5.493   1.00 39.55 ? 10   DT  A C2    1 
ATOM   191  O  O2    . DT  A 1 10 ? -2.335  -20.151 6.310   1.00 41.50 ? 10   DT  A O2    1 
ATOM   192  N  N3    . DT  A 1 10 ? -3.811  -18.811 5.243   1.00 37.16 ? 10   DT  A N3    1 
ATOM   193  C  C4    . DT  A 1 10 ? -4.824  -18.572 4.346   1.00 37.74 ? 10   DT  A C4    1 
ATOM   194  O  O4    . DT  A 1 10 ? -5.291  -17.454 4.204   1.00 40.77 ? 10   DT  A O4    1 
ATOM   195  C  C5    . DT  A 1 10 ? -5.297  -19.715 3.588   1.00 39.31 ? 10   DT  A C5    1 
ATOM   196  C  C7    . DT  A 1 10 ? -6.400  -19.564 2.579   1.00 38.52 ? 10   DT  A C7    1 
ATOM   197  C  C6    . DT  A 1 10 ? -4.725  -20.902 3.822   1.00 36.57 ? 10   DT  A C6    1 
ATOM   198  P  P     . DC  A 1 11 ? -3.175  -26.328 6.776   1.00 51.21 ? 11   DC  A P     1 
ATOM   199  O  OP1   . DC  A 1 11 ? -2.123  -27.369 6.987   1.00 52.10 ? 11   DC  A OP1   1 
ATOM   200  O  OP2   . DC  A 1 11 ? -4.601  -26.681 6.604   1.00 51.64 ? 11   DC  A OP2   1 
ATOM   201  O  "O5'" . DC  A 1 11 ? -3.059  -25.238 7.942   1.00 47.64 ? 11   DC  A "O5'" 1 
ATOM   202  C  "C5'" . DC  A 1 11 ? -1.783  -24.727 8.307   1.00 46.65 ? 11   DC  A "C5'" 1 
ATOM   203  C  "C4'" . DC  A 1 11 ? -1.929  -23.662 9.380   1.00 47.38 ? 11   DC  A "C4'" 1 
ATOM   204  O  "O4'" . DC  A 1 11 ? -2.554  -22.493 8.802   1.00 46.43 ? 11   DC  A "O4'" 1 
ATOM   205  C  "C3'" . DC  A 1 11 ? -2.808  -24.053 10.574  1.00 47.15 ? 11   DC  A "C3'" 1 
ATOM   206  O  "O3'" . DC  A 1 11 ? -2.073  -23.917 11.798  1.00 49.09 ? 11   DC  A "O3'" 1 
ATOM   207  C  "C2'" . DC  A 1 11 ? -4.003  -23.099 10.540  1.00 45.62 ? 11   DC  A "C2'" 1 
ATOM   208  C  "C1'" . DC  A 1 11 ? -3.407  -21.913 9.770   1.00 45.46 ? 11   DC  A "C1'" 1 
ATOM   209  N  N1    . DC  A 1 11 ? -4.382  -21.079 9.001   1.00 43.07 ? 11   DC  A N1    1 
ATOM   210  C  C2    . DC  A 1 11 ? -4.386  -19.678 9.135   1.00 44.05 ? 11   DC  A C2    1 
ATOM   211  O  O2    . DC  A 1 11 ? -3.591  -19.130 9.916   1.00 45.32 ? 11   DC  A O2    1 
ATOM   212  N  N3    . DC  A 1 11 ? -5.284  -18.958 8.399   1.00 42.50 ? 11   DC  A N3    1 
ATOM   213  C  C4    . DC  A 1 11 ? -6.131  -19.578 7.559   1.00 40.91 ? 11   DC  A C4    1 
ATOM   214  N  N4    . DC  A 1 11 ? -6.996  -18.833 6.862   1.00 40.60 ? 11   DC  A N4    1 
ATOM   215  C  C5    . DC  A 1 11 ? -6.146  -21.001 7.414   1.00 42.79 ? 11   DC  A C5    1 
ATOM   216  C  C6    . DC  A 1 11 ? -5.260  -21.699 8.141   1.00 42.41 ? 11   DC  A C6    1 
ATOM   217  P  P     . DC  A 1 12 ? -2.715  -24.504 13.166  1.00 49.38 ? 12   DC  A P     1 
ATOM   218  O  OP1   . DC  A 1 12 ? -1.549  -24.955 13.971  1.00 50.94 ? 12   DC  A OP1   1 
ATOM   219  O  OP2   . DC  A 1 12 ? -3.827  -25.428 12.843  1.00 46.91 ? 12   DC  A OP2   1 
ATOM   220  O  "O5'" . DC  A 1 12 ? -3.320  -23.192 13.871  1.00 48.26 ? 12   DC  A "O5'" 1 
ATOM   221  C  "C5'" . DC  A 1 12 ? -2.452  -22.141 14.331  1.00 47.60 ? 12   DC  A "C5'" 1 
ATOM   222  C  "C4'" . DC  A 1 12 ? -3.211  -20.870 14.691  1.00 46.99 ? 12   DC  A "C4'" 1 
ATOM   223  O  "O4'" . DC  A 1 12 ? -3.614  -20.198 13.480  1.00 46.11 ? 12   DC  A "O4'" 1 
ATOM   224  C  "C3'" . DC  A 1 12 ? -4.536  -21.068 15.423  1.00 47.01 ? 12   DC  A "C3'" 1 
ATOM   225  O  "O3'" . DC  A 1 12 ? -4.303  -21.264 16.812  1.00 47.71 ? 12   DC  A "O3'" 1 
ATOM   226  C  "C2'" . DC  A 1 12 ? -5.244  -19.740 15.169  1.00 44.76 ? 12   DC  A "C2'" 1 
ATOM   227  C  "C1'" . DC  A 1 12 ? -4.717  -19.365 13.783  1.00 45.68 ? 12   DC  A "C1'" 1 
ATOM   228  N  N1    . DC  A 1 12 ? -5.762  -19.499 12.713  1.00 44.36 ? 12   DC  A N1    1 
ATOM   229  C  C2    . DC  A 1 12 ? -6.398  -18.335 12.289  1.00 42.44 ? 12   DC  A C2    1 
ATOM   230  O  O2    . DC  A 1 12 ? -6.082  -17.251 12.795  1.00 42.29 ? 12   DC  A O2    1 
ATOM   231  N  N3    . DC  A 1 12 ? -7.348  -18.433 11.343  1.00 41.30 ? 12   DC  A N3    1 
ATOM   232  C  C4    . DC  A 1 12 ? -7.667  -19.611 10.823  1.00 40.90 ? 12   DC  A C4    1 
ATOM   233  N  N4    . DC  A 1 12 ? -8.609  -19.614 9.885   1.00 39.65 ? 12   DC  A N4    1 
ATOM   234  C  C5    . DC  A 1 12 ? -7.049  -20.832 11.247  1.00 42.92 ? 12   DC  A C5    1 
ATOM   235  C  C6    . DC  A 1 12 ? -6.107  -20.718 12.192  1.00 43.30 ? 12   DC  A C6    1 
ATOM   236  O  "O5'" . DG  B 2 1  ? -12.756 -9.937  7.585   1.00 58.42 ? 13   DG  B "O5'" 1 
ATOM   237  C  "C5'" . DG  B 2 1  ? -12.828 -9.761  8.991   1.00 55.13 ? 13   DG  B "C5'" 1 
ATOM   238  C  "C4'" . DG  B 2 1  ? -11.448 -9.510  9.593   1.00 53.20 ? 13   DG  B "C4'" 1 
ATOM   239  O  "O4'" . DG  B 2 1  ? -10.925 -10.770 10.069  1.00 50.70 ? 13   DG  B "O4'" 1 
ATOM   240  C  "C3'" . DG  B 2 1  ? -10.328 -8.921  8.723   1.00 53.29 ? 13   DG  B "C3'" 1 
ATOM   241  O  "O3'" . DG  B 2 1  ? -9.470  -8.171  9.599   1.00 54.14 ? 13   DG  B "O3'" 1 
ATOM   242  C  "C2'" . DG  B 2 1  ? -9.645  -10.164 8.152   1.00 51.99 ? 13   DG  B "C2'" 1 
ATOM   243  C  "C1'" . DG  B 2 1  ? -9.798  -11.143 9.323   1.00 49.61 ? 13   DG  B "C1'" 1 
ATOM   244  N  N9    . DG  B 2 1  ? -9.937  -12.537 8.931   1.00 45.90 ? 13   DG  B N9    1 
ATOM   245  C  C8    . DG  B 2 1  ? -10.631 -13.085 7.873   1.00 45.75 ? 13   DG  B C8    1 
ATOM   246  N  N7    . DG  B 2 1  ? -10.522 -14.395 7.798   1.00 45.08 ? 13   DG  B N7    1 
ATOM   247  C  C5    . DG  B 2 1  ? -9.712  -14.715 8.884   1.00 42.28 ? 13   DG  B C5    1 
ATOM   248  C  C6    . DG  B 2 1  ? -9.245  -15.973 9.331   1.00 42.60 ? 13   DG  B C6    1 
ATOM   249  O  O6    . DG  B 2 1  ? -9.472  -17.073 8.824   1.00 39.36 ? 13   DG  B O6    1 
ATOM   250  N  N1    . DG  B 2 1  ? -8.436  -15.870 10.465  1.00 40.24 ? 13   DG  B N1    1 
ATOM   251  C  C2    . DG  B 2 1  ? -8.118  -14.690 11.105  1.00 40.88 ? 13   DG  B C2    1 
ATOM   252  N  N2    . DG  B 2 1  ? -7.326  -14.791 12.183  1.00 37.75 ? 13   DG  B N2    1 
ATOM   253  N  N3    . DG  B 2 1  ? -8.549  -13.491 10.698  1.00 43.20 ? 13   DG  B N3    1 
ATOM   254  C  C4    . DG  B 2 1  ? -9.338  -13.588 9.588   1.00 44.25 ? 13   DG  B C4    1 
ATOM   255  P  P     . DG  B 2 2  ? -8.101  -7.436  9.145   1.00 56.01 ? 14   DG  B P     1 
ATOM   256  O  OP1   . DG  B 2 2  ? -8.071  -6.134  9.849   1.00 55.94 ? 14   DG  B OP1   1 
ATOM   257  O  OP2   . DG  B 2 2  ? -7.988  -7.553  7.660   1.00 55.87 ? 14   DG  B OP2   1 
ATOM   258  O  "O5'" . DG  B 2 2  ? -6.968  -8.363  9.795   1.00 53.29 ? 14   DG  B "O5'" 1 
ATOM   259  C  "C5'" . DG  B 2 2  ? -6.837  -8.483  11.209  1.00 53.19 ? 14   DG  B "C5'" 1 
ATOM   260  C  "C4'" . DG  B 2 2  ? -5.677  -9.414  11.509  1.00 52.66 ? 14   DG  B "C4'" 1 
ATOM   261  O  "O4'" . DG  B 2 2  ? -5.967  -10.766 11.064  1.00 51.98 ? 14   DG  B "O4'" 1 
ATOM   262  C  "C3'" . DG  B 2 2  ? -4.389  -9.020  10.789  1.00 53.36 ? 14   DG  B "C3'" 1 
ATOM   263  O  "O3'" . DG  B 2 2  ? -3.341  -9.128  11.733  1.00 55.37 ? 14   DG  B "O3'" 1 
ATOM   264  C  "C2'" . DG  B 2 2  ? -4.273  -9.993  9.602   1.00 51.78 ? 14   DG  B "C2'" 1 
ATOM   265  C  "C1'" . DG  B 2 2  ? -4.933  -11.235 10.201  1.00 51.52 ? 14   DG  B "C1'" 1 
ATOM   266  N  N9    . DG  B 2 2  ? -5.548  -12.175 9.258   1.00 47.74 ? 14   DG  B N9    1 
ATOM   267  C  C8    . DG  B 2 2  ? -6.405  -11.880 8.225   1.00 46.18 ? 14   DG  B C8    1 
ATOM   268  N  N7    . DG  B 2 2  ? -6.812  -12.935 7.574   1.00 46.41 ? 14   DG  B N7    1 
ATOM   269  C  C5    . DG  B 2 2  ? -6.196  -13.989 8.237   1.00 44.30 ? 14   DG  B C5    1 
ATOM   270  C  C6    . DG  B 2 2  ? -6.258  -15.377 7.982   1.00 43.22 ? 14   DG  B C6    1 
ATOM   271  O  O6    . DG  B 2 2  ? -6.899  -15.944 7.099   1.00 41.35 ? 14   DG  B O6    1 
ATOM   272  N  N1    . DG  B 2 2  ? -5.482  -16.120 8.869   1.00 43.23 ? 14   DG  B N1    1 
ATOM   273  C  C2    . DG  B 2 2  ? -4.726  -15.576 9.879   1.00 45.16 ? 14   DG  B C2    1 
ATOM   274  N  N2    . DG  B 2 2  ? -4.038  -16.432 10.647  1.00 44.35 ? 14   DG  B N2    1 
ATOM   275  N  N3    . DG  B 2 2  ? -4.658  -14.272 10.132  1.00 45.61 ? 14   DG  B N3    1 
ATOM   276  C  C4    . DG  B 2 2  ? -5.413  -13.542 9.268   1.00 45.18 ? 14   DG  B C4    1 
ATOM   277  P  P     . DA  B 2 3  ? -1.822  -8.766  11.361  1.00 57.43 ? 15   DA  B P     1 
ATOM   278  O  OP1   . DA  B 2 3  ? -1.193  -8.164  12.564  1.00 56.90 ? 15   DA  B OP1   1 
ATOM   279  O  OP2   . DA  B 2 3  ? -1.766  -8.086  10.038  1.00 56.92 ? 15   DA  B OP2   1 
ATOM   280  O  "O5'" . DA  B 2 3  ? -1.227  -10.222 11.200  1.00 55.38 ? 15   DA  B "O5'" 1 
ATOM   281  C  "C5'" . DA  B 2 3  ? -0.999  -10.995 12.364  1.00 54.95 ? 15   DA  B "C5'" 1 
ATOM   282  C  "C4'" . DA  B 2 3  ? -0.354  -12.274 11.890  1.00 54.47 ? 15   DA  B "C4'" 1 
ATOM   283  O  "O4'" . DA  B 2 3  ? -1.231  -12.884 10.921  1.00 54.02 ? 15   DA  B "O4'" 1 
ATOM   284  C  "C3'" . DA  B 2 3  ? 0.962   -12.038 11.162  1.00 55.02 ? 15   DA  B "C3'" 1 
ATOM   285  O  "O3'" . DA  B 2 3  ? 1.895   -12.891 11.791  1.00 57.04 ? 15   DA  B "O3'" 1 
ATOM   286  C  "C2'" . DA  B 2 3  ? 0.671   -12.393 9.695   1.00 52.81 ? 15   DA  B "C2'" 1 
ATOM   287  C  "C1'" . DA  B 2 3  ? -0.455  -13.406 9.866   1.00 50.64 ? 15   DA  B "C1'" 1 
ATOM   288  N  N9    . DA  B 2 3  ? -1.389  -13.561 8.763   1.00 46.93 ? 15   DA  B N9    1 
ATOM   289  C  C8    . DA  B 2 3  ? -2.069  -12.568 8.129   1.00 45.71 ? 15   DA  B C8    1 
ATOM   290  N  N7    . DA  B 2 3  ? -2.864  -12.996 7.183   1.00 46.23 ? 15   DA  B N7    1 
ATOM   291  C  C5    . DA  B 2 3  ? -2.697  -14.373 7.217   1.00 43.63 ? 15   DA  B C5    1 
ATOM   292  C  C6    . DA  B 2 3  ? -3.269  -15.404 6.450   1.00 41.46 ? 15   DA  B C6    1 
ATOM   293  N  N6    . DA  B 2 3  ? -4.145  -15.130 5.493   1.00 40.27 ? 15   DA  B N6    1 
ATOM   294  N  N1    . DA  B 2 3  ? -2.907  -16.688 6.719   1.00 38.38 ? 15   DA  B N1    1 
ATOM   295  C  C2    . DA  B 2 3  ? -2.015  -16.912 7.694   1.00 39.42 ? 15   DA  B C2    1 
ATOM   296  N  N3    . DA  B 2 3  ? -1.410  -16.011 8.485   1.00 42.07 ? 15   DA  B N3    1 
ATOM   297  C  C4    . DA  B 2 3  ? -1.795  -14.750 8.187   1.00 44.28 ? 15   DA  B C4    1 
ATOM   298  P  P     . DG  B 2 4  ? 3.468   -12.714 11.579  1.00 61.48 ? 16   DG  B P     1 
ATOM   299  O  OP1   . DG  B 2 4  ? 4.084   -13.280 12.806  1.00 60.98 ? 16   DG  B OP1   1 
ATOM   300  O  OP2   . DG  B 2 4  ? 3.788   -11.358 11.062  1.00 60.53 ? 16   DG  B OP2   1 
ATOM   301  O  "O5'" . DG  B 2 4  ? 3.757   -13.733 10.385  1.00 60.37 ? 16   DG  B "O5'" 1 
ATOM   302  C  "C5'" . DG  B 2 4  ? 3.684   -15.136 10.621  1.00 57.11 ? 16   DG  B "C5'" 1 
ATOM   303  C  "C4'" . DG  B 2 4  ? 3.762   -15.795 9.262   1.00 54.93 ? 16   DG  B "C4'" 1 
ATOM   304  O  "O4'" . DG  B 2 4  ? 2.509   -15.548 8.568   1.00 49.62 ? 16   DG  B "O4'" 1 
ATOM   305  C  "C3'" . DG  B 2 4  ? 4.857   -15.212 8.368   1.00 54.77 ? 16   DG  B "C3'" 1 
ATOM   306  O  "O3'" . DG  B 2 4  ? 5.401   -16.236 7.597   1.00 58.03 ? 16   DG  B "O3'" 1 
ATOM   307  C  "C2'" . DG  B 2 4  ? 4.064   -14.322 7.418   1.00 52.10 ? 16   DG  B "C2'" 1 
ATOM   308  C  "C1'" . DG  B 2 4  ? 2.870   -15.262 7.245   1.00 48.39 ? 16   DG  B "C1'" 1 
ATOM   309  N  N9    . DG  B 2 4  ? 1.759   -14.702 6.480   1.00 43.69 ? 16   DG  B N9    1 
ATOM   310  C  C8    . DG  B 2 4  ? 1.378   -13.388 6.403   1.00 42.06 ? 16   DG  B C8    1 
ATOM   311  N  N7    . DG  B 2 4  ? 0.355   -13.197 5.615   1.00 42.57 ? 16   DG  B N7    1 
ATOM   312  C  C5    . DG  B 2 4  ? 0.052   -14.481 5.139   1.00 40.07 ? 16   DG  B C5    1 
ATOM   313  C  C6    . DG  B 2 4  ? -0.955  -14.922 4.238   1.00 37.45 ? 16   DG  B C6    1 
ATOM   314  O  O6    . DG  B 2 4  ? -1.802  -14.234 3.661   1.00 36.55 ? 16   DG  B O6    1 
ATOM   315  N  N1    . DG  B 2 4  ? -0.903  -16.298 4.002   1.00 36.01 ? 16   DG  B N1    1 
ATOM   316  C  C2    . DG  B 2 4  ? 0.001   -17.153 4.597   1.00 36.86 ? 16   DG  B C2    1 
ATOM   317  N  N2    . DG  B 2 4  ? -0.080  -18.454 4.267   1.00 39.39 ? 16   DG  B N2    1 
ATOM   318  N  N3    . DG  B 2 4  ? 0.950   -16.746 5.440   1.00 38.47 ? 16   DG  B N3    1 
ATOM   319  C  C4    . DG  B 2 4  ? 0.912   -15.413 5.667   1.00 40.17 ? 16   DG  B C4    1 
ATOM   320  P  P     . DA  B 2 5  ? 6.924   -16.695 7.694   1.00 61.65 ? 17   DA  B P     1 
ATOM   321  O  OP1   . DA  B 2 5  ? 6.842   -17.875 8.585   1.00 60.50 ? 17   DA  B OP1   1 
ATOM   322  O  OP2   . DA  B 2 5  ? 7.832   -15.549 7.954   1.00 60.69 ? 17   DA  B OP2   1 
ATOM   323  O  "O5'" . DA  B 2 5  ? 7.245   -17.105 6.168   1.00 58.88 ? 17   DA  B "O5'" 1 
ATOM   324  C  "C5'" . DA  B 2 5  ? 7.417   -18.466 5.839   1.00 54.20 ? 17   DA  B "C5'" 1 
ATOM   325  C  "C4'" . DA  B 2 5  ? 6.466   -18.889 4.747   1.00 49.79 ? 17   DA  B "C4'" 1 
ATOM   326  O  "O4'" . DA  B 2 5  ? 5.120   -18.446 4.993   1.00 48.04 ? 17   DA  B "O4'" 1 
ATOM   327  C  "C3'" . DA  B 2 5  ? 6.745   -18.315 3.375   1.00 47.36 ? 17   DA  B "C3'" 1 
ATOM   328  O  "O3'" . DA  B 2 5  ? 7.826   -19.008 2.872   1.00 47.03 ? 17   DA  B "O3'" 1 
ATOM   329  C  "C2'" . DA  B 2 5  ? 5.514   -18.847 2.686   1.00 46.07 ? 17   DA  B "C2'" 1 
ATOM   330  C  "C1'" . DA  B 2 5  ? 4.473   -18.508 3.730   1.00 45.38 ? 17   DA  B "C1'" 1 
ATOM   331  N  N9    . DA  B 2 5  ? 3.804   -17.232 3.452   1.00 40.94 ? 17   DA  B N9    1 
ATOM   332  C  C8    . DA  B 2 5  ? 4.069   -16.025 4.018   1.00 38.61 ? 17   DA  B C8    1 
ATOM   333  N  N7    . DA  B 2 5  ? 3.286   -15.067 3.593   1.00 37.28 ? 17   DA  B N7    1 
ATOM   334  C  C5    . DA  B 2 5  ? 2.448   -15.702 2.660   1.00 37.24 ? 17   DA  B C5    1 
ATOM   335  C  C6    . DA  B 2 5  ? 1.389   -15.242 1.842   1.00 34.47 ? 17   DA  B C6    1 
ATOM   336  N  N6    . DA  B 2 5  ? 0.959   -13.961 1.799   1.00 33.76 ? 17   DA  B N6    1 
ATOM   337  N  N1    . DA  B 2 5  ? 0.783   -16.138 1.040   1.00 37.04 ? 17   DA  B N1    1 
ATOM   338  C  C2    . DA  B 2 5  ? 1.197   -17.418 1.037   1.00 35.36 ? 17   DA  B C2    1 
ATOM   339  N  N3    . DA  B 2 5  ? 2.180   -17.966 1.761   1.00 36.89 ? 17   DA  B N3    1 
ATOM   340  C  C4    . DA  B 2 5  ? 2.769   -17.042 2.558   1.00 38.73 ? 17   DA  B C4    1 
ATOM   341  P  P     . DC  B 2 6  ? 8.793   -18.381 1.793   1.00 46.27 ? 18   DC  B P     1 
ATOM   342  O  OP1   . DC  B 2 6  ? 9.916   -19.335 1.698   1.00 48.24 ? 18   DC  B OP1   1 
ATOM   343  O  OP2   . DC  B 2 6  ? 9.058   -16.982 2.164   1.00 45.23 ? 18   DC  B OP2   1 
ATOM   344  O  "O5'" . DC  B 2 6  ? 7.924   -18.448 0.424   1.00 43.54 ? 18   DC  B "O5'" 1 
ATOM   345  C  "C5'" . DC  B 2 6  ? 7.567   -19.720 -0.153  1.00 41.69 ? 18   DC  B "C5'" 1 
ATOM   346  C  "C4'" . DC  B 2 6  ? 6.421   -19.569 -1.138  1.00 40.17 ? 18   DC  B "C4'" 1 
ATOM   347  O  "O4'" . DC  B 2 6  ? 5.266   -19.030 -0.446  1.00 38.94 ? 18   DC  B "O4'" 1 
ATOM   348  C  "C3'" . DC  B 2 6  ? 6.661   -18.560 -2.251  1.00 39.06 ? 18   DC  B "C3'" 1 
ATOM   349  O  "O3'" . DC  B 2 6  ? 7.387   -19.148 -3.291  1.00 38.28 ? 18   DC  B "O3'" 1 
ATOM   350  C  "C2'" . DC  B 2 6  ? 5.242   -18.275 -2.711  1.00 36.57 ? 18   DC  B "C2'" 1 
ATOM   351  C  "C1'" . DC  B 2 6  ? 4.521   -18.241 -1.368  1.00 36.08 ? 18   DC  B "C1'" 1 
ATOM   352  N  N1    . DC  B 2 6  ? 4.328   -16.821 -0.859  1.00 34.11 ? 18   DC  B N1    1 
ATOM   353  C  C2    . DC  B 2 6  ? 3.280   -16.055 -1.389  1.00 32.58 ? 18   DC  B C2    1 
ATOM   354  O  O2    . DC  B 2 6  ? 2.513   -16.564 -2.251  1.00 31.63 ? 18   DC  B O2    1 
ATOM   355  N  N3    . DC  B 2 6  ? 3.139   -14.778 -0.904  1.00 29.79 ? 18   DC  B N3    1 
ATOM   356  C  C4    . DC  B 2 6  ? 3.970   -14.263 0.025   1.00 30.87 ? 18   DC  B C4    1 
ATOM   357  N  N4    . DC  B 2 6  ? 3.792   -12.992 0.474   1.00 26.35 ? 18   DC  B N4    1 
ATOM   358  C  C5    . DC  B 2 6  ? 5.040   -15.027 0.554   1.00 32.16 ? 18   DC  B C5    1 
ATOM   359  C  C6    . DC  B 2 6  ? 5.188   -16.284 0.076   1.00 33.51 ? 18   DC  B C6    1 
ATOM   360  P  P     . DC  B 2 7  ? 8.242   -18.279 -4.330  1.00 41.96 ? 19   DC  B P     1 
ATOM   361  O  OP1   . DC  B 2 7  ? 9.073   -19.227 -5.084  1.00 45.60 ? 19   DC  B OP1   1 
ATOM   362  O  OP2   . DC  B 2 7  ? 8.871   -17.089 -3.672  1.00 43.73 ? 19   DC  B OP2   1 
ATOM   363  O  "O5'" . DC  B 2 7  ? 7.131   -17.660 -5.332  1.00 41.09 ? 19   DC  B "O5'" 1 
ATOM   364  C  "C5'" . DC  B 2 7  ? 6.382   -18.435 -6.265  1.00 36.27 ? 19   DC  B "C5'" 1 
ATOM   365  C  "C4'" . DC  B 2 7  ? 5.637   -17.501 -7.206  1.00 34.55 ? 19   DC  B "C4'" 1 
ATOM   366  O  "O4'" . DC  B 2 7  ? 4.516   -16.907 -6.515  1.00 32.33 ? 19   DC  B "O4'" 1 
ATOM   367  C  "C3'" . DC  B 2 7  ? 6.438   -16.323 -7.703  1.00 35.46 ? 19   DC  B "C3'" 1 
ATOM   368  O  "O3'" . DC  B 2 7  ? 7.174   -16.716 -8.862  1.00 34.83 ? 19   DC  B "O3'" 1 
ATOM   369  C  "C2'" . DC  B 2 7  ? 5.345   -15.323 -8.078  1.00 30.63 ? 19   DC  B "C2'" 1 
ATOM   370  C  "C1'" . DC  B 2 7  ? 4.337   -15.584 -6.967  1.00 30.82 ? 19   DC  B "C1'" 1 
ATOM   371  N  N1    . DC  B 2 7  ? 4.468   -14.696 -5.740  1.00 30.26 ? 19   DC  B N1    1 
ATOM   372  C  C2    . DC  B 2 7  ? 3.819   -13.472 -5.814  1.00 28.03 ? 19   DC  B C2    1 
ATOM   373  O  O2    . DC  B 2 7  ? 3.234   -13.211 -6.856  1.00 27.22 ? 19   DC  B O2    1 
ATOM   374  N  N3    . DC  B 2 7  ? 3.878   -12.622 -4.758  1.00 26.44 ? 19   DC  B N3    1 
ATOM   375  C  C4    . DC  B 2 7  ? 4.542   -12.962 -3.655  1.00 27.93 ? 19   DC  B C4    1 
ATOM   376  N  N4    . DC  B 2 7  ? 4.513   -12.069 -2.651  1.00 25.83 ? 19   DC  B N4    1 
ATOM   377  C  C5    . DC  B 2 7  ? 5.248   -14.219 -3.533  1.00 29.33 ? 19   DC  B C5    1 
ATOM   378  C  C6    . DC  B 2 7  ? 5.167   -15.057 -4.601  1.00 29.36 ? 19   DC  B C6    1 
ATOM   379  P  P     . DA  B 2 8  ? 8.505   -15.929 -9.211  1.00 36.28 ? 20   DA  B P     1 
ATOM   380  O  OP1   . DA  B 2 8  ? 9.070   -16.589 -10.419 1.00 35.97 ? 20   DA  B OP1   1 
ATOM   381  O  OP2   . DA  B 2 8  ? 9.284   -15.833 -7.971  1.00 37.64 ? 20   DA  B OP2   1 
ATOM   382  O  "O5'" . DA  B 2 8  ? 8.008   -14.456 -9.654  1.00 33.47 ? 20   DA  B "O5'" 1 
ATOM   383  C  "C5'" . DA  B 2 8  ? 8.652   -13.217 -9.314  1.00 33.14 ? 20   DA  B "C5'" 1 
ATOM   384  C  "C4'" . DA  B 2 8  ? 7.695   -12.086 -9.655  1.00 31.57 ? 20   DA  B "C4'" 1 
ATOM   385  O  "O4'" . DA  B 2 8  ? 6.480   -12.187 -8.856  1.00 30.05 ? 20   DA  B "O4'" 1 
ATOM   386  C  "C3'" . DA  B 2 8  ? 8.239   -10.708 -9.339  1.00 32.56 ? 20   DA  B "C3'" 1 
ATOM   387  O  "O3'" . DA  B 2 8  ? 9.082   -10.329 -10.429 1.00 36.58 ? 20   DA  B "O3'" 1 
ATOM   388  C  "C2'" . DA  B 2 8  ? 6.945   -9.898  -9.291  1.00 31.57 ? 20   DA  B "C2'" 1 
ATOM   389  C  "C1'" . DA  B 2 8  ? 6.071   -10.863 -8.476  1.00 30.72 ? 20   DA  B "C1'" 1 
ATOM   390  N  N9    . DA  B 2 8  ? 6.272   -10.777 -7.028  1.00 30.04 ? 20   DA  B N9    1 
ATOM   391  C  C8    . DA  B 2 8  ? 6.930   -11.665 -6.202  1.00 29.39 ? 20   DA  B C8    1 
ATOM   392  N  N7    . DA  B 2 8  ? 6.952   -11.327 -4.936  1.00 28.43 ? 20   DA  B N7    1 
ATOM   393  C  C5    . DA  B 2 8  ? 6.237   -10.099 -4.966  1.00 27.78 ? 20   DA  B C5    1 
ATOM   394  C  C6    . DA  B 2 8  ? 5.846   -9.185  -3.960  1.00 26.53 ? 20   DA  B C6    1 
ATOM   395  N  N6    . DA  B 2 8  ? 6.167   -9.353  -2.685  1.00 26.61 ? 20   DA  B N6    1 
ATOM   396  N  N1    . DA  B 2 8  ? 5.115   -8.078  -4.325  1.00 24.45 ? 20   DA  B N1    1 
ATOM   397  C  C2    . DA  B 2 8  ? 4.810   -7.889  -5.606  1.00 26.30 ? 20   DA  B C2    1 
ATOM   398  N  N3    . DA  B 2 8  ? 5.120   -8.666  -6.638  1.00 27.42 ? 20   DA  B N3    1 
ATOM   399  C  C4    . DA  B 2 8  ? 5.830   -9.750  -6.229  1.00 27.29 ? 20   DA  B C4    1 
ATOM   400  P  P     . DG  B 2 9  ? 10.440  -9.540  -10.129 1.00 39.25 ? 21   DG  B P     1 
ATOM   401  O  OP1   . DG  B 2 9  ? 11.127  -9.381  -11.447 1.00 40.03 ? 21   DG  B OP1   1 
ATOM   402  O  OP2   . DG  B 2 9  ? 11.107  -10.170 -8.982  1.00 35.10 ? 21   DG  B OP2   1 
ATOM   403  O  "O5'" . DG  B 2 9  ? 9.946   -8.091  -9.717  1.00 34.21 ? 21   DG  B "O5'" 1 
ATOM   404  C  "C5'" . DG  B 2 9  ? 9.321   -7.270  -10.714 1.00 33.68 ? 21   DG  B "C5'" 1 
ATOM   405  C  "C4'" . DG  B 2 9  ? 8.530   -6.170  -10.078 1.00 35.00 ? 21   DG  B "C4'" 1 
ATOM   406  O  "O4'" . DG  B 2 9  ? 7.601   -6.732  -9.106  1.00 35.29 ? 21   DG  B "O4'" 1 
ATOM   407  C  "C3'" . DG  B 2 9  ? 9.368   -5.220  -9.250  1.00 36.13 ? 21   DG  B "C3'" 1 
ATOM   408  O  "O3'" . DG  B 2 9  ? 9.998   -4.335  -10.164 1.00 38.32 ? 21   DG  B "O3'" 1 
ATOM   409  C  "C2'" . DG  B 2 9  ? 8.267   -4.570  -8.428  1.00 34.57 ? 21   DG  B "C2'" 1 
ATOM   410  C  "C1'" . DG  B 2 9  ? 7.421   -5.790  -8.063  1.00 35.38 ? 21   DG  B "C1'" 1 
ATOM   411  N  N9    . DG  B 2 9  ? 7.865   -6.409  -6.809  1.00 32.37 ? 21   DG  B N9    1 
ATOM   412  C  C8    . DG  B 2 9  ? 8.624   -7.543  -6.583  1.00 33.37 ? 21   DG  B C8    1 
ATOM   413  N  N7    . DG  B 2 9  ? 8.830   -7.805  -5.307  1.00 31.06 ? 21   DG  B N7    1 
ATOM   414  C  C5    . DG  B 2 9  ? 8.181   -6.749  -4.658  1.00 31.07 ? 21   DG  B C5    1 
ATOM   415  C  C6    . DG  B 2 9  ? 8.031   -6.436  -3.277  1.00 28.60 ? 21   DG  B C6    1 
ATOM   416  O  O6    . DG  B 2 9  ? 8.483   -7.065  -2.314  1.00 26.36 ? 21   DG  B O6    1 
ATOM   417  N  N1    . DG  B 2 9  ? 7.298   -5.249  -3.067  1.00 29.62 ? 21   DG  B N1    1 
ATOM   418  C  C2    . DG  B 2 9  ? 6.754   -4.469  -4.056  1.00 27.62 ? 21   DG  B C2    1 
ATOM   419  N  N2    . DG  B 2 9  ? 6.066   -3.353  -3.719  1.00 30.80 ? 21   DG  B N2    1 
ATOM   420  N  N3    . DG  B 2 9  ? 6.884   -4.764  -5.338  1.00 31.29 ? 21   DG  B N3    1 
ATOM   421  C  C4    . DG  B 2 9  ? 7.589   -5.902  -5.565  1.00 30.19 ? 21   DG  B C4    1 
ATOM   422  P  P     . DA  B 2 10 ? 11.260  -3.463  -9.714  1.00 39.77 ? 22   DA  B P     1 
ATOM   423  O  OP1   . DA  B 2 10 ? 11.709  -2.716  -10.922 1.00 42.70 ? 22   DA  B OP1   1 
ATOM   424  O  OP2   . DA  B 2 10 ? 12.203  -4.319  -8.952  1.00 38.87 ? 22   DA  B OP2   1 
ATOM   425  O  "O5'" . DA  B 2 10 ? 10.605  -2.422  -8.681  1.00 38.31 ? 22   DA  B "O5'" 1 
ATOM   426  C  "C5'" . DA  B 2 10 ? 9.716   -1.354  -8.992  1.00 39.50 ? 22   DA  B "C5'" 1 
ATOM   427  C  "C4'" . DA  B 2 10 ? 9.363   -0.631  -7.690  1.00 41.43 ? 22   DA  B "C4'" 1 
ATOM   428  O  "O4'" . DA  B 2 10 ? 8.636   -1.519  -6.805  1.00 41.25 ? 22   DA  B "O4'" 1 
ATOM   429  C  "C3'" . DA  B 2 10 ? 10.525  -0.217  -6.789  1.00 41.91 ? 22   DA  B "C3'" 1 
ATOM   430  O  "O3'" . DA  B 2 10 ? 11.118  0.938   -7.226  1.00 46.13 ? 22   DA  B "O3'" 1 
ATOM   431  C  "C2'" . DA  B 2 10 ? 9.798   0.024   -5.471  1.00 42.41 ? 22   DA  B "C2'" 1 
ATOM   432  C  "C1'" . DA  B 2 10 ? 8.934   -1.234  -5.449  1.00 38.45 ? 22   DA  B "C1'" 1 
ATOM   433  N  N9    . DA  B 2 10 ? 9.573   -2.397  -4.817  1.00 37.16 ? 22   DA  B N9    1 
ATOM   434  C  C8    . DA  B 2 10 ? 10.166  -3.476  -5.404  1.00 35.82 ? 22   DA  B C8    1 
ATOM   435  N  N7    . DA  B 2 10 ? 10.637  -4.359  -4.550  1.00 37.88 ? 22   DA  B N7    1 
ATOM   436  C  C5    . DA  B 2 10 ? 10.326  -3.829  -3.303  1.00 36.34 ? 22   DA  B C5    1 
ATOM   437  C  C6    . DA  B 2 10 ? 10.538  -4.264  -1.978  1.00 34.81 ? 22   DA  B C6    1 
ATOM   438  N  N6    . DA  B 2 10 ? 11.166  -5.398  -1.627  1.00 33.28 ? 22   DA  B N6    1 
ATOM   439  N  N1    . DA  B 2 10 ? 10.103  -3.446  -0.995  1.00 35.25 ? 22   DA  B N1    1 
ATOM   440  C  C2    . DA  B 2 10 ? 9.480   -2.316  -1.301  1.00 31.95 ? 22   DA  B C2    1 
ATOM   441  N  N3    . DA  B 2 10 ? 9.214   -1.805  -2.499  1.00 35.69 ? 22   DA  B N3    1 
ATOM   442  C  C4    . DA  B 2 10 ? 9.676   -2.619  -3.459  1.00 36.50 ? 22   DA  B C4    1 
ATOM   443  P  P     . DG  B 2 11 ? 12.680  1.215   -6.936  1.00 48.39 ? 23   DG  B P     1 
ATOM   444  O  OP1   . DG  B 2 11 ? 12.970  2.302   -7.871  1.00 48.38 ? 23   DG  B OP1   1 
ATOM   445  O  OP2   . DG  B 2 11 ? 13.509  -0.034  -6.918  1.00 48.79 ? 23   DG  B OP2   1 
ATOM   446  O  "O5'" . DG  B 2 11 ? 12.774  1.622   -5.395  1.00 45.25 ? 23   DG  B "O5'" 1 
ATOM   447  C  "C5'" . DG  B 2 11 ? 12.524  2.910   -4.944  1.00 43.98 ? 23   DG  B "C5'" 1 
ATOM   448  C  "C4'" . DG  B 2 11 ? 12.446  2.837   -3.440  1.00 40.81 ? 23   DG  B "C4'" 1 
ATOM   449  O  "O4'" . DG  B 2 11 ? 11.556  1.745   -3.080  1.00 40.39 ? 23   DG  B "O4'" 1 
ATOM   450  C  "C3'" . DG  B 2 11 ? 13.703  2.444   -2.679  1.00 37.43 ? 23   DG  B "C3'" 1 
ATOM   451  O  "O3'" . DG  B 2 11 ? 14.656  3.497   -2.614  1.00 40.55 ? 23   DG  B "O3'" 1 
ATOM   452  C  "C2'" . DG  B 2 11 ? 13.002  2.309   -1.336  1.00 37.25 ? 23   DG  B "C2'" 1 
ATOM   453  C  "C1'" . DG  B 2 11 ? 11.876  1.369   -1.751  1.00 36.56 ? 23   DG  B "C1'" 1 
ATOM   454  N  N9    . DG  B 2 11 ? 12.371  -0.001  -1.777  1.00 35.06 ? 23   DG  B N9    1 
ATOM   455  C  C8    . DG  B 2 11 ? 12.693  -0.780  -2.859  1.00 33.03 ? 23   DG  B C8    1 
ATOM   456  N  N7    . DG  B 2 11 ? 13.132  -1.962  -2.544  1.00 34.17 ? 23   DG  B N7    1 
ATOM   457  C  C5    . DG  B 2 11 ? 13.123  -1.975  -1.157  1.00 31.90 ? 23   DG  B C5    1 
ATOM   458  C  C6    . DG  B 2 11 ? 13.498  -3.001  -0.248  1.00 31.63 ? 23   DG  B C6    1 
ATOM   459  O  O6    . DG  B 2 11 ? 13.927  -4.141  -0.499  1.00 34.48 ? 23   DG  B O6    1 
ATOM   460  N  N1    . DG  B 2 11 ? 13.332  -2.589  1.061   1.00 28.97 ? 23   DG  B N1    1 
ATOM   461  C  C2    . DG  B 2 11 ? 12.877  -1.354  1.455   1.00 32.93 ? 23   DG  B C2    1 
ATOM   462  N  N2    . DG  B 2 11 ? 12.787  -1.156  2.762   1.00 34.17 ? 23   DG  B N2    1 
ATOM   463  N  N3    . DG  B 2 11 ? 12.513  -0.380  0.616   1.00 31.38 ? 23   DG  B N3    1 
ATOM   464  C  C4    . DG  B 2 11 ? 12.653  -0.772  -0.664  1.00 32.66 ? 23   DG  B C4    1 
ATOM   465  P  P     . DG  B 2 12 ? 16.210  3.204   -2.854  1.00 38.89 ? 24   DG  B P     1 
ATOM   466  O  OP1   . DG  B 2 12 ? 16.879  4.504   -2.693  1.00 39.03 ? 24   DG  B OP1   1 
ATOM   467  O  OP2   . DG  B 2 12 ? 16.462  2.467   -4.101  1.00 36.23 ? 24   DG  B OP2   1 
ATOM   468  O  "O5'" . DG  B 2 12 ? 16.618  2.129   -1.712  1.00 41.93 ? 24   DG  B "O5'" 1 
ATOM   469  C  "C5'" . DG  B 2 12 ? 17.337  2.474   -0.531  1.00 38.92 ? 24   DG  B "C5'" 1 
ATOM   470  C  "C4'" . DG  B 2 12 ? 16.393  2.726   0.643   1.00 37.24 ? 24   DG  B "C4'" 1 
ATOM   471  O  "O4'" . DG  B 2 12 ? 15.375  1.703   0.883   1.00 34.37 ? 24   DG  B "O4'" 1 
ATOM   472  C  "C3'" . DG  B 2 12 ? 17.069  2.823   1.988   1.00 36.12 ? 24   DG  B "C3'" 1 
ATOM   473  O  "O3'" . DG  B 2 12 ? 16.175  3.614   2.745   1.00 37.73 ? 24   DG  B "O3'" 1 
ATOM   474  C  "C2'" . DG  B 2 12 ? 17.014  1.414   2.591   1.00 30.15 ? 24   DG  B "C2'" 1 
ATOM   475  C  "C1'" . DG  B 2 12 ? 15.841  0.751   1.839   1.00 33.13 ? 24   DG  B "C1'" 1 
ATOM   476  N  N9    . DG  B 2 12 ? 16.201  -0.458  1.099   1.00 29.56 ? 24   DG  B N9    1 
ATOM   477  C  C8    . DG  B 2 12 ? 16.226  -0.663  -0.260  1.00 29.72 ? 24   DG  B C8    1 
ATOM   478  N  N7    . DG  B 2 12 ? 16.579  -1.869  -0.616  1.00 31.26 ? 24   DG  B N7    1 
ATOM   479  C  C5    . DG  B 2 12 ? 16.797  -2.516  0.590   1.00 29.59 ? 24   DG  B C5    1 
ATOM   480  C  C6    . DG  B 2 12 ? 17.212  -3.849  0.853   1.00 29.93 ? 24   DG  B C6    1 
ATOM   481  O  O6    . DG  B 2 12 ? 17.466  -4.748  0.049   1.00 28.20 ? 24   DG  B O6    1 
ATOM   482  N  N1    . DG  B 2 12 ? 17.323  -4.116  2.207   1.00 27.54 ? 24   DG  B N1    1 
ATOM   483  C  C2    . DG  B 2 12 ? 17.072  -3.187  3.209   1.00 27.90 ? 24   DG  B C2    1 
ATOM   484  N  N2    . DG  B 2 12 ? 17.224  -3.629  4.477   1.00 27.62 ? 24   DG  B N2    1 
ATOM   485  N  N3    . DG  B 2 12 ? 16.684  -1.930  2.988   1.00 29.86 ? 24   DG  B N3    1 
ATOM   486  C  C4    . DG  B 2 12 ? 16.558  -1.672  1.653   1.00 30.78 ? 24   DG  B C4    1 
ATOM   487  O  "O5'" . DC  C 1 1  ? -6.823  20.316  9.035   1.00 39.97 ? 25   DC  C "O5'" 1 
ATOM   488  C  "C5'" . DC  C 1 1  ? -5.895  21.332  9.432   1.00 37.39 ? 25   DC  C "C5'" 1 
ATOM   489  C  "C4'" . DC  C 1 1  ? -4.870  20.690  10.344  1.00 34.44 ? 25   DC  C "C4'" 1 
ATOM   490  O  "O4'" . DC  C 1 1  ? -5.511  20.311  11.581  1.00 33.08 ? 25   DC  C "O4'" 1 
ATOM   491  C  "C3'" . DC  C 1 1  ? -4.292  19.389  9.792   1.00 31.52 ? 25   DC  C "C3'" 1 
ATOM   492  O  "O3'" . DC  C 1 1  ? -3.211  19.717  8.947   1.00 33.49 ? 25   DC  C "O3'" 1 
ATOM   493  C  "C2'" . DC  C 1 1  ? -3.793  18.744  11.089  1.00 32.13 ? 25   DC  C "C2'" 1 
ATOM   494  C  "C1'" . DC  C 1 1  ? -4.967  19.056  12.016  1.00 31.32 ? 25   DC  C "C1'" 1 
ATOM   495  N  N1    . DC  C 1 1  ? -6.025  17.973  12.011  1.00 32.33 ? 25   DC  C N1    1 
ATOM   496  C  C2    . DC  C 1 1  ? -5.714  16.760  12.650  1.00 31.41 ? 25   DC  C C2    1 
ATOM   497  O  O2    . DC  C 1 1  ? -4.588  16.629  13.142  1.00 29.18 ? 25   DC  C O2    1 
ATOM   498  N  N3    . DC  C 1 1  ? -6.620  15.754  12.673  1.00 32.72 ? 25   DC  C N3    1 
ATOM   499  C  C4    . DC  C 1 1  ? -7.813  15.929  12.100  1.00 33.94 ? 25   DC  C C4    1 
ATOM   500  N  N4    . DC  C 1 1  ? -8.658  14.883  12.151  1.00 33.48 ? 25   DC  C N4    1 
ATOM   501  C  C5    . DC  C 1 1  ? -8.174  17.160  11.455  1.00 34.56 ? 25   DC  C C5    1 
ATOM   502  C  C6    . DC  C 1 1  ? -7.257  18.143  11.439  1.00 33.45 ? 25   DC  C C6    1 
ATOM   503  P  P     . DC  C 1 2  ? -2.705  18.681  7.825   1.00 34.30 ? 26   DC  C P     1 
ATOM   504  O  OP1   . DC  C 1 2  ? -1.687  19.390  7.015   1.00 35.22 ? 26   DC  C OP1   1 
ATOM   505  O  OP2   . DC  C 1 2  ? -3.889  18.001  7.254   1.00 34.36 ? 26   DC  C OP2   1 
ATOM   506  O  "O5'" . DC  C 1 2  ? -1.931  17.569  8.700   1.00 32.29 ? 26   DC  C "O5'" 1 
ATOM   507  C  "C5'" . DC  C 1 2  ? -0.697  17.904  9.328   1.00 33.30 ? 26   DC  C "C5'" 1 
ATOM   508  C  "C4'" . DC  C 1 2  ? -0.140  16.721  10.085  1.00 31.23 ? 26   DC  C "C4'" 1 
ATOM   509  O  "O4'" . DC  C 1 2  ? -1.090  16.310  11.106  1.00 31.21 ? 26   DC  C "O4'" 1 
ATOM   510  C  "C3'" . DC  C 1 2  ? 0.052   15.475  9.220   1.00 32.76 ? 26   DC  C "C3'" 1 
ATOM   511  O  "O3'" . DC  C 1 2  ? 1.311   15.514  8.589   1.00 35.20 ? 26   DC  C "O3'" 1 
ATOM   512  C  "C2'" . DC  C 1 2  ? 0.042   14.375  10.279  1.00 31.98 ? 26   DC  C "C2'" 1 
ATOM   513  C  "C1'" . DC  C 1 2  ? -1.073  14.874  11.190  1.00 30.50 ? 26   DC  C "C1'" 1 
ATOM   514  N  N1    . DC  C 1 2  ? -2.429  14.334  10.871  1.00 28.71 ? 26   DC  C N1    1 
ATOM   515  C  C2    . DC  C 1 2  ? -2.712  12.982  11.133  1.00 28.65 ? 26   DC  C C2    1 
ATOM   516  O  O2    . DC  C 1 2  ? -1.802  12.316  11.631  1.00 29.39 ? 26   DC  C O2    1 
ATOM   517  N  N3    . DC  C 1 2  ? -3.960  12.484  10.852  1.00 27.67 ? 26   DC  C N3    1 
ATOM   518  C  C4    . DC  C 1 2  ? -4.882  13.289  10.317  1.00 29.26 ? 26   DC  C C4    1 
ATOM   519  N  N4    . DC  C 1 2  ? -6.099  12.806  10.051  1.00 31.52 ? 26   DC  C N4    1 
ATOM   520  C  C5    . DC  C 1 2  ? -4.607  14.657  10.006  1.00 29.29 ? 26   DC  C C5    1 
ATOM   521  C  C6    . DC  C 1 2  ? -3.385  15.142  10.311  1.00 29.51 ? 26   DC  C C6    1 
ATOM   522  P  P     . DT  C 1 3  ? 1.486   14.653  7.220   1.00 36.06 ? 27   DT  C P     1 
ATOM   523  O  OP1   . DT  C 1 3  ? 2.849   14.967  6.761   1.00 35.75 ? 27   DT  C OP1   1 
ATOM   524  O  OP2   . DT  C 1 3  ? 0.260   14.687  6.389   1.00 36.35 ? 27   DT  C OP2   1 
ATOM   525  O  "O5'" . DT  C 1 3  ? 1.499   13.166  7.791   1.00 31.73 ? 27   DT  C "O5'" 1 
ATOM   526  C  "C5'" . DT  C 1 3  ? 2.665   12.734  8.457   1.00 33.06 ? 27   DT  C "C5'" 1 
ATOM   527  C  "C4'" . DT  C 1 3  ? 2.404   11.287  8.784   1.00 31.32 ? 27   DT  C "C4'" 1 
ATOM   528  O  "O4'" . DT  C 1 3  ? 1.155   11.177  9.500   1.00 32.87 ? 27   DT  C "O4'" 1 
ATOM   529  C  "C3'" . DT  C 1 3  ? 2.132   10.419  7.571   1.00 31.78 ? 27   DT  C "C3'" 1 
ATOM   530  O  "O3'" . DT  C 1 3  ? 3.363   10.120  6.980   1.00 33.61 ? 27   DT  C "O3'" 1 
ATOM   531  C  "C2'" . DT  C 1 3  ? 1.514   9.198   8.225   1.00 33.41 ? 27   DT  C "C2'" 1 
ATOM   532  C  "C1'" . DT  C 1 3  ? 0.571   9.913   9.197   1.00 33.43 ? 27   DT  C "C1'" 1 
ATOM   533  N  N1    . DT  C 1 3  ? -0.832  10.154  8.709   1.00 32.30 ? 27   DT  C N1    1 
ATOM   534  C  C2    . DT  C 1 3  ? -1.734  9.104   8.738   1.00 32.05 ? 27   DT  C C2    1 
ATOM   535  O  O2    . DT  C 1 3  ? -1.444  7.991   9.132   1.00 36.91 ? 27   DT  C O2    1 
ATOM   536  N  N3    . DT  C 1 3  ? -2.996  9.396   8.301   1.00 33.49 ? 27   DT  C N3    1 
ATOM   537  C  C4    . DT  C 1 3  ? -3.414  10.628  7.834   1.00 31.34 ? 27   DT  C C4    1 
ATOM   538  O  O4    . DT  C 1 3  ? -4.583  10.756  7.473   1.00 33.43 ? 27   DT  C O4    1 
ATOM   539  C  C5    . DT  C 1 3  ? -2.410  11.682  7.820   1.00 31.02 ? 27   DT  C C5    1 
ATOM   540  C  C7    . DT  C 1 3  ? -2.689  13.082  7.334   1.00 32.65 ? 27   DT  C C7    1 
ATOM   541  C  C6    . DT  C 1 3  ? -1.180  11.401  8.248   1.00 31.06 ? 27   DT  C C6    1 
ATOM   542  P  P     . DC  C 1 4  ? 3.409   9.826   5.412   1.00 35.47 ? 28   DC  C P     1 
ATOM   543  O  OP1   . DC  C 1 4  ? 4.845   9.626   5.131   1.00 40.08 ? 28   DC  C OP1   1 
ATOM   544  O  OP2   . DC  C 1 4  ? 2.565   10.789  4.655   1.00 35.68 ? 28   DC  C OP2   1 
ATOM   545  O  "O5'" . DC  C 1 4  ? 2.645   8.437   5.258   1.00 34.67 ? 28   DC  C "O5'" 1 
ATOM   546  C  "C5'" . DC  C 1 4  ? 3.246   7.225   5.721   1.00 35.53 ? 28   DC  C "C5'" 1 
ATOM   547  C  "C4'" . DC  C 1 4  ? 2.219   6.121   5.663   1.00 35.31 ? 28   DC  C "C4'" 1 
ATOM   548  O  "O4'" . DC  C 1 4  ? 1.110   6.419   6.530   1.00 35.09 ? 28   DC  C "O4'" 1 
ATOM   549  C  "C3'" . DC  C 1 4  ? 1.569   5.841   4.312   1.00 32.18 ? 28   DC  C "C3'" 1 
ATOM   550  O  "O3'" . DC  C 1 4  ? 2.455   5.022   3.554   1.00 33.59 ? 28   DC  C "O3'" 1 
ATOM   551  C  "C2'" . DC  C 1 4  ? 0.402   4.989   4.784   1.00 33.70 ? 28   DC  C "C2'" 1 
ATOM   552  C  "C1'" . DC  C 1 4  ? -0.040  5.754   6.035   1.00 33.57 ? 28   DC  C "C1'" 1 
ATOM   553  N  N1    . DC  C 1 4  ? -1.089  6.783   5.651   1.00 30.73 ? 28   DC  C N1    1 
ATOM   554  C  C2    . DC  C 1 4  ? -2.392  6.314   5.452   1.00 31.89 ? 28   DC  C C2    1 
ATOM   555  O  O2    . DC  C 1 4  ? -2.630  5.088   5.589   1.00 32.51 ? 28   DC  C O2    1 
ATOM   556  N  N3    . DC  C 1 4  ? -3.355  7.215   5.111   1.00 30.85 ? 28   DC  C N3    1 
ATOM   557  C  C4    . DC  C 1 4  ? -3.040  8.503   4.968   1.00 30.58 ? 28   DC  C C4    1 
ATOM   558  N  N4    . DC  C 1 4  ? -4.031  9.343   4.641   1.00 29.18 ? 28   DC  C N4    1 
ATOM   559  C  C5    . DC  C 1 4  ? -1.705  8.995   5.175   1.00 31.82 ? 28   DC  C C5    1 
ATOM   560  C  C6    . DC  C 1 4  ? -0.764  8.096   5.500   1.00 30.39 ? 28   DC  C C6    1 
ATOM   561  P  P     . DT  C 1 5  ? 2.342   5.002   1.978   1.00 33.24 ? 29   DT  C P     1 
ATOM   562  O  OP1   . DT  C 1 5  ? 3.524   4.235   1.502   1.00 36.68 ? 29   DT  C OP1   1 
ATOM   563  O  OP2   . DT  C 1 5  ? 2.126   6.346   1.394   1.00 31.37 ? 29   DT  C OP2   1 
ATOM   564  O  "O5'" . DT  C 1 5  ? 1.015   4.128   1.740   1.00 28.37 ? 29   DT  C "O5'" 1 
ATOM   565  C  "C5'" . DT  C 1 5  ? 0.984   2.698   1.959   1.00 29.74 ? 29   DT  C "C5'" 1 
ATOM   566  C  "C4'" . DT  C 1 5  ? -0.408  2.167   1.680   1.00 30.00 ? 29   DT  C "C4'" 1 
ATOM   567  O  "O4'" . DT  C 1 5  ? -1.351  2.751   2.619   1.00 30.76 ? 29   DT  C "O4'" 1 
ATOM   568  C  "C3'" . DT  C 1 5  ? -0.994  2.564   0.337   1.00 30.51 ? 29   DT  C "C3'" 1 
ATOM   569  O  "O3'" . DT  C 1 5  ? -0.418  1.707   -0.655  1.00 30.75 ? 29   DT  C "O3'" 1 
ATOM   570  C  "C2'" . DT  C 1 5  ? -2.459  2.214   0.576   1.00 27.68 ? 29   DT  C "C2'" 1 
ATOM   571  C  "C1'" . DT  C 1 5  ? -2.610  2.826   1.957   1.00 30.77 ? 29   DT  C "C1'" 1 
ATOM   572  N  N1    . DT  C 1 5  ? -3.021  4.256   1.850   1.00 27.22 ? 29   DT  C N1    1 
ATOM   573  C  C2    . DT  C 1 5  ? -4.366  4.508   1.657   1.00 28.43 ? 29   DT  C C2    1 
ATOM   574  O  O2    . DT  C 1 5  ? -5.210  3.630   1.550   1.00 26.43 ? 29   DT  C O2    1 
ATOM   575  N  N3    . DT  C 1 5  ? -4.690  5.850   1.574   1.00 28.54 ? 29   DT  C N3    1 
ATOM   576  C  C4    . DT  C 1 5  ? -3.812  6.915   1.607   1.00 31.48 ? 29   DT  C C4    1 
ATOM   577  O  O4    . DT  C 1 5  ? -4.234  8.071   1.513   1.00 33.04 ? 29   DT  C O4    1 
ATOM   578  C  C5    . DT  C 1 5  ? -2.405  6.582   1.770   1.00 29.36 ? 29   DT  C C5    1 
ATOM   579  C  C7    . DT  C 1 5  ? -1.359  7.650   1.848   1.00 29.33 ? 29   DT  C C7    1 
ATOM   580  C  C6    . DT  C 1 5  ? -2.075  5.283   1.888   1.00 28.48 ? 29   DT  C C6    1 
ATOM   581  P  P     . DG  C 1 6  ? -0.604  2.024   -2.209  1.00 31.21 ? 30   DG  C P     1 
ATOM   582  O  OP1   . DG  C 1 6  ? 0.321   1.060   -2.898  1.00 30.87 ? 30   DG  C OP1   1 
ATOM   583  O  OP2   . DG  C 1 6  ? -0.513  3.454   -2.450  1.00 32.31 ? 30   DG  C OP2   1 
ATOM   584  O  "O5'" . DG  C 1 6  ? -2.066  1.520   -2.503  1.00 28.18 ? 30   DG  C "O5'" 1 
ATOM   585  C  "C5'" . DG  C 1 6  ? -2.519  0.200   -2.218  1.00 29.50 ? 30   DG  C "C5'" 1 
ATOM   586  C  "C4'" . DG  C 1 6  ? -3.976  0.099   -2.629  1.00 29.64 ? 30   DG  C "C4'" 1 
ATOM   587  O  "O4'" . DG  C 1 6  ? -4.807  0.881   -1.737  1.00 29.27 ? 30   DG  C "O4'" 1 
ATOM   588  C  "C3'" . DG  C 1 6  ? -4.282  0.644   -4.005  1.00 30.91 ? 30   DG  C "C3'" 1 
ATOM   589  O  "O3'" . DG  C 1 6  ? -4.108  -0.417  -4.919  1.00 32.20 ? 30   DG  C "O3'" 1 
ATOM   590  C  "C2'" . DG  C 1 6  ? -5.755  1.005   -3.909  1.00 28.96 ? 30   DG  C "C2'" 1 
ATOM   591  C  "C1'" . DG  C 1 6  ? -5.797  1.573   -2.495  1.00 27.96 ? 30   DG  C "C1'" 1 
ATOM   592  N  N9    . DG  C 1 6  ? -5.549  3.008   -2.376  1.00 28.17 ? 30   DG  C N9    1 
ATOM   593  C  C8    . DG  C 1 6  ? -4.370  3.692   -2.296  1.00 26.47 ? 30   DG  C C8    1 
ATOM   594  N  N7    . DG  C 1 6  ? -4.453  5.018   -2.284  1.00 24.69 ? 30   DG  C N7    1 
ATOM   595  C  C5    . DG  C 1 6  ? -5.824  5.162   -2.277  1.00 24.77 ? 30   DG  C C5    1 
ATOM   596  C  C6    . DG  C 1 6  ? -6.565  6.359   -2.199  1.00 27.69 ? 30   DG  C C6    1 
ATOM   597  O  O6    . DG  C 1 6  ? -6.075  7.482   -2.067  1.00 25.68 ? 30   DG  C O6    1 
ATOM   598  N  N1    . DG  C 1 6  ? -7.947  6.137   -2.290  1.00 26.08 ? 30   DG  C N1    1 
ATOM   599  C  C2    . DG  C 1 6  ? -8.531  4.884   -2.417  1.00 26.66 ? 30   DG  C C2    1 
ATOM   600  N  N2    . DG  C 1 6  ? -9.883  4.807   -2.499  1.00 27.78 ? 30   DG  C N2    1 
ATOM   601  N  N3    . DG  C 1 6  ? -7.836  3.739   -2.427  1.00 27.64 ? 30   DG  C N3    1 
ATOM   602  C  C4    . DG  C 1 6  ? -6.505  3.983   -2.378  1.00 27.54 ? 30   DG  C C4    1 
ATOM   603  P  P     . DG  C 1 7  ? -3.532  -0.016  -6.339  1.00 34.42 ? 31   DG  C P     1 
ATOM   604  O  OP1   . DG  C 1 7  ? -3.536  -1.370  -7.026  1.00 35.36 ? 31   DG  C OP1   1 
ATOM   605  O  OP2   . DG  C 1 7  ? -2.292  0.772   -6.290  1.00 31.70 ? 31   DG  C OP2   1 
ATOM   606  O  "O5'" . DG  C 1 7  ? -4.753  0.848   -6.936  1.00 33.27 ? 31   DG  C "O5'" 1 
ATOM   607  C  "C5'" . DG  C 1 7  ? -4.548  1.943   -7.734  1.00 29.33 ? 31   DG  C "C5'" 1 
ATOM   608  C  "C4'" . DG  C 1 7  ? -5.858  2.714   -7.950  1.00 28.29 ? 31   DG  C "C4'" 1 
ATOM   609  O  "O4'" . DG  C 1 7  ? -6.317  3.259   -6.706  1.00 28.21 ? 31   DG  C "O4'" 1 
ATOM   610  C  "C3'" . DG  C 1 7  ? -5.721  3.926   -8.836  1.00 28.46 ? 31   DG  C "C3'" 1 
ATOM   611  O  "O3'" . DG  C 1 7  ? -5.925  3.495   -10.187 1.00 30.36 ? 31   DG  C "O3'" 1 
ATOM   612  C  "C2'" . DG  C 1 7  ? -6.827  4.874   -8.363  1.00 26.95 ? 31   DG  C "C2'" 1 
ATOM   613  C  "C1'" . DG  C 1 7  ? -6.867  4.542   -6.850  1.00 26.92 ? 31   DG  C "C1'" 1 
ATOM   614  N  N9    . DG  C 1 7  ? -6.080  5.486   -6.055  1.00 27.79 ? 31   DG  C N9    1 
ATOM   615  C  C8    . DG  C 1 7  ? -4.859  5.295   -5.409  1.00 26.62 ? 31   DG  C C8    1 
ATOM   616  N  N7    . DG  C 1 7  ? -4.461  6.386   -4.807  1.00 29.09 ? 31   DG  C N7    1 
ATOM   617  C  C5    . DG  C 1 7  ? -5.410  7.351   -5.075  1.00 27.21 ? 31   DG  C C5    1 
ATOM   618  C  C6    . DG  C 1 7  ? -5.518  8.708   -4.643  1.00 30.95 ? 31   DG  C C6    1 
ATOM   619  O  O6    . DG  C 1 7  ? -4.702  9.352   -3.955  1.00 30.73 ? 31   DG  C O6    1 
ATOM   620  N  N1    . DG  C 1 7  ? -6.686  9.323   -5.101  1.00 29.69 ? 31   DG  C N1    1 
ATOM   621  C  C2    . DG  C 1 7  ? -7.659  8.698   -5.855  1.00 29.54 ? 31   DG  C C2    1 
ATOM   622  N  N2    . DG  C 1 7  ? -8.749  9.415   -6.234  1.00 26.52 ? 31   DG  C N2    1 
ATOM   623  N  N3    . DG  C 1 7  ? -7.563  7.435   -6.245  1.00 27.69 ? 31   DG  C N3    1 
ATOM   624  C  C4    . DG  C 1 7  ? -6.435  6.809   -5.814  1.00 28.02 ? 31   DG  C C4    1 
ATOM   625  P  P     . DT  C 1 8  ? -5.167  4.264   -11.363 1.00 32.20 ? 32   DT  C P     1 
ATOM   626  O  OP1   . DT  C 1 8  ? -5.358  3.441   -12.582 1.00 33.15 ? 32   DT  C OP1   1 
ATOM   627  O  OP2   . DT  C 1 8  ? -3.821  4.725   -10.972 1.00 29.98 ? 32   DT  C OP2   1 
ATOM   628  O  "O5'" . DT  C 1 8  ? -5.980  5.618   -11.616 1.00 30.89 ? 32   DT  C "O5'" 1 
ATOM   629  C  "C5'" . DT  C 1 8  ? -7.364  5.579   -11.979 1.00 32.67 ? 32   DT  C "C5'" 1 
ATOM   630  C  "C4'" . DT  C 1 8  ? -7.988  6.964   -11.857 1.00 32.58 ? 32   DT  C "C4'" 1 
ATOM   631  O  "O4'" . DT  C 1 8  ? -8.058  7.327   -10.449 1.00 32.56 ? 32   DT  C "O4'" 1 
ATOM   632  C  "C3'" . DT  C 1 8  ? -7.274  8.134   -12.515 1.00 33.95 ? 32   DT  C "C3'" 1 
ATOM   633  O  "O3'" . DT  C 1 8  ? -7.691  8.242   -13.879 1.00 34.72 ? 32   DT  C "O3'" 1 
ATOM   634  C  "C2'" . DT  C 1 8  ? -7.872  9.285   -11.755 1.00 32.98 ? 32   DT  C "C2'" 1 
ATOM   635  C  "C1'" . DT  C 1 8  ? -7.908  8.705   -10.342 1.00 31.53 ? 32   DT  C "C1'" 1 
ATOM   636  N  N1    . DT  C 1 8  ? -6.695  8.982   -9.495  1.00 31.47 ? 32   DT  C N1    1 
ATOM   637  C  C2    . DT  C 1 8  ? -6.663  10.212  -8.886  1.00 31.60 ? 32   DT  C C2    1 
ATOM   638  O  O2    . DT  C 1 8  ? -7.541  11.055  -9.075  1.00 31.01 ? 32   DT  C O2    1 
ATOM   639  N  N3    . DT  C 1 8  ? -5.549  10.435  -8.095  1.00 31.25 ? 32   DT  C N3    1 
ATOM   640  C  C4    . DT  C 1 8  ? -4.508  9.547   -7.868  1.00 30.57 ? 32   DT  C C4    1 
ATOM   641  O  O4    . DT  C 1 8  ? -3.575  9.839   -7.130  1.00 31.42 ? 32   DT  C O4    1 
ATOM   642  C  C5    . DT  C 1 8  ? -4.599  8.275   -8.551  1.00 29.45 ? 32   DT  C C5    1 
ATOM   643  C  C7    . DT  C 1 8  ? -3.527  7.235   -8.367  1.00 29.70 ? 32   DT  C C7    1 
ATOM   644  C  C6    . DT  C 1 8  ? -5.690  8.047   -9.319  1.00 28.44 ? 32   DT  C C6    1 
ATOM   645  P  P     . DC  C 1 9  ? -6.672  8.869   -14.959 1.00 37.13 ? 33   DC  C P     1 
ATOM   646  O  OP1   . DC  C 1 9  ? -7.260  8.498   -16.283 1.00 35.66 ? 33   DC  C OP1   1 
ATOM   647  O  OP2   . DC  C 1 9  ? -5.259  8.515   -14.688 1.00 36.27 ? 33   DC  C OP2   1 
ATOM   648  O  "O5'" . DC  C 1 9  ? -6.828  10.430  -14.682 1.00 34.61 ? 33   DC  C "O5'" 1 
ATOM   649  C  "C5'" . DC  C 1 9  ? -8.051  11.131  -14.803 1.00 36.37 ? 33   DC  C "C5'" 1 
ATOM   650  C  "C4'" . DC  C 1 9  ? -7.908  12.490  -14.164 1.00 37.85 ? 33   DC  C "C4'" 1 
ATOM   651  O  "O4'" . DC  C 1 9  ? -7.585  12.327  -12.766 1.00 37.69 ? 33   DC  C "O4'" 1 
ATOM   652  C  "C3'" . DC  C 1 9  ? -6.781  13.363  -14.714 1.00 39.72 ? 33   DC  C "C3'" 1 
ATOM   653  O  "O3'" . DC  C 1 9  ? -7.262  14.181  -15.773 1.00 42.70 ? 33   DC  C "O3'" 1 
ATOM   654  C  "C2'" . DC  C 1 9  ? -6.425  14.246  -13.533 1.00 37.71 ? 33   DC  C "C2'" 1 
ATOM   655  C  "C1'" . DC  C 1 9  ? -6.697  13.345  -12.334 1.00 36.87 ? 33   DC  C "C1'" 1 
ATOM   656  N  N1    . DC  C 1 9  ? -5.481  12.729  -11.693 1.00 36.13 ? 33   DC  C N1    1 
ATOM   657  C  C2    . DC  C 1 9  ? -4.803  13.456  -10.709 1.00 34.49 ? 33   DC  C C2    1 
ATOM   658  O  O2    . DC  C 1 9  ? -5.202  14.583  -10.389 1.00 37.08 ? 33   DC  C O2    1 
ATOM   659  N  N3    . DC  C 1 9  ? -3.719  12.899  -10.127 1.00 34.21 ? 33   DC  C N3    1 
ATOM   660  C  C4    . DC  C 1 9  ? -3.304  11.679  -10.478 1.00 32.94 ? 33   DC  C C4    1 
ATOM   661  N  N4    . DC  C 1 9  ? -2.232  11.182  -9.843  1.00 32.67 ? 33   DC  C N4    1 
ATOM   662  C  C5    . DC  C 1 9  ? -3.976  10.912  -11.481 1.00 34.12 ? 33   DC  C C5    1 
ATOM   663  C  C6    . DC  C 1 9  ? -5.035  11.489  -12.074 1.00 34.20 ? 33   DC  C C6    1 
ATOM   664  P  P     . DT  C 1 10 ? -6.215  14.940  -16.729 1.00 44.42 ? 34   DT  C P     1 
ATOM   665  O  OP1   . DT  C 1 10 ? -7.091  15.472  -17.804 1.00 44.91 ? 34   DT  C OP1   1 
ATOM   666  O  OP2   . DT  C 1 10 ? -5.074  14.039  -17.037 1.00 43.62 ? 34   DT  C OP2   1 
ATOM   667  O  "O5'" . DT  C 1 10 ? -5.668  16.134  -15.824 1.00 42.84 ? 34   DT  C "O5'" 1 
ATOM   668  C  "C5'" . DT  C 1 10 ? -6.533  17.127  -15.290 1.00 43.89 ? 34   DT  C "C5'" 1 
ATOM   669  C  "C4'" . DT  C 1 10 ? -5.730  18.199  -14.579 1.00 45.66 ? 34   DT  C "C4'" 1 
ATOM   670  O  "O4'" . DT  C 1 10 ? -4.970  17.641  -13.467 1.00 44.29 ? 34   DT  C "O4'" 1 
ATOM   671  C  "C3'" . DT  C 1 10 ? -4.707  18.917  -15.466 1.00 46.74 ? 34   DT  C "C3'" 1 
ATOM   672  O  "O3'" . DT  C 1 10 ? -4.693  20.270  -15.056 1.00 50.25 ? 34   DT  C "O3'" 1 
ATOM   673  C  "C2'" . DT  C 1 10 ? -3.375  18.228  -15.150 1.00 45.12 ? 34   DT  C "C2'" 1 
ATOM   674  C  "C1'" . DT  C 1 10 ? -3.568  17.856  -13.678 1.00 44.07 ? 34   DT  C "C1'" 1 
ATOM   675  N  N1    . DT  C 1 10 ? -2.833  16.610  -13.257 1.00 40.99 ? 34   DT  C N1    1 
ATOM   676  C  C2    . DT  C 1 10 ? -2.005  16.667  -12.147 1.00 41.60 ? 34   DT  C C2    1 
ATOM   677  O  O2    . DT  C 1 10 ? -1.809  17.684  -11.495 1.00 42.31 ? 34   DT  C O2    1 
ATOM   678  N  N3    . DT  C 1 10 ? -1.398  15.470  -11.835 1.00 38.75 ? 34   DT  C N3    1 
ATOM   679  C  C4    . DT  C 1 10 ? -1.542  14.279  -12.512 1.00 38.48 ? 34   DT  C C4    1 
ATOM   680  O  O4    . DT  C 1 10 ? -0.942  13.269  -12.157 1.00 37.40 ? 34   DT  C O4    1 
ATOM   681  C  C5    . DT  C 1 10 ? -2.423  14.288  -13.667 1.00 37.47 ? 34   DT  C C5    1 
ATOM   682  C  C7    . DT  C 1 10 ? -2.645  13.043  -14.482 1.00 36.79 ? 34   DT  C C7    1 
ATOM   683  C  C6    . DT  C 1 10 ? -3.024  15.444  -13.977 1.00 38.52 ? 34   DT  C C6    1 
ATOM   684  P  P     . DC  C 1 11 ? -3.904  21.411  -15.876 1.00 53.63 ? 35   DC  C P     1 
ATOM   685  O  OP1   . DC  C 1 11 ? -4.675  22.657  -15.584 1.00 52.88 ? 35   DC  C OP1   1 
ATOM   686  O  OP2   . DC  C 1 11 ? -3.629  20.933  -17.258 1.00 51.80 ? 35   DC  C OP2   1 
ATOM   687  O  "O5'" . DC  C 1 11 ? -2.508  21.476  -15.090 1.00 50.55 ? 35   DC  C "O5'" 1 
ATOM   688  C  "C5'" . DC  C 1 11 ? -2.500  21.971  -13.755 1.00 48.76 ? 35   DC  C "C5'" 1 
ATOM   689  C  "C4'" . DC  C 1 11 ? -1.095  21.891  -13.202 1.00 48.63 ? 35   DC  C "C4'" 1 
ATOM   690  O  "O4'" . DC  C 1 11 ? -0.778  20.502  -12.946 1.00 46.51 ? 35   DC  C "O4'" 1 
ATOM   691  C  "C3'" . DC  C 1 11 ? -0.015  22.420  -14.145 1.00 48.11 ? 35   DC  C "C3'" 1 
ATOM   692  O  "O3'" . DC  C 1 11 ? 0.670   23.453  -13.467 1.00 50.11 ? 35   DC  C "O3'" 1 
ATOM   693  C  "C2'" . DC  C 1 11 ? 0.903   21.230  -14.405 1.00 46.81 ? 35   DC  C "C2'" 1 
ATOM   694  C  "C1'" . DC  C 1 11 ? 0.576   20.277  -13.253 1.00 46.12 ? 35   DC  C "C1'" 1 
ATOM   695  N  N1    . DC  C 1 11 ? 0.743   18.808  -13.583 1.00 43.93 ? 35   DC  C N1    1 
ATOM   696  C  C2    . DC  C 1 11 ? 1.514   17.998  -12.737 1.00 44.86 ? 35   DC  C C2    1 
ATOM   697  O  O2    . DC  C 1 11 ? 2.046   18.498  -11.732 1.00 46.53 ? 35   DC  C O2    1 
ATOM   698  N  N3    . DC  C 1 11 ? 1.648   16.678  -13.045 1.00 43.65 ? 35   DC  C N3    1 
ATOM   699  C  C4    . DC  C 1 11 ? 1.062   16.170  -14.139 1.00 41.72 ? 35   DC  C C4    1 
ATOM   700  N  N4    . DC  C 1 11 ? 1.238   14.866  -14.380 1.00 42.95 ? 35   DC  C N4    1 
ATOM   701  C  C5    . DC  C 1 11 ? 0.271   16.979  -15.019 1.00 43.01 ? 35   DC  C C5    1 
ATOM   702  C  C6    . DC  C 1 11 ? 0.141   18.274  -14.700 1.00 42.51 ? 35   DC  C C6    1 
ATOM   703  P  P     . DC  C 1 12 ? 1.780   24.371  -14.180 1.00 50.42 ? 36   DC  C P     1 
ATOM   704  O  OP1   . DC  C 1 12 ? 1.705   25.655  -13.428 1.00 53.22 ? 36   DC  C OP1   1 
ATOM   705  O  OP2   . DC  C 1 12 ? 1.580   24.310  -15.644 1.00 48.99 ? 36   DC  C OP2   1 
ATOM   706  O  "O5'" . DC  C 1 12 ? 3.168   23.662  -13.808 1.00 49.39 ? 36   DC  C "O5'" 1 
ATOM   707  C  "C5'" . DC  C 1 12 ? 3.634   23.692  -12.453 1.00 49.09 ? 36   DC  C "C5'" 1 
ATOM   708  C  "C4'" . DC  C 1 12 ? 4.814   22.755  -12.269 1.00 48.05 ? 36   DC  C "C4'" 1 
ATOM   709  O  "O4'" . DC  C 1 12 ? 4.319   21.413  -12.419 1.00 47.00 ? 36   DC  C "O4'" 1 
ATOM   710  C  "C3'" . DC  C 1 12 ? 5.898   22.823  -13.336 1.00 48.28 ? 36   DC  C "C3'" 1 
ATOM   711  O  "O3'" . DC  C 1 12 ? 6.803   23.870  -13.031 1.00 49.90 ? 36   DC  C "O3'" 1 
ATOM   712  C  "C2'" . DC  C 1 12 ? 6.551   21.440  -13.267 1.00 47.06 ? 36   DC  C "C2'" 1 
ATOM   713  C  "C1'" . DC  C 1 12 ? 5.410   20.572  -12.731 1.00 45.50 ? 36   DC  C "C1'" 1 
ATOM   714  N  N1    . DC  C 1 12 ? 4.925   19.517  -13.660 1.00 42.96 ? 36   DC  C N1    1 
ATOM   715  C  C2    . DC  C 1 12 ? 5.366   18.217  -13.428 1.00 40.01 ? 36   DC  C C2    1 
ATOM   716  O  O2    . DC  C 1 12 ? 6.121   18.023  -12.486 1.00 38.60 ? 36   DC  C O2    1 
ATOM   717  N  N3    . DC  C 1 12 ? 4.961   17.225  -14.236 1.00 39.37 ? 36   DC  C N3    1 
ATOM   718  C  C4    . DC  C 1 12 ? 4.140   17.469  -15.247 1.00 39.25 ? 36   DC  C C4    1 
ATOM   719  N  N4    . DC  C 1 12 ? 3.786   16.416  -16.005 1.00 38.02 ? 36   DC  C N4    1 
ATOM   720  C  C5    . DC  C 1 12 ? 3.672   18.795  -15.524 1.00 42.14 ? 36   DC  C C5    1 
ATOM   721  C  C6    . DC  C 1 12 ? 4.089   19.781  -14.710 1.00 41.93 ? 36   DC  C C6    1 
ATOM   722  O  "O5'" . DG  D 2 1  ? 8.129   7.099   -13.347 1.00 57.31 ? 37   DG  D "O5'" 1 
ATOM   723  C  "C5'" . DG  D 2 1  ? 9.394   7.733   -13.223 1.00 53.69 ? 37   DG  D "C5'" 1 
ATOM   724  C  "C4'" . DG  D 2 1  ? 9.483   8.601   -11.968 1.00 52.23 ? 37   DG  D "C4'" 1 
ATOM   725  O  "O4'" . DG  D 2 1  ? 9.118   9.969   -12.287 1.00 50.19 ? 37   DG  D "O4'" 1 
ATOM   726  C  "C3'" . DG  D 2 1  ? 8.643   8.251   -10.738 1.00 51.86 ? 37   DG  D "C3'" 1 
ATOM   727  O  "O3'" . DG  D 2 1  ? 9.418   8.654   -9.616  1.00 52.90 ? 37   DG  D "O3'" 1 
ATOM   728  C  "C2'" . DG  D 2 1  ? 7.383   9.099   -10.925 1.00 50.67 ? 37   DG  D "C2'" 1 
ATOM   729  C  "C1'" . DG  D 2 1  ? 7.935   10.344  -11.625 1.00 49.31 ? 37   DG  D "C1'" 1 
ATOM   730  N  N9    . DG  D 2 1  ? 7.019   10.914  -12.608 1.00 46.24 ? 37   DG  D N9    1 
ATOM   731  C  C8    . DG  D 2 1  ? 6.230   10.257  -13.525 1.00 45.88 ? 37   DG  D C8    1 
ATOM   732  N  N7    . DG  D 2 1  ? 5.510   11.071  -14.263 1.00 44.90 ? 37   DG  D N7    1 
ATOM   733  C  C5    . DG  D 2 1  ? 5.849   12.325  -13.800 1.00 42.99 ? 37   DG  D C5    1 
ATOM   734  C  C6    . DG  D 2 1  ? 5.392   13.596  -14.212 1.00 42.59 ? 37   DG  D C6    1 
ATOM   735  O  O6    . DG  D 2 1  ? 4.565   13.825  -15.103 1.00 40.84 ? 37   DG  D O6    1 
ATOM   736  N  N1    . DG  D 2 1  ? 5.985   14.626  -13.478 1.00 41.05 ? 37   DG  D N1    1 
ATOM   737  C  C2    . DG  D 2 1  ? 6.911   14.441  -12.473 1.00 40.67 ? 37   DG  D C2    1 
ATOM   738  N  N2    . DG  D 2 1  ? 7.389   15.523  -11.853 1.00 39.23 ? 37   DG  D N2    1 
ATOM   739  N  N3    . DG  D 2 1  ? 7.344   13.267  -12.078 1.00 42.88 ? 37   DG  D N3    1 
ATOM   740  C  C4    . DG  D 2 1  ? 6.770   12.253  -12.781 1.00 44.29 ? 37   DG  D C4    1 
ATOM   741  P  P     . DG  D 2 2  ? 8.921   8.659   -8.073  1.00 55.21 ? 38   DG  D P     1 
ATOM   742  O  OP1   . DG  D 2 2  ? 10.107  8.388   -7.239  1.00 53.93 ? 38   DG  D OP1   1 
ATOM   743  O  OP2   . DG  D 2 2  ? 7.698   7.819   -7.967  1.00 53.67 ? 38   DG  D OP2   1 
ATOM   744  O  "O5'" . DG  D 2 2  ? 8.490   10.187  -7.853  1.00 53.69 ? 38   DG  D "O5'" 1 
ATOM   745  C  "C5'" . DG  D 2 2  ? 9.442   11.220  -7.623  1.00 54.10 ? 38   DG  D "C5'" 1 
ATOM   746  C  "C4'" . DG  D 2 2  ? 8.710   12.498  -7.231  1.00 53.77 ? 38   DG  D "C4'" 1 
ATOM   747  O  "O4'" . DG  D 2 2  ? 7.842   12.966  -8.293  1.00 52.45 ? 38   DG  D "O4'" 1 
ATOM   748  C  "C3'" . DG  D 2 2  ? 7.799   12.356  -6.018  1.00 54.66 ? 38   DG  D "C3'" 1 
ATOM   749  O  "O3'" . DG  D 2 2  ? 7.981   13.533  -5.288  1.00 57.44 ? 38   DG  D "O3'" 1 
ATOM   750  C  "C2'" . DG  D 2 2  ? 6.382   12.236  -6.594  1.00 52.83 ? 38   DG  D "C2'" 1 
ATOM   751  C  "C1'" . DG  D 2 2  ? 6.513   13.155  -7.812  1.00 50.74 ? 38   DG  D "C1'" 1 
ATOM   752  N  N9    . DG  D 2 2  ? 5.596   12.894  -8.927  1.00 46.60 ? 38   DG  D N9    1 
ATOM   753  C  C8    . DG  D 2 2  ? 5.288   11.677  -9.485  1.00 45.31 ? 38   DG  D C8    1 
ATOM   754  N  N7    . DG  D 2 2  ? 4.461   11.763  -10.487 1.00 45.53 ? 38   DG  D N7    1 
ATOM   755  C  C5    . DG  D 2 2  ? 4.219   13.124  -10.605 1.00 43.71 ? 38   DG  D C5    1 
ATOM   756  C  C6    . DG  D 2 2  ? 3.392   13.831  -11.526 1.00 41.59 ? 38   DG  D C6    1 
ATOM   757  O  O6    . DG  D 2 2  ? 2.701   13.374  -12.436 1.00 39.81 ? 38   DG  D O6    1 
ATOM   758  N  N1    . DG  D 2 2  ? 3.408   15.203  -11.313 1.00 42.51 ? 38   DG  D N1    1 
ATOM   759  C  C2    . DG  D 2 2  ? 4.148   15.829  -10.329 1.00 43.24 ? 38   DG  D C2    1 
ATOM   760  N  N2    . DG  D 2 2  ? 4.038   17.159  -10.284 1.00 43.64 ? 38   DG  D N2    1 
ATOM   761  N  N3    . DG  D 2 2  ? 4.928   15.187  -9.453  1.00 44.93 ? 38   DG  D N3    1 
ATOM   762  C  C4    . DG  D 2 2  ? 4.916   13.834  -9.656  1.00 44.20 ? 38   DG  D C4    1 
ATOM   763  P  P     . DA  D 2 3  ? 7.209   13.799  -3.915  1.00 60.39 ? 39   DA  D P     1 
ATOM   764  O  OP1   . DA  D 2 3  ? 8.251   14.330  -3.004  1.00 60.40 ? 39   DA  D OP1   1 
ATOM   765  O  OP2   . DA  D 2 3  ? 6.377   12.611  -3.552  1.00 59.66 ? 39   DA  D OP2   1 
ATOM   766  O  "O5'" . DA  D 2 3  ? 6.206   14.975  -4.303  1.00 57.89 ? 39   DA  D "O5'" 1 
ATOM   767  C  "C5'" . DA  D 2 3  ? 6.692   16.237  -4.715  1.00 57.76 ? 39   DA  D "C5'" 1 
ATOM   768  C  "C4'" . DA  D 2 3  ? 5.493   17.141  -4.898  1.00 56.58 ? 39   DA  D "C4'" 1 
ATOM   769  O  "O4'" . DA  D 2 3  ? 4.738   16.679  -6.044  1.00 57.26 ? 39   DA  D "O4'" 1 
ATOM   770  C  "C3'" . DA  D 2 3  ? 4.511   17.116  -3.734  1.00 56.96 ? 39   DA  D "C3'" 1 
ATOM   771  O  "O3'" . DA  D 2 3  ? 4.132   18.454  -3.498  1.00 58.84 ? 39   DA  D "O3'" 1 
ATOM   772  C  "C2'" . DA  D 2 3  ? 3.339   16.251  -4.201  1.00 54.68 ? 39   DA  D "C2'" 1 
ATOM   773  C  "C1'" . DA  D 2 3  ? 3.375   16.498  -5.704  1.00 52.96 ? 39   DA  D "C1'" 1 
ATOM   774  N  N9    . DA  D 2 3  ? 2.875   15.420  -6.556  1.00 49.25 ? 39   DA  D N9    1 
ATOM   775  C  C8    . DA  D 2 3  ? 3.200   14.095  -6.501  1.00 47.68 ? 39   DA  D C8    1 
ATOM   776  N  N7    . DA  D 2 3  ? 2.605   13.372  -7.413  1.00 47.98 ? 39   DA  D N7    1 
ATOM   777  C  C5    . DA  D 2 3  ? 1.840   14.291  -8.126  1.00 46.49 ? 39   DA  D C5    1 
ATOM   778  C  C6    . DA  D 2 3  ? 0.967   14.168  -9.239  1.00 44.04 ? 39   DA  D C6    1 
ATOM   779  N  N6    . DA  D 2 3  ? 0.721   12.998  -9.839  1.00 38.60 ? 39   DA  D N6    1 
ATOM   780  N  N1    . DA  D 2 3  ? 0.370   15.293  -9.707  1.00 42.09 ? 39   DA  D N1    1 
ATOM   781  C  C2    . DA  D 2 3  ? 0.621   16.461  -9.107  1.00 44.54 ? 39   DA  D C2    1 
ATOM   782  N  N3    . DA  D 2 3  ? 1.423   16.693  -8.060  1.00 46.18 ? 39   DA  D N3    1 
ATOM   783  C  C4    . DA  D 2 3  ? 2.001   15.563  -7.612  1.00 46.74 ? 39   DA  D C4    1 
ATOM   784  P  P     . DG  D 2 4  ? 3.384   18.850  -2.139  1.00 60.68 ? 40   DG  D P     1 
ATOM   785  O  OP1   . DG  D 2 4  ? 3.860   20.212  -1.801  1.00 60.88 ? 40   DG  D OP1   1 
ATOM   786  O  OP2   . DG  D 2 4  ? 3.428   17.722  -1.164  1.00 58.65 ? 40   DG  D OP2   1 
ATOM   787  O  "O5'" . DG  D 2 4  ? 1.862   18.959  -2.624  1.00 58.74 ? 40   DG  D "O5'" 1 
ATOM   788  C  "C5'" . DG  D 2 4  ? 1.443   19.874  -3.628  1.00 56.86 ? 40   DG  D "C5'" 1 
ATOM   789  C  "C4'" . DG  D 2 4  ? 0.046   19.453  -4.035  1.00 55.41 ? 40   DG  D "C4'" 1 
ATOM   790  O  "O4'" . DG  D 2 4  ? 0.140   18.252  -4.843  1.00 52.26 ? 40   DG  D "O4'" 1 
ATOM   791  C  "C3'" . DG  D 2 4  ? -0.852  19.075  -2.856  1.00 55.62 ? 40   DG  D "C3'" 1 
ATOM   792  O  "O3'" . DG  D 2 4  ? -2.047  19.826  -2.957  1.00 60.10 ? 40   DG  D "O3'" 1 
ATOM   793  C  "C2'" . DG  D 2 4  ? -1.101  17.575  -3.027  1.00 52.59 ? 40   DG  D "C2'" 1 
ATOM   794  C  "C1'" . DG  D 2 4  ? -0.990  17.478  -4.541  1.00 49.08 ? 40   DG  D "C1'" 1 
ATOM   795  N  N9    . DG  D 2 4  ? -0.851  16.120  -5.050  1.00 44.64 ? 40   DG  D N9    1 
ATOM   796  C  C8    . DG  D 2 4  ? -0.124  15.081  -4.518  1.00 43.58 ? 40   DG  D C8    1 
ATOM   797  N  N7    . DG  D 2 4  ? -0.231  13.971  -5.193  1.00 41.49 ? 40   DG  D N7    1 
ATOM   798  C  C5    . DG  D 2 4  ? -1.076  14.307  -6.248  1.00 41.19 ? 40   DG  D C5    1 
ATOM   799  C  C6    . DG  D 2 4  ? -1.564  13.520  -7.313  1.00 38.98 ? 40   DG  D C6    1 
ATOM   800  O  O6    . DG  D 2 4  ? -1.303  12.334  -7.511  1.00 38.51 ? 40   DG  D O6    1 
ATOM   801  N  N1    . DG  D 2 4  ? -2.422  14.231  -8.168  1.00 38.48 ? 40   DG  D N1    1 
ATOM   802  C  C2    . DG  D 2 4  ? -2.748  15.567  -7.997  1.00 39.38 ? 40   DG  D C2    1 
ATOM   803  N  N2    . DG  D 2 4  ? -3.589  16.152  -8.877  1.00 37.73 ? 40   DG  D N2    1 
ATOM   804  N  N3    . DG  D 2 4  ? -2.288  16.303  -6.995  1.00 40.82 ? 40   DG  D N3    1 
ATOM   805  C  C4    . DG  D 2 4  ? -1.465  15.620  -6.169  1.00 41.18 ? 40   DG  D C4    1 
ATOM   806  P  P     . DA  D 2 5  ? -2.913  20.218  -1.661  1.00 63.93 ? 41   DA  D P     1 
ATOM   807  O  OP1   . DA  D 2 5  ? -2.740  21.686  -1.551  1.00 64.53 ? 41   DA  D OP1   1 
ATOM   808  O  OP2   . DA  D 2 5  ? -2.606  19.329  -0.510  1.00 63.06 ? 41   DA  D OP2   1 
ATOM   809  O  "O5'" . DA  D 2 5  ? -4.419  19.805  -2.089  1.00 60.99 ? 41   DA  D "O5'" 1 
ATOM   810  C  "C5'" . DA  D 2 5  ? -5.170  20.568  -3.011  1.00 55.89 ? 41   DA  D "C5'" 1 
ATOM   811  C  "C4'" . DA  D 2 5  ? -5.978  19.680  -3.936  1.00 51.03 ? 41   DA  D "C4'" 1 
ATOM   812  O  "O4'" . DA  D 2 5  ? -5.088  18.828  -4.677  1.00 48.16 ? 41   DA  D "O4'" 1 
ATOM   813  C  "C3'" . DA  D 2 5  ? -6.909  18.648  -3.332  1.00 49.29 ? 41   DA  D "C3'" 1 
ATOM   814  O  "O3'" . DA  D 2 5  ? -8.084  19.255  -2.865  1.00 47.93 ? 41   DA  D "O3'" 1 
ATOM   815  C  "C2'" . DA  D 2 5  ? -7.243  17.870  -4.597  1.00 46.26 ? 41   DA  D "C2'" 1 
ATOM   816  C  "C1'" . DA  D 2 5  ? -5.873  17.798  -5.235  1.00 45.32 ? 41   DA  D "C1'" 1 
ATOM   817  N  N9    . DA  D 2 5  ? -5.199  16.515  -4.993  1.00 40.60 ? 41   DA  D N9    1 
ATOM   818  C  C8    . DA  D 2 5  ? -4.304  16.217  -4.017  1.00 38.61 ? 41   DA  D C8    1 
ATOM   819  N  N7    . DA  D 2 5  ? -3.861  14.978  -4.073  1.00 36.98 ? 41   DA  D N7    1 
ATOM   820  C  C5    . DA  D 2 5  ? -4.526  14.428  -5.157  1.00 35.19 ? 41   DA  D C5    1 
ATOM   821  C  C6    . DA  D 2 5  ? -4.484  13.145  -5.754  1.00 32.44 ? 41   DA  D C6    1 
ATOM   822  N  N6    . DA  D 2 5  ? -3.737  12.112  -5.290  1.00 28.62 ? 41   DA  D N6    1 
ATOM   823  N  N1    . DA  D 2 5  ? -5.285  12.957  -6.817  1.00 33.75 ? 41   DA  D N1    1 
ATOM   824  C  C2    . DA  D 2 5  ? -6.048  13.958  -7.282  1.00 34.66 ? 41   DA  D C2    1 
ATOM   825  N  N3    . DA  D 2 5  ? -6.161  15.206  -6.808  1.00 36.09 ? 41   DA  D N3    1 
ATOM   826  C  C4    . DA  D 2 5  ? -5.363  15.370  -5.735  1.00 38.03 ? 41   DA  D C4    1 
ATOM   827  P  P     . DC  D 2 6  ? -9.010  18.493  -1.813  1.00 47.51 ? 42   DC  D P     1 
ATOM   828  O  OP1   . DC  D 2 6  ? -10.092 19.423  -1.411  1.00 49.82 ? 42   DC  D OP1   1 
ATOM   829  O  OP2   . DC  D 2 6  ? -8.137  17.897  -0.785  1.00 45.08 ? 42   DC  D OP2   1 
ATOM   830  O  "O5'" . DC  D 2 6  ? -9.700  17.324  -2.683  1.00 44.43 ? 42   DC  D "O5'" 1 
ATOM   831  C  "C5'" . DC  D 2 6  ? -10.658 17.622  -3.714  1.00 41.05 ? 42   DC  D "C5'" 1 
ATOM   832  C  "C4'" . DC  D 2 6  ? -10.879 16.380  -4.559  1.00 38.32 ? 42   DC  D "C4'" 1 
ATOM   833  O  "O4'" . DC  D 2 6  ? -9.605  15.922  -5.062  1.00 37.35 ? 42   DC  D "O4'" 1 
ATOM   834  C  "C3'" . DC  D 2 6  ? -11.403 15.180  -3.792  1.00 36.45 ? 42   DC  D "C3'" 1 
ATOM   835  O  "O3'" . DC  D 2 6  ? -12.821 15.259  -3.613  1.00 35.82 ? 42   DC  D "O3'" 1 
ATOM   836  C  "C2'" . DC  D 2 6  ? -11.038 14.046  -4.750  1.00 34.68 ? 42   DC  D "C2'" 1 
ATOM   837  C  "C1'" . DC  D 2 6  ? -9.660  14.511  -5.221  1.00 34.46 ? 42   DC  D "C1'" 1 
ATOM   838  N  N1    . DC  D 2 6  ? -8.540  13.863  -4.487  1.00 31.72 ? 42   DC  D N1    1 
ATOM   839  C  C2    . DC  D 2 6  ? -8.138  12.579  -4.909  1.00 30.21 ? 42   DC  D C2    1 
ATOM   840  O  O2    . DC  D 2 6  ? -8.730  12.031  -5.880  1.00 30.76 ? 42   DC  D O2    1 
ATOM   841  N  N3    . DC  D 2 6  ? -7.112  12.000  -4.223  1.00 29.25 ? 42   DC  D N3    1 
ATOM   842  C  C4    . DC  D 2 6  ? -6.503  12.611  -3.187  1.00 28.71 ? 42   DC  D C4    1 
ATOM   843  N  N4    . DC  D 2 6  ? -5.486  11.979  -2.561  1.00 28.03 ? 42   DC  D N4    1 
ATOM   844  C  C5    . DC  D 2 6  ? -6.903  13.911  -2.747  1.00 32.34 ? 42   DC  D C5    1 
ATOM   845  C  C6    . DC  D 2 6  ? -7.917  14.489  -3.428  1.00 31.61 ? 42   DC  D C6    1 
ATOM   846  P  P     . DC  D 2 7  ? -13.585 14.430  -2.482  1.00 38.53 ? 43   DC  D P     1 
ATOM   847  O  OP1   . DC  D 2 7  ? -15.004 14.796  -2.435  1.00 41.19 ? 43   DC  D OP1   1 
ATOM   848  O  OP2   . DC  D 2 7  ? -12.756 14.355  -1.253  1.00 41.32 ? 43   DC  D OP2   1 
ATOM   849  O  "O5'" . DC  D 2 7  ? -13.587 12.908  -3.073  1.00 37.85 ? 43   DC  D "O5'" 1 
ATOM   850  C  "C5'" . DC  D 2 7  ? -14.412 12.474  -4.159  1.00 34.72 ? 43   DC  D "C5'" 1 
ATOM   851  C  "C4'" . DC  D 2 7  ? -14.399 10.944  -4.234  1.00 31.60 ? 43   DC  D "C4'" 1 
ATOM   852  O  "O4'" . DC  D 2 7  ? -13.127 10.533  -4.784  1.00 30.16 ? 43   DC  D "O4'" 1 
ATOM   853  C  "C3'" . DC  D 2 7  ? -14.483 10.202  -2.917  1.00 30.81 ? 43   DC  D "C3'" 1 
ATOM   854  O  "O3'" . DC  D 2 7  ? -15.854 10.051  -2.598  1.00 31.51 ? 43   DC  D "O3'" 1 
ATOM   855  C  "C2'" . DC  D 2 7  ? -13.854 8.847   -3.274  1.00 26.30 ? 43   DC  D "C2'" 1 
ATOM   856  C  "C1'" . DC  D 2 7  ? -12.722 9.292   -4.180  1.00 28.20 ? 43   DC  D "C1'" 1 
ATOM   857  N  N1    . DC  D 2 7  ? -11.407 9.486   -3.467  1.00 29.43 ? 43   DC  D N1    1 
ATOM   858  C  C2    . DC  D 2 7  ? -10.634 8.342   -3.211  1.00 28.59 ? 43   DC  D C2    1 
ATOM   859  O  O2    . DC  D 2 7  ? -11.093 7.269   -3.580  1.00 27.75 ? 43   DC  D O2    1 
ATOM   860  N  N3    . DC  D 2 7  ? -9.446  8.473   -2.572  1.00 26.89 ? 43   DC  D N3    1 
ATOM   861  C  C4    . DC  D 2 7  ? -9.021  9.684   -2.206  1.00 28.27 ? 43   DC  D C4    1 
ATOM   862  N  N4    . DC  D 2 7  ? -7.836  9.783   -1.615  1.00 24.86 ? 43   DC  D N4    1 
ATOM   863  C  C5    . DC  D 2 7  ? -9.801  10.875  -2.432  1.00 29.01 ? 43   DC  D C5    1 
ATOM   864  C  C6    . DC  D 2 7  ? -10.969 10.703  -3.072  1.00 27.17 ? 43   DC  D C6    1 
ATOM   865  P  P     . DA  D 2 8  ? -16.331 9.872   -1.092  1.00 33.24 ? 44   DA  D P     1 
ATOM   866  O  OP1   . DA  D 2 8  ? -17.817 9.714   -1.083  1.00 33.22 ? 44   DA  D OP1   1 
ATOM   867  O  OP2   . DA  D 2 8  ? -15.704 10.922  -0.255  1.00 34.53 ? 44   DA  D OP2   1 
ATOM   868  O  "O5'" . DA  D 2 8  ? -15.748 8.420   -0.764  1.00 32.70 ? 44   DA  D "O5'" 1 
ATOM   869  C  "C5'" . DA  D 2 8  ? -15.243 8.125   0.529   1.00 32.75 ? 44   DA  D "C5'" 1 
ATOM   870  C  "C4'" . DA  D 2 8  ? -14.552 6.768   0.473   1.00 31.05 ? 44   DA  D "C4'" 1 
ATOM   871  O  "O4'" . DA  D 2 8  ? -13.451 6.762   -0.485  1.00 31.53 ? 44   DA  D "O4'" 1 
ATOM   872  C  "C3'" . DA  D 2 8  ? -13.910 6.370   1.794   1.00 31.81 ? 44   DA  D "C3'" 1 
ATOM   873  O  "O3'" . DA  D 2 8  ? -14.924 5.774   2.626   1.00 36.63 ? 44   DA  D "O3'" 1 
ATOM   874  C  "C2'" . DA  D 2 8  ? -12.916 5.316   1.315   1.00 31.50 ? 44   DA  D "C2'" 1 
ATOM   875  C  "C1'" . DA  D 2 8  ? -12.362 6.005   0.055   1.00 30.87 ? 44   DA  D "C1'" 1 
ATOM   876  N  N9    . DA  D 2 8  ? -11.257 6.933   0.330   1.00 29.34 ? 44   DA  D N9    1 
ATOM   877  C  C8    . DA  D 2 8  ? -11.281 8.318   0.357   1.00 30.29 ? 44   DA  D C8    1 
ATOM   878  N  N7    . DA  D 2 8  ? -10.130 8.877   0.612   1.00 29.69 ? 44   DA  D N7    1 
ATOM   879  C  C5    . DA  D 2 8  ? -9.292  7.752   0.800   1.00 28.57 ? 44   DA  D C5    1 
ATOM   880  C  C6    . DA  D 2 8  ? -7.908  7.590   1.088   1.00 28.74 ? 44   DA  D C6    1 
ATOM   881  N  N6    . DA  D 2 8  ? -7.068  8.583   1.316   1.00 27.90 ? 44   DA  D N6    1 
ATOM   882  N  N1    . DA  D 2 8  ? -7.400  6.329   1.154   1.00 26.19 ? 44   DA  D N1    1 
ATOM   883  C  C2    . DA  D 2 8  ? -8.221  5.296   0.966   1.00 25.66 ? 44   DA  D C2    1 
ATOM   884  N  N3    . DA  D 2 8  ? -9.519  5.285   0.694   1.00 26.29 ? 44   DA  D N3    1 
ATOM   885  C  C4    . DA  D 2 8  ? -9.977  6.568   0.628   1.00 28.25 ? 44   DA  D C4    1 
ATOM   886  P  P     . DG  D 2 9  ? -14.793 5.920   4.224   1.00 40.76 ? 45   DG  D P     1 
ATOM   887  O  OP1   . DG  D 2 9  ? -16.076 5.359   4.757   1.00 40.84 ? 45   DG  D OP1   1 
ATOM   888  O  OP2   . DG  D 2 9  ? -14.381 7.296   4.539   1.00 38.92 ? 45   DG  D OP2   1 
ATOM   889  O  "O5'" . DG  D 2 9  ? -13.614 4.919   4.622   1.00 37.88 ? 45   DG  D "O5'" 1 
ATOM   890  C  "C5'" . DG  D 2 9  ? -13.746 3.512   4.425   1.00 39.56 ? 45   DG  D "C5'" 1 
ATOM   891  C  "C4'" . DG  D 2 9  ? -12.409 2.823   4.593   1.00 40.08 ? 45   DG  D "C4'" 1 
ATOM   892  O  "O4'" . DG  D 2 9  ? -11.485 3.393   3.633   1.00 38.71 ? 45   DG  D "O4'" 1 
ATOM   893  C  "C3'" . DG  D 2 9  ? -11.733 3.074   5.940   1.00 41.18 ? 45   DG  D "C3'" 1 
ATOM   894  O  "O3'" . DG  D 2 9  ? -12.249 2.196   6.934   1.00 43.84 ? 45   DG  D "O3'" 1 
ATOM   895  C  "C2'" . DG  D 2 9  ? -10.286 2.761   5.580   1.00 39.21 ? 45   DG  D "C2'" 1 
ATOM   896  C  "C1'" . DG  D 2 9  ? -10.175 3.381   4.185   1.00 37.66 ? 45   DG  D "C1'" 1 
ATOM   897  N  N9    . DG  D 2 9  ? -9.657  4.748   4.225   1.00 35.69 ? 45   DG  D N9    1 
ATOM   898  C  C8    . DG  D 2 9  ? -10.332 5.946   4.129   1.00 33.68 ? 45   DG  D C8    1 
ATOM   899  N  N7    . DG  D 2 9  ? -9.535  6.991   4.231   1.00 35.10 ? 45   DG  D N7    1 
ATOM   900  C  C5    . DG  D 2 9  ? -8.265  6.448   4.406   1.00 32.29 ? 45   DG  D C5    1 
ATOM   901  C  C6    . DG  D 2 9  ? -6.982  7.059   4.571   1.00 30.59 ? 45   DG  D C6    1 
ATOM   902  O  O6    . DG  D 2 9  ? -6.732  8.249   4.576   1.00 29.38 ? 45   DG  D O6    1 
ATOM   903  N  N1    . DG  D 2 9  ? -5.939  6.149   4.750   1.00 30.68 ? 45   DG  D N1    1 
ATOM   904  C  C2    . DG  D 2 9  ? -6.126  4.786   4.758   1.00 31.44 ? 45   DG  D C2    1 
ATOM   905  N  N2    . DG  D 2 9  ? -5.044  4.009   4.925   1.00 36.26 ? 45   DG  D N2    1 
ATOM   906  N  N3    . DG  D 2 9  ? -7.313  4.199   4.605   1.00 31.86 ? 45   DG  D N3    1 
ATOM   907  C  C4    . DG  D 2 9  ? -8.330  5.079   4.420   1.00 33.04 ? 45   DG  D C4    1 
ATOM   908  P  P     . DA  D 2 10 ? -12.084 2.547   8.496   1.00 46.56 ? 46   DA  D P     1 
ATOM   909  O  OP1   . DA  D 2 10 ? -12.925 1.589   9.243   1.00 46.98 ? 46   DA  D OP1   1 
ATOM   910  O  OP2   . DA  D 2 10 ? -12.343 3.995   8.733   1.00 44.08 ? 46   DA  D OP2   1 
ATOM   911  O  "O5'" . DA  D 2 10 ? -10.532 2.286   8.743   1.00 43.79 ? 46   DA  D "O5'" 1 
ATOM   912  C  "C5'" . DA  D 2 10 ? -9.956  0.970   8.658   1.00 44.49 ? 46   DA  D "C5'" 1 
ATOM   913  C  "C4'" . DA  D 2 10 ? -8.463  0.983   8.952   1.00 43.84 ? 46   DA  D "C4'" 1 
ATOM   914  O  "O4'" . DA  D 2 10 ? -7.751  1.715   7.916   1.00 41.46 ? 46   DA  D "O4'" 1 
ATOM   915  C  "C3'" . DA  D 2 10 ? -8.068  1.685   10.250  1.00 43.92 ? 46   DA  D "C3'" 1 
ATOM   916  O  "O3'" . DA  D 2 10 ? -8.261  0.831   11.371  1.00 47.30 ? 46   DA  D "O3'" 1 
ATOM   917  C  "C2'" . DA  D 2 10 ? -6.608  2.024   9.975   1.00 42.61 ? 46   DA  D "C2'" 1 
ATOM   918  C  "C1'" . DA  D 2 10 ? -6.706  2.464   8.509   1.00 42.44 ? 46   DA  D "C1'" 1 
ATOM   919  N  N9    . DA  D 2 10 ? -6.997  3.893   8.308   1.00 40.63 ? 46   DA  D N9    1 
ATOM   920  C  C8    . DA  D 2 10 ? -8.207  4.484   8.076   1.00 40.28 ? 46   DA  D C8    1 
ATOM   921  N  N7    . DA  D 2 10 ? -8.143  5.785   7.920   1.00 40.28 ? 46   DA  D N7    1 
ATOM   922  C  C5    . DA  D 2 10 ? -6.788  6.067   8.056   1.00 39.14 ? 46   DA  D C5    1 
ATOM   923  C  C6    . DA  D 2 10 ? -6.033  7.264   7.997   1.00 37.60 ? 46   DA  D C6    1 
ATOM   924  N  N6    . DA  D 2 10 ? -6.568  8.463   7.774   1.00 36.55 ? 46   DA  D N6    1 
ATOM   925  N  N1    . DA  D 2 10 ? -4.695  7.202   8.185   1.00 36.68 ? 46   DA  D N1    1 
ATOM   926  C  C2    . DA  D 2 10 ? -4.141  6.009   8.416   1.00 38.42 ? 46   DA  D C2    1 
ATOM   927  N  N3    . DA  D 2 10 ? -4.737  4.811   8.476   1.00 38.09 ? 46   DA  D N3    1 
ATOM   928  C  C4    . DA  D 2 10 ? -6.071  4.912   8.296   1.00 39.75 ? 46   DA  D C4    1 
ATOM   929  P  P     . DG  D 2 11 ? -8.555  1.547   12.780  1.00 49.65 ? 47   DG  D P     1 
ATOM   930  O  OP1   . DG  D 2 11 ? -8.986  0.515   13.747  1.00 50.81 ? 47   DG  D OP1   1 
ATOM   931  O  OP2   . DG  D 2 11 ? -9.301  2.828   12.614  1.00 51.50 ? 47   DG  D OP2   1 
ATOM   932  O  "O5'" . DG  D 2 11 ? -7.060  1.986   13.078  1.00 46.73 ? 47   DG  D "O5'" 1 
ATOM   933  C  "C5'" . DG  D 2 11 ? -6.826  2.982   13.976  1.00 45.84 ? 47   DG  D "C5'" 1 
ATOM   934  C  "C4'" . DG  D 2 11 ? -5.362  3.291   13.854  1.00 44.85 ? 47   DG  D "C4'" 1 
ATOM   935  O  "O4'" . DG  D 2 11 ? -5.050  3.568   12.469  1.00 44.79 ? 47   DG  D "O4'" 1 
ATOM   936  C  "C3'" . DG  D 2 11 ? -5.026  4.559   14.592  1.00 43.16 ? 47   DG  D "C3'" 1 
ATOM   937  O  "O3'" . DG  D 2 11 ? -4.944  4.263   16.003  1.00 43.75 ? 47   DG  D "O3'" 1 
ATOM   938  C  "C2'" . DG  D 2 11 ? -3.724  4.904   13.872  1.00 42.49 ? 47   DG  D "C2'" 1 
ATOM   939  C  "C1'" . DG  D 2 11 ? -4.211  4.719   12.421  1.00 41.66 ? 47   DG  D "C1'" 1 
ATOM   940  N  N9    . DG  D 2 11 ? -5.034  5.831   11.954  1.00 37.30 ? 47   DG  D N9    1 
ATOM   941  C  C8    . DG  D 2 11 ? -6.368  5.834   11.637  1.00 37.21 ? 47   DG  D C8    1 
ATOM   942  N  N7    . DG  D 2 11 ? -6.841  6.998   11.281  1.00 37.14 ? 47   DG  D N7    1 
ATOM   943  C  C5    . DG  D 2 11 ? -5.739  7.832   11.366  1.00 35.61 ? 47   DG  D C5    1 
ATOM   944  C  C6    . DG  D 2 11 ? -5.636  9.226   11.105  1.00 33.58 ? 47   DG  D C6    1 
ATOM   945  O  O6    . DG  D 2 11 ? -6.543  9.966   10.721  1.00 35.66 ? 47   DG  D O6    1 
ATOM   946  N  N1    . DG  D 2 11 ? -4.350  9.703   11.323  1.00 31.99 ? 47   DG  D N1    1 
ATOM   947  C  C2    . DG  D 2 11 ? -3.307  8.923   11.748  1.00 34.88 ? 47   DG  D C2    1 
ATOM   948  N  N2    . DG  D 2 11 ? -2.137  9.524   11.903  1.00 36.46 ? 47   DG  D N2    1 
ATOM   949  N  N3    . DG  D 2 11 ? -3.385  7.617   11.987  1.00 35.21 ? 47   DG  D N3    1 
ATOM   950  C  C4    . DG  D 2 11 ? -4.628  7.143   11.784  1.00 36.47 ? 47   DG  D C4    1 
ATOM   951  P  P     . DG  D 2 12 ? -5.948  4.987   17.029  1.00 43.32 ? 48   DG  D P     1 
ATOM   952  O  OP1   . DG  D 2 12 ? -5.508  4.610   18.384  1.00 45.54 ? 48   DG  D OP1   1 
ATOM   953  O  OP2   . DG  D 2 12 ? -7.363  4.782   16.666  1.00 41.47 ? 48   DG  D OP2   1 
ATOM   954  O  "O5'" . DG  D 2 12 ? -5.764  6.566   16.724  1.00 45.59 ? 48   DG  D "O5'" 1 
ATOM   955  C  "C5'" . DG  D 2 12 ? -4.973  7.483   17.518  1.00 43.02 ? 48   DG  D "C5'" 1 
ATOM   956  C  "C4'" . DG  D 2 12 ? -3.506  7.517   17.084  1.00 41.52 ? 48   DG  D "C4'" 1 
ATOM   957  O  "O4'" . DG  D 2 12 ? -3.296  7.765   15.653  1.00 39.09 ? 48   DG  D "O4'" 1 
ATOM   958  C  "C3'" . DG  D 2 12 ? -2.697  8.628   17.723  1.00 40.19 ? 48   DG  D "C3'" 1 
ATOM   959  O  "O3'" . DG  D 2 12 ? -1.359  8.201   17.734  1.00 44.11 ? 48   DG  D "O3'" 1 
ATOM   960  C  "C2'" . DG  D 2 12 ? -2.798  9.802   16.736  1.00 37.50 ? 48   DG  D "C2'" 1 
ATOM   961  C  "C1'" . DG  D 2 12 ? -3.188  9.155   15.398  1.00 35.20 ? 48   DG  D "C1'" 1 
ATOM   962  N  N9    . DG  D 2 12 ? -4.465  9.658   14.880  1.00 32.58 ? 48   DG  D N9    1 
ATOM   963  C  C8    . DG  D 2 12 ? -5.656  8.990   14.702  1.00 31.00 ? 48   DG  D C8    1 
ATOM   964  N  N7    . DG  D 2 12 ? -6.616  9.727   14.225  1.00 32.26 ? 48   DG  D N7    1 
ATOM   965  C  C5    . DG  D 2 12 ? -6.040  10.983  14.092  1.00 31.17 ? 48   DG  D C5    1 
ATOM   966  C  C6    . DG  D 2 12 ? -6.585  12.210  13.606  1.00 30.07 ? 48   DG  D C6    1 
ATOM   967  O  O6    . DG  D 2 12 ? -7.736  12.442  13.208  1.00 29.08 ? 48   DG  D O6    1 
ATOM   968  N  N1    . DG  D 2 12 ? -5.641  13.231  13.630  1.00 26.69 ? 48   DG  D N1    1 
ATOM   969  C  C2    . DG  D 2 12 ? -4.339  13.102  14.069  1.00 29.37 ? 48   DG  D C2    1 
ATOM   970  N  N2    . DG  D 2 12 ? -3.552  14.183  14.013  1.00 31.41 ? 48   DG  D N2    1 
ATOM   971  N  N3    . DG  D 2 12 ? -3.801  11.958  14.517  1.00 29.86 ? 48   DG  D N3    1 
ATOM   972  C  C4    . DG  D 2 12 ? -4.720  10.952  14.483  1.00 30.97 ? 48   DG  D C4    1 
HETATM 973  PT PT1   . CPT E 3 .  ? -0.195  -8.614  -1.317  1.00 28.62 ? 49   CPT A PT1   1 
HETATM 974  N  N1    . CPT E 3 .  ? 0.489   -6.997  -0.226  1.00 31.47 ? 49   CPT A N1    1 
HETATM 975  N  N2    . CPT E 3 .  ? -0.827  -9.422  0.416   1.00 28.20 ? 49   CPT A N2    1 
HETATM 976  MG MG    . MG  F 4 .  ? 16.088  -4.209  -4.040  1.00 38.86 ? 2002 MG  B MG    1 
HETATM 977  MG MG    . MG  G 4 .  ? 10.394  -11.196 -2.844  1.00 50.53 ? 2004 MG  B MG    1 
HETATM 978  PT PT1   . CPT H 3 .  ? -3.156  6.242   -3.173  1.00 28.71 ? 50   CPT C PT1   1 
HETATM 979  N  N1    . CPT H 3 .  ? -1.785  6.335   -1.631  1.00 33.52 ? 50   CPT C N1    1 
HETATM 980  N  N2    . CPT H 3 .  ? -1.958  7.446   -4.094  1.00 26.04 ? 50   CPT C N2    1 
HETATM 981  MG MG    . MG  I 4 .  ? -10.240 8.956   12.234  1.00 41.00 ? 2001 MG  D MG    1 
HETATM 982  MG MG    . MG  J 4 .  ? -9.888  11.418  3.684   1.00 55.62 ? 2003 MG  D MG    1 
HETATM 983  O  O     . HOH K 5 .  ? -2.388  -12.021 2.204   1.00 36.05 ? 1004 HOH A O     1 
HETATM 984  O  O     . HOH K 5 .  ? -3.441  -7.350  -2.457  1.00 27.85 ? 1005 HOH A O     1 
HETATM 985  O  O     . HOH K 5 .  ? -4.092  -1.966  0.774   1.00 43.04 ? 1006 HOH A O     1 
HETATM 986  O  O     . HOH K 5 .  ? -6.044  -3.069  -3.252  1.00 40.54 ? 1007 HOH A O     1 
HETATM 987  O  O     . HOH K 5 .  ? 2.507   -4.241  -6.511  1.00 35.76 ? 1009 HOH A O     1 
HETATM 988  O  O     . HOH K 5 .  ? 5.058   -0.637  -2.186  1.00 42.91 ? 1015 HOH A O     1 
HETATM 989  O  O     . HOH K 5 .  ? -6.785  -10.172 -2.092  1.00 43.98 ? 1017 HOH A O     1 
HETATM 990  O  O     . HOH K 5 .  ? -8.763  -21.312 0.039   1.00 53.14 ? 1018 HOH A O     1 
HETATM 991  O  O     . HOH K 5 .  ? -6.172  -14.088 1.232   1.00 36.82 ? 1021 HOH A O     1 
HETATM 992  O  O     . HOH K 5 .  ? 14.949  -8.943  0.891   1.00 38.13 ? 1027 HOH A O     1 
HETATM 993  O  O     . HOH K 5 .  ? -9.627  -15.645 -5.124  1.00 46.78 ? 1028 HOH A O     1 
HETATM 994  O  O     . HOH K 5 .  ? -0.281  -20.755 7.893   1.00 49.36 ? 1030 HOH A O     1 
HETATM 995  O  O     . HOH K 5 .  ? 15.191  -11.031 10.966  1.00 57.60 ? 1035 HOH A O     1 
HETATM 996  O  O     . HOH K 5 .  ? 1.972   -5.923  -8.708  1.00 42.83 ? 1037 HOH A O     1 
HETATM 997  O  O     . HOH K 5 .  ? -7.213  -14.395 -1.166  1.00 46.22 ? 1041 HOH A O     1 
HETATM 998  O  O     . HOH K 5 .  ? -8.786  -20.436 5.327   1.00 47.42 ? 1042 HOH A O     1 
HETATM 999  O  O     . HOH K 5 .  ? 5.569   -8.740  1.907   1.00 38.96 ? 1048 HOH A O     1 
HETATM 1000 O  O     . HOH K 5 .  ? 0.781   -8.349  2.738   1.00 42.67 ? 1053 HOH A O     1 
HETATM 1001 O  O     . HOH K 5 .  ? 0.376   0.698   4.816   1.00 37.80 ? 1069 HOH A O     1 
HETATM 1002 O  O     . HOH K 5 .  ? 2.878   2.002   5.423   1.00 46.43 ? 1070 HOH A O     1 
HETATM 1003 O  O     . HOH K 5 .  ? 0.079   -5.512  2.194   1.00 50.43 ? 1074 HOH A O     1 
HETATM 1004 O  O     . HOH K 5 .  ? -2.270  -6.405  1.490   1.00 50.84 ? 1075 HOH A O     1 
HETATM 1005 O  O     . HOH K 5 .  ? -3.426  -9.335  1.247   1.00 47.37 ? 1076 HOH A O     1 
HETATM 1006 O  O     . HOH K 5 .  ? -4.352  -9.312  -0.953  1.00 47.69 ? 1077 HOH A O     1 
HETATM 1007 O  O     . HOH K 5 .  ? 2.873   -9.466  -0.035  1.00 30.86 ? 1078 HOH A O     1 
HETATM 1008 O  O     . HOH K 5 .  ? 7.208   -6.413  5.358   1.00 45.92 ? 1079 HOH A O     1 
HETATM 1009 O  O     . HOH K 5 .  ? -2.468  -9.565  4.159   1.00 47.46 ? 1080 HOH A O     1 
HETATM 1010 O  O     . HOH K 5 .  ? 5.645   0.936   7.889   1.00 55.60 ? 1086 HOH A O     1 
HETATM 1011 O  O     . HOH K 5 .  ? 8.971   1.519   7.278   1.00 49.81 ? 1088 HOH A O     1 
HETATM 1012 O  O     . HOH K 5 .  ? -8.610  -18.683 0.121   1.00 60.59 ? 1096 HOH A O     1 
HETATM 1013 O  O     . HOH K 5 .  ? -4.380  -26.072 -1.500  1.00 55.67 ? 1097 HOH A O     1 
HETATM 1014 O  O     . HOH K 5 .  ? -7.314  -21.648 -6.211  1.00 50.65 ? 1099 HOH A O     1 
HETATM 1015 O  O     . HOH K 5 .  ? -7.590  -22.883 3.951   1.00 57.79 ? 1100 HOH A O     1 
HETATM 1016 O  O     . HOH K 5 .  ? 11.505  -10.326 4.415   1.00 50.76 ? 1108 HOH A O     1 
HETATM 1017 O  O     . HOH K 5 .  ? -9.377  -22.297 9.173   1.00 61.89 ? 1111 HOH A O     1 
HETATM 1018 O  O     . HOH K 5 .  ? -2.518  -0.730  2.200   1.00 46.79 ? 1114 HOH A O     1 
HETATM 1019 O  O     . HOH K 5 .  ? 7.971   -8.339  2.657   1.00 41.13 ? 1118 HOH A O     1 
HETATM 1020 O  O     . HOH K 5 .  ? 1.716   -2.748  7.669   1.00 59.35 ? 1125 HOH A O     1 
HETATM 1021 O  O     . HOH K 5 .  ? 8.757   0.442   1.814   1.00 53.43 ? 1129 HOH A O     1 
HETATM 1022 O  O     . HOH K 5 .  ? 6.016   -4.981  9.779   1.00 63.45 ? 1131 HOH A O     1 
HETATM 1023 O  O     . HOH K 5 .  ? -8.860  -21.930 -2.511  1.00 64.86 ? 1132 HOH A O     1 
HETATM 1024 O  O     . HOH L 5 .  ? 4.022   -8.027  -9.069  1.00 30.94 ? 1013 HOH B O     1 
HETATM 1025 O  O     . HOH L 5 .  ? 11.543  1.459   3.584   1.00 44.81 ? 1016 HOH B O     1 
HETATM 1026 O  O     . HOH L 5 .  ? -4.890  -12.394 4.421   1.00 44.90 ? 1019 HOH B O     1 
HETATM 1027 O  O     . HOH L 5 .  ? 16.001  -0.086  -4.701  1.00 38.89 ? 1024 HOH B O     1 
HETATM 1028 O  O     . HOH L 5 .  ? 3.964   -12.518 4.039   1.00 47.11 ? 1025 HOH B O     1 
HETATM 1029 O  O     . HOH L 5 .  ? 1.412   -18.477 7.459   1.00 43.89 ? 1033 HOH B O     1 
HETATM 1030 O  O     . HOH L 5 .  ? -1.293  -8.860  7.733   1.00 46.78 ? 1038 HOH B O     1 
HETATM 1031 O  O     . HOH L 5 .  ? 2.517   -20.660 1.485   1.00 41.58 ? 1039 HOH B O     1 
HETATM 1032 O  O     . HOH L 5 .  ? 17.142  2.848   -6.581  1.00 49.99 ? 1043 HOH B O     1 
HETATM 1033 O  O     . HOH L 5 .  ? 12.447  -8.146  -7.106  1.00 52.49 ? 1044 HOH B O     1 
HETATM 1034 O  O     . HOH L 5 .  ? 8.915   -14.631 -5.369  1.00 39.90 ? 1045 HOH B O     1 
HETATM 1035 O  O     . HOH L 5 .  ? 18.010  -1.476  -6.344  1.00 46.93 ? 1046 HOH B O     1 
HETATM 1036 O  O     . HOH L 5 .  ? 4.622   -1.099  -4.878  1.00 45.79 ? 1050 HOH B O     1 
HETATM 1037 O  O     . HOH L 5 .  ? 7.648   0.507   -2.405  1.00 49.54 ? 1051 HOH B O     1 
HETATM 1038 O  O     . HOH L 5 .  ? 13.644  -3.113  -6.909  1.00 43.52 ? 1052 HOH B O     1 
HETATM 1039 O  O     . HOH L 5 .  ? 16.630  -3.667  -5.940  1.00 37.94 ? 1054 HOH B O     1 
HETATM 1040 O  O     . HOH L 5 .  ? 15.731  -4.789  -2.054  1.00 37.52 ? 1055 HOH B O     1 
HETATM 1041 O  O     . HOH L 5 .  ? 16.545  -2.525  -3.229  1.00 29.94 ? 1056 HOH B O     1 
HETATM 1042 O  O     . HOH L 5 .  ? 14.087  -3.982  -4.172  1.00 37.01 ? 1057 HOH B O     1 
HETATM 1043 O  O     . HOH L 5 .  ? 18.071  -4.927  -3.804  1.00 39.00 ? 1058 HOH B O     1 
HETATM 1044 O  O     . HOH L 5 .  ? 15.466  -6.289  -4.720  1.00 44.95 ? 1059 HOH B O     1 
HETATM 1045 O  O     . HOH L 5 .  ? 12.465  -6.658  -4.983  1.00 46.50 ? 1066 HOH B O     1 
HETATM 1046 O  O     . HOH L 5 .  ? 7.255   -9.421  -13.210 1.00 53.67 ? 1090 HOH B O     1 
HETATM 1047 O  O     . HOH L 5 .  ? 6.809   -13.940 5.425   1.00 59.66 ? 1093 HOH B O     1 
HETATM 1048 O  O     . HOH L 5 .  ? 17.671  6.016   1.669   1.00 53.98 ? 1094 HOH B O     1 
HETATM 1049 O  O     . HOH L 5 .  ? 1.788   -11.292 2.609   1.00 41.51 ? 1101 HOH B O     1 
HETATM 1050 O  O     . HOH L 5 .  ? 5.245   -6.832  -11.335 1.00 51.98 ? 1103 HOH B O     1 
HETATM 1051 O  O     . HOH L 5 .  ? 10.383  -11.601 -6.983  1.00 50.84 ? 1104 HOH B O     1 
HETATM 1052 O  O     . HOH L 5 .  ? 8.628   -15.203 0.335   1.00 56.54 ? 1109 HOH B O     1 
HETATM 1053 O  O     . HOH L 5 .  ? 6.833   -12.297 -0.777  1.00 39.63 ? 1110 HOH B O     1 
HETATM 1054 O  O     . HOH L 5 .  ? 10.294  -15.387 -12.436 1.00 42.95 ? 1120 HOH B O     1 
HETATM 1055 O  O     . HOH L 5 .  ? -3.718  -13.374 12.909  1.00 53.38 ? 1124 HOH B O     1 
HETATM 1056 O  O     . HOH L 5 .  ? 12.124  -18.491 -0.832  1.00 68.08 ? 1134 HOH B O     1 
HETATM 1057 O  O     . HOH L 5 .  ? 10.656  -12.236 -0.960  1.00 51.26 ? 1143 HOH B O     1 
HETATM 1058 O  O     . HOH L 5 .  ? 12.396  -10.379 -2.815  1.00 50.31 ? 1144 HOH B O     1 
HETATM 1059 O  O     . HOH L 5 .  ? 8.380   -12.041 -2.872  1.00 49.54 ? 1145 HOH B O     1 
HETATM 1060 O  O     . HOH L 5 .  ? 10.142  -10.134 -4.734  1.00 47.38 ? 1146 HOH B O     1 
HETATM 1061 O  O     . HOH L 5 .  ? 9.749   -9.386  -1.781  1.00 46.02 ? 1147 HOH B O     1 
HETATM 1062 O  O     . HOH L 5 .  ? 11.037  -12.977 -3.907  1.00 51.62 ? 1148 HOH B O     1 
HETATM 1063 O  O     . HOH M 5 .  ? -0.153  -0.558  -4.879  1.00 33.96 ? 1001 HOH C O     1 
HETATM 1064 O  O     . HOH M 5 .  ? -2.251  3.223   -5.213  1.00 32.32 ? 1002 HOH C O     1 
HETATM 1065 O  O     . HOH M 5 .  ? -3.970  9.065   -1.019  1.00 35.74 ? 1003 HOH C O     1 
HETATM 1066 O  O     . HOH M 5 .  ? -0.980  9.532   -6.686  1.00 37.13 ? 1008 HOH C O     1 
HETATM 1067 O  O     . HOH M 5 .  ? -1.885  2.533   5.693   1.00 37.68 ? 1010 HOH C O     1 
HETATM 1068 O  O     . HOH M 5 .  ? -1.245  8.673   -11.051 1.00 32.43 ? 1012 HOH C O     1 
HETATM 1069 O  O     . HOH M 5 .  ? 3.092   1.367   -1.594  1.00 41.03 ? 1014 HOH C O     1 
HETATM 1070 O  O     . HOH M 5 .  ? -0.152  8.764   -1.953  1.00 43.18 ? 1020 HOH C O     1 
HETATM 1071 O  O     . HOH M 5 .  ? -1.784  3.954   -9.465  1.00 39.38 ? 1022 HOH C O     1 
HETATM 1072 O  O     . HOH M 5 .  ? -3.240  12.004  3.675   1.00 38.75 ? 1029 HOH C O     1 
HETATM 1073 O  O     . HOH M 5 .  ? -0.623  10.626  -13.110 1.00 44.49 ? 1031 HOH C O     1 
HETATM 1074 O  O     . HOH M 5 .  ? -7.992  14.676  8.548   1.00 42.86 ? 1040 HOH C O     1 
HETATM 1075 O  O     . HOH M 5 .  ? 2.038   9.342   1.787   1.00 50.91 ? 1047 HOH C O     1 
HETATM 1076 O  O     . HOH M 5 .  ? -4.456  11.604  -17.939 1.00 54.08 ? 1049 HOH C O     1 
HETATM 1077 O  O     . HOH M 5 .  ? -0.828  1.826   -8.581  1.00 44.58 ? 1071 HOH C O     1 
HETATM 1078 O  O     . HOH M 5 .  ? -3.122  7.176   -12.174 1.00 45.89 ? 1072 HOH C O     1 
HETATM 1079 O  O     . HOH M 5 .  ? -1.213  5.827   -6.433  1.00 52.88 ? 1073 HOH C O     1 
HETATM 1080 O  O     . HOH M 5 .  ? -3.889  15.960  5.523   1.00 49.02 ? 1081 HOH C O     1 
HETATM 1081 O  O     . HOH M 5 .  ? 1.030   18.355  5.559   1.00 58.18 ? 1082 HOH C O     1 
HETATM 1082 O  O     . HOH M 5 .  ? -5.539  4.281   -15.107 1.00 48.78 ? 1084 HOH C O     1 
HETATM 1083 O  O     . HOH M 5 .  ? -7.699  5.667   -15.922 1.00 53.71 ? 1085 HOH C O     1 
HETATM 1084 O  O     . HOH M 5 .  ? -8.608  1.066   -0.316  1.00 47.28 ? 1087 HOH C O     1 
HETATM 1085 O  O     . HOH M 5 .  ? 5.967   8.320   3.015   1.00 52.26 ? 1095 HOH C O     1 
HETATM 1086 O  O     . HOH M 5 .  ? -0.024  11.997  4.781   1.00 48.97 ? 1105 HOH C O     1 
HETATM 1087 O  O     . HOH M 5 .  ? -3.738  6.267   -14.856 1.00 51.67 ? 1106 HOH C O     1 
HETATM 1088 O  O     . HOH M 5 .  ? -0.084  14.232  -16.830 1.00 52.78 ? 1112 HOH C O     1 
HETATM 1089 O  O     . HOH M 5 .  ? -6.267  12.179  6.329   1.00 40.32 ? 1113 HOH C O     1 
HETATM 1090 O  O     . HOH M 5 .  ? 1.568   5.103   -2.973  1.00 58.60 ? 1116 HOH C O     1 
HETATM 1091 O  O     . HOH M 5 .  ? 1.028   6.787   -1.044  1.00 53.34 ? 1121 HOH C O     1 
HETATM 1092 O  O     . HOH M 5 .  ? -2.642  15.392  -17.282 1.00 56.79 ? 1126 HOH C O     1 
HETATM 1093 O  O     . HOH M 5 .  ? 6.201   8.081   7.835   1.00 52.48 ? 1127 HOH C O     1 
HETATM 1094 O  O     . HOH M 5 .  ? -1.624  19.776  -10.088 1.00 48.98 ? 1130 HOH C O     1 
HETATM 1095 O  O     . HOH M 5 .  ? 5.585   5.309   7.720   1.00 58.10 ? 1136 HOH C O     1 
HETATM 1096 O  O     . HOH N 5 .  ? -13.243 9.305   3.210   1.00 45.76 ? 1011 HOH D O     1 
HETATM 1097 O  O     . HOH N 5 .  ? -16.304 13.522  -0.315  1.00 45.48 ? 1023 HOH D O     1 
HETATM 1098 O  O     . HOH N 5 .  ? -12.858 11.455  0.147   1.00 36.06 ? 1026 HOH D O     1 
HETATM 1099 O  O     . HOH N 5 .  ? -7.397  1.472   3.969   1.00 45.92 ? 1032 HOH D O     1 
HETATM 1100 O  O     . HOH N 5 .  ? 1.423   10.454  -9.045  1.00 46.49 ? 1034 HOH D O     1 
HETATM 1101 O  O     . HOH N 5 .  ? 0.459   7.807   12.380  1.00 53.06 ? 1036 HOH D O     1 
HETATM 1102 O  O     . HOH N 5 .  ? -8.891  8.405   13.697  1.00 35.78 ? 1060 HOH D O     1 
HETATM 1103 O  O     . HOH N 5 .  ? -9.393  7.541   10.872  1.00 42.16 ? 1061 HOH D O     1 
HETATM 1104 O  O     . HOH N 5 .  ? -11.114 10.549  13.369  1.00 43.75 ? 1062 HOH D O     1 
HETATM 1105 O  O     . HOH N 5 .  ? -8.890  10.515  11.583  1.00 36.02 ? 1063 HOH D O     1 
HETATM 1106 O  O     . HOH N 5 .  ? -11.622 7.511   12.986  1.00 38.82 ? 1064 HOH D O     1 
HETATM 1107 O  O     . HOH N 5 .  ? -11.114 9.340   10.397  1.00 60.67 ? 1065 HOH D O     1 
HETATM 1108 O  O     . HOH N 5 .  ? -8.881  5.906   14.671  1.00 43.19 ? 1067 HOH D O     1 
HETATM 1109 O  O     . HOH N 5 .  ? 2.879   11.334  -16.424 1.00 60.82 ? 1068 HOH D O     1 
HETATM 1110 O  O     . HOH N 5 .  ? -1.327  6.368   19.616  1.00 50.24 ? 1083 HOH D O     1 
HETATM 1111 O  O     . HOH N 5 .  ? -10.748 2.873   -0.033  1.00 35.42 ? 1089 HOH D O     1 
HETATM 1112 O  O     . HOH N 5 .  ? -10.046 14.093  -0.705  1.00 46.11 ? 1091 HOH D O     1 
HETATM 1113 O  O     . HOH N 5 .  ? -10.196 8.113   7.708   1.00 52.83 ? 1092 HOH D O     1 
HETATM 1114 O  O     . HOH N 5 .  ? -7.688  12.133  0.046   1.00 42.71 ? 1098 HOH D O     1 
HETATM 1115 O  O     . HOH N 5 .  ? -8.945  2.863   17.495  1.00 46.08 ? 1102 HOH D O     1 
HETATM 1116 O  O     . HOH N 5 .  ? -11.193 20.952  -3.661  1.00 60.42 ? 1107 HOH D O     1 
HETATM 1117 O  O     . HOH N 5 .  ? 0.014   6.687   15.133  1.00 52.13 ? 1115 HOH D O     1 
HETATM 1118 O  O     . HOH N 5 .  ? -5.026  18.687  -8.712  1.00 47.36 ? 1117 HOH D O     1 
HETATM 1119 O  O     . HOH N 5 .  ? -2.062  11.321  -2.939  1.00 44.51 ? 1119 HOH D O     1 
HETATM 1120 O  O     . HOH N 5 .  ? -7.588  17.008  -8.093  1.00 47.27 ? 1122 HOH D O     1 
HETATM 1121 O  O     . HOH N 5 .  ? 12.805  9.405   -8.738  1.00 53.41 ? 1123 HOH D O     1 
HETATM 1122 O  O     . HOH N 5 .  ? -2.559  13.826  -1.951  1.00 50.65 ? 1128 HOH D O     1 
HETATM 1123 O  O     . HOH N 5 .  ? -12.583 7.762   6.692   1.00 52.32 ? 1133 HOH D O     1 
HETATM 1124 O  O     . HOH N 5 .  ? -15.701 11.173  2.737   1.00 55.06 ? 1135 HOH D O     1 
HETATM 1125 O  O     . HOH N 5 .  ? -7.918  10.798  4.408   1.00 53.00 ? 1137 HOH D O     1 
HETATM 1126 O  O     . HOH N 5 .  ? -9.094  13.405  3.290   1.00 54.02 ? 1138 HOH D O     1 
HETATM 1127 O  O     . HOH N 5 .  ? -10.673 9.423   4.087   1.00 51.83 ? 1139 HOH D O     1 
HETATM 1128 O  O     . HOH N 5 .  ? -11.864 12.007  2.968   1.00 55.56 ? 1140 HOH D O     1 
HETATM 1129 O  O     . HOH N 5 .  ? -10.453 12.004  5.698   1.00 55.54 ? 1141 HOH D O     1 
HETATM 1130 O  O     . HOH N 5 .  ? -9.323  10.847  1.659   1.00 53.95 ? 1142 HOH D O     1 
# 
loop_
_pdbx_poly_seq_scheme.asym_id 
_pdbx_poly_seq_scheme.entity_id 
_pdbx_poly_seq_scheme.seq_id 
_pdbx_poly_seq_scheme.mon_id 
_pdbx_poly_seq_scheme.ndb_seq_num 
_pdbx_poly_seq_scheme.pdb_seq_num 
_pdbx_poly_seq_scheme.auth_seq_num 
_pdbx_poly_seq_scheme.pdb_mon_id 
_pdbx_poly_seq_scheme.auth_mon_id 
_pdbx_poly_seq_scheme.pdb_strand_id 
_pdbx_poly_seq_scheme.pdb_ins_code 
_pdbx_poly_seq_scheme.hetero 
A 1 1  DC 1  1  1  DC DC A . n 
A 1 2  DC 2  2  2  DC DC A . n 
A 1 3  DT 3  3  3  DT DT A . n 
A 1 4  DC 4  4  4  DC DC A . n 
A 1 5  DT 5  5  5  DT DT A . n 
A 1 6  DG 6  6  6  DG DG A . n 
A 1 7  DG 7  7  7  DG DG A . n 
A 1 8  DT 8  8  8  DT DT A . n 
A 1 9  DC 9  9  9  DC DC A . n 
A 1 10 DT 10 10 10 DT DT A . n 
A 1 11 DC 11 11 11 DC DC A . n 
A 1 12 DC 12 12 12 DC DC A . n 
B 2 1  DG 1  13 13 DG DG B . n 
B 2 2  DG 2  14 14 DG DG B . n 
B 2 3  DA 3  15 15 DA DA B . n 
B 2 4  DG 4  16 16 DG DG B . n 
B 2 5  DA 5  17 17 DA DA B . n 
B 2 6  DC 6  18 18 DC DC B . n 
B 2 7  DC 7  19 19 DC DC B . n 
B 2 8  DA 8  20 20 DA DA B . n 
B 2 9  DG 9  21 21 DG DG B . n 
B 2 10 DA 10 22 22 DA DA B . n 
B 2 11 DG 11 23 23 DG DG B . n 
B 2 12 DG 12 24 24 DG DG B . n 
C 1 1  DC 1  25 25 DC DC C . n 
C 1 2  DC 2  26 26 DC DC C . n 
C 1 3  DT 3  27 27 DT DT C . n 
C 1 4  DC 4  28 28 DC DC C . n 
C 1 5  DT 5  29 29 DT DT C . n 
C 1 6  DG 6  30 30 DG DG C . n 
C 1 7  DG 7  31 31 DG DG C . n 
C 1 8  DT 8  32 32 DT DT C . n 
C 1 9  DC 9  33 33 DC DC C . n 
C 1 10 DT 10 34 34 DT DT C . n 
C 1 11 DC 11 35 35 DC DC C . n 
C 1 12 DC 12 36 36 DC DC C . n 
D 2 1  DG 1  37 37 DG DG D . n 
D 2 2  DG 2  38 38 DG DG D . n 
D 2 3  DA 3  39 39 DA DA D . n 
D 2 4  DG 4  40 40 DG DG D . n 
D 2 5  DA 5  41 41 DA DA D . n 
D 2 6  DC 6  42 42 DC DC D . n 
D 2 7  DC 7  43 43 DC DC D . n 
D 2 8  DA 8  44 44 DA DA D . n 
D 2 9  DG 9  45 45 DG DG D . n 
D 2 10 DA 10 46 46 DA DA D . n 
D 2 11 DG 11 47 47 DG DG D . n 
D 2 12 DG 12 48 48 DG DG D . n 
# 
loop_
_pdbx_nonpoly_scheme.asym_id 
_pdbx_nonpoly_scheme.entity_id 
_pdbx_nonpoly_scheme.mon_id 
_pdbx_nonpoly_scheme.ndb_seq_num 
_pdbx_nonpoly_scheme.pdb_seq_num 
_pdbx_nonpoly_scheme.auth_seq_num 
_pdbx_nonpoly_scheme.pdb_mon_id 
_pdbx_nonpoly_scheme.auth_mon_id 
_pdbx_nonpoly_scheme.pdb_strand_id 
_pdbx_nonpoly_scheme.pdb_ins_code 
E 3 CPT 1  49   49   CPT CPT A . 
F 4 MG  1  2002 2002 MG  MG  B . 
G 4 MG  1  2004 2004 MG  MG  B . 
H 3 CPT 1  50   50   CPT CPT C . 
I 4 MG  1  2001 2001 MG  MG  D . 
J 4 MG  1  2003 2003 MG  MG  D . 
K 5 HOH 1  1004 1004 HOH HOH A . 
K 5 HOH 2  1005 1005 HOH HOH A . 
K 5 HOH 3  1006 1006 HOH HOH A . 
K 5 HOH 4  1007 1007 HOH HOH A . 
K 5 HOH 5  1009 1009 HOH HOH A . 
K 5 HOH 6  1015 1015 HOH HOH A . 
K 5 HOH 7  1017 1017 HOH HOH A . 
K 5 HOH 8  1018 1018 HOH HOH A . 
K 5 HOH 9  1021 1021 HOH HOH A . 
K 5 HOH 10 1027 1027 HOH HOH A . 
K 5 HOH 11 1028 1028 HOH HOH A . 
K 5 HOH 12 1030 1030 HOH HOH A . 
K 5 HOH 13 1035 1035 HOH HOH A . 
K 5 HOH 14 1037 1037 HOH HOH A . 
K 5 HOH 15 1041 1041 HOH HOH A . 
K 5 HOH 16 1042 1042 HOH HOH A . 
K 5 HOH 17 1048 1048 HOH HOH A . 
K 5 HOH 18 1053 1053 HOH HOH A . 
K 5 HOH 19 1069 1069 HOH HOH A . 
K 5 HOH 20 1070 1070 HOH HOH A . 
K 5 HOH 21 1074 1074 HOH HOH A . 
K 5 HOH 22 1075 1075 HOH HOH A . 
K 5 HOH 23 1076 1076 HOH HOH A . 
K 5 HOH 24 1077 1077 HOH HOH A . 
K 5 HOH 25 1078 1078 HOH HOH A . 
K 5 HOH 26 1079 1079 HOH HOH A . 
K 5 HOH 27 1080 1080 HOH HOH A . 
K 5 HOH 28 1086 1086 HOH HOH A . 
K 5 HOH 29 1088 1088 HOH HOH A . 
K 5 HOH 30 1096 1096 HOH HOH A . 
K 5 HOH 31 1097 1097 HOH HOH A . 
K 5 HOH 32 1099 1099 HOH HOH A . 
K 5 HOH 33 1100 1100 HOH HOH A . 
K 5 HOH 34 1108 1108 HOH HOH A . 
K 5 HOH 35 1111 1111 HOH HOH A . 
K 5 HOH 36 1114 1114 HOH HOH A . 
K 5 HOH 37 1118 1118 HOH HOH A . 
K 5 HOH 38 1125 1125 HOH HOH A . 
K 5 HOH 39 1129 1129 HOH HOH A . 
K 5 HOH 40 1131 1131 HOH HOH A . 
K 5 HOH 41 1132 1132 HOH HOH A . 
L 5 HOH 1  1013 1013 HOH HOH B . 
L 5 HOH 2  1016 1016 HOH HOH B . 
L 5 HOH 3  1019 1019 HOH HOH B . 
L 5 HOH 4  1024 1024 HOH HOH B . 
L 5 HOH 5  1025 1025 HOH HOH B . 
L 5 HOH 6  1033 1033 HOH HOH B . 
L 5 HOH 7  1038 1038 HOH HOH B . 
L 5 HOH 8  1039 1039 HOH HOH B . 
L 5 HOH 9  1043 1043 HOH HOH B . 
L 5 HOH 10 1044 1044 HOH HOH B . 
L 5 HOH 11 1045 1045 HOH HOH B . 
L 5 HOH 12 1046 1046 HOH HOH B . 
L 5 HOH 13 1050 1050 HOH HOH B . 
L 5 HOH 14 1051 1051 HOH HOH B . 
L 5 HOH 15 1052 1052 HOH HOH B . 
L 5 HOH 16 1054 1054 HOH HOH B . 
L 5 HOH 17 1055 1055 HOH HOH B . 
L 5 HOH 18 1056 1056 HOH HOH B . 
L 5 HOH 19 1057 1057 HOH HOH B . 
L 5 HOH 20 1058 1058 HOH HOH B . 
L 5 HOH 21 1059 1059 HOH HOH B . 
L 5 HOH 22 1066 1066 HOH HOH B . 
L 5 HOH 23 1090 1090 HOH HOH B . 
L 5 HOH 24 1093 1093 HOH HOH B . 
L 5 HOH 25 1094 1094 HOH HOH B . 
L 5 HOH 26 1101 1101 HOH HOH B . 
L 5 HOH 27 1103 1103 HOH HOH B . 
L 5 HOH 28 1104 1104 HOH HOH B . 
L 5 HOH 29 1109 1109 HOH HOH B . 
L 5 HOH 30 1110 1110 HOH HOH B . 
L 5 HOH 31 1120 1120 HOH HOH B . 
L 5 HOH 32 1124 1124 HOH HOH B . 
L 5 HOH 33 1134 1134 HOH HOH B . 
L 5 HOH 34 1143 1143 HOH HOH B . 
L 5 HOH 35 1144 1144 HOH HOH B . 
L 5 HOH 36 1145 1145 HOH HOH B . 
L 5 HOH 37 1146 1146 HOH HOH B . 
L 5 HOH 38 1147 1147 HOH HOH B . 
L 5 HOH 39 1148 1148 HOH HOH B . 
M 5 HOH 1  1001 1001 HOH HOH C . 
M 5 HOH 2  1002 1002 HOH HOH C . 
M 5 HOH 3  1003 1003 HOH HOH C . 
M 5 HOH 4  1008 1008 HOH HOH C . 
M 5 HOH 5  1010 1010 HOH HOH C . 
M 5 HOH 6  1012 1012 HOH HOH C . 
M 5 HOH 7  1014 1014 HOH HOH C . 
M 5 HOH 8  1020 1020 HOH HOH C . 
M 5 HOH 9  1022 1022 HOH HOH C . 
M 5 HOH 10 1029 1029 HOH HOH C . 
M 5 HOH 11 1031 1031 HOH HOH C . 
M 5 HOH 12 1040 1040 HOH HOH C . 
M 5 HOH 13 1047 1047 HOH HOH C . 
M 5 HOH 14 1049 1049 HOH HOH C . 
M 5 HOH 15 1071 1071 HOH HOH C . 
M 5 HOH 16 1072 1072 HOH HOH C . 
M 5 HOH 17 1073 1073 HOH HOH C . 
M 5 HOH 18 1081 1081 HOH HOH C . 
M 5 HOH 19 1082 1082 HOH HOH C . 
M 5 HOH 20 1084 1084 HOH HOH C . 
M 5 HOH 21 1085 1085 HOH HOH C . 
M 5 HOH 22 1087 1087 HOH HOH C . 
M 5 HOH 23 1095 1095 HOH HOH C . 
M 5 HOH 24 1105 1105 HOH HOH C . 
M 5 HOH 25 1106 1106 HOH HOH C . 
M 5 HOH 26 1112 1112 HOH HOH C . 
M 5 HOH 27 1113 1113 HOH HOH C . 
M 5 HOH 28 1116 1116 HOH HOH C . 
M 5 HOH 29 1121 1121 HOH HOH C . 
M 5 HOH 30 1126 1126 HOH HOH C . 
M 5 HOH 31 1127 1127 HOH HOH C . 
M 5 HOH 32 1130 1130 HOH HOH C . 
M 5 HOH 33 1136 1136 HOH HOH C . 
N 5 HOH 1  1011 1011 HOH HOH D . 
N 5 HOH 2  1023 1023 HOH HOH D . 
N 5 HOH 3  1026 1026 HOH HOH D . 
N 5 HOH 4  1032 1032 HOH HOH D . 
N 5 HOH 5  1034 1034 HOH HOH D . 
N 5 HOH 6  1036 1036 HOH HOH D . 
N 5 HOH 7  1060 1060 HOH HOH D . 
N 5 HOH 8  1061 1061 HOH HOH D . 
N 5 HOH 9  1062 1062 HOH HOH D . 
N 5 HOH 10 1063 1063 HOH HOH D . 
N 5 HOH 11 1064 1064 HOH HOH D . 
N 5 HOH 12 1065 1065 HOH HOH D . 
N 5 HOH 13 1067 1067 HOH HOH D . 
N 5 HOH 14 1068 1068 HOH HOH D . 
N 5 HOH 15 1083 1083 HOH HOH D . 
N 5 HOH 16 1089 1089 HOH HOH D . 
N 5 HOH 17 1091 1091 HOH HOH D . 
N 5 HOH 18 1092 1092 HOH HOH D . 
N 5 HOH 19 1098 1098 HOH HOH D . 
N 5 HOH 20 1102 1102 HOH HOH D . 
N 5 HOH 21 1107 1107 HOH HOH D . 
N 5 HOH 22 1115 1115 HOH HOH D . 
N 5 HOH 23 1117 1117 HOH HOH D . 
N 5 HOH 24 1119 1119 HOH HOH D . 
N 5 HOH 25 1122 1122 HOH HOH D . 
N 5 HOH 26 1123 1123 HOH HOH D . 
N 5 HOH 27 1128 1128 HOH HOH D . 
N 5 HOH 28 1133 1133 HOH HOH D . 
N 5 HOH 29 1135 1135 HOH HOH D . 
N 5 HOH 30 1137 1137 HOH HOH D . 
N 5 HOH 31 1138 1138 HOH HOH D . 
N 5 HOH 32 1139 1139 HOH HOH D . 
N 5 HOH 33 1140 1140 HOH HOH D . 
N 5 HOH 34 1141 1141 HOH HOH D . 
N 5 HOH 35 1142 1142 HOH HOH D . 
# 
_struct_site_keywords.site_id   1 
_struct_site_keywords.text      'MAJOR GROOVE BINDER' 
# 
loop_
_pdbx_struct_assembly.id 
_pdbx_struct_assembly.details 
_pdbx_struct_assembly.method_details 
_pdbx_struct_assembly.oligomeric_details 
_pdbx_struct_assembly.oligomeric_count 
1 author_and_software_defined_assembly PISA dimeric 2 
2 author_and_software_defined_assembly PISA dimeric 2 
# 
loop_
_pdbx_struct_assembly_gen.assembly_id 
_pdbx_struct_assembly_gen.oper_expression 
_pdbx_struct_assembly_gen.asym_id_list 
1 1 A,B,E,F,G,K,L 
2 1 C,D,H,I,J,M,N 
# 
loop_
_pdbx_struct_assembly_prop.biol_id 
_pdbx_struct_assembly_prop.type 
_pdbx_struct_assembly_prop.value 
_pdbx_struct_assembly_prop.details 
1 'ABSA (A^2)' 1480 ? 
1 MORE         -27  ? 
1 'SSA (A^2)'  4490 ? 
2 'ABSA (A^2)' 1480 ? 
2 MORE         -28  ? 
2 'SSA (A^2)'  4490 ? 
# 
_pdbx_struct_oper_list.id                   1 
_pdbx_struct_oper_list.type                 'identity operation' 
_pdbx_struct_oper_list.name                 1_555 
_pdbx_struct_oper_list.symmetry_operation   x,y,z 
_pdbx_struct_oper_list.matrix[1][1]         1.0000000000 
_pdbx_struct_oper_list.matrix[1][2]         0.0000000000 
_pdbx_struct_oper_list.matrix[1][3]         0.0000000000 
_pdbx_struct_oper_list.vector[1]            0.0000000000 
_pdbx_struct_oper_list.matrix[2][1]         0.0000000000 
_pdbx_struct_oper_list.matrix[2][2]         1.0000000000 
_pdbx_struct_oper_list.matrix[2][3]         0.0000000000 
_pdbx_struct_oper_list.vector[2]            0.0000000000 
_pdbx_struct_oper_list.matrix[3][1]         0.0000000000 
_pdbx_struct_oper_list.matrix[3][2]         0.0000000000 
_pdbx_struct_oper_list.matrix[3][3]         1.0000000000 
_pdbx_struct_oper_list.vector[3]            0.0000000000 
# 
loop_
_pdbx_struct_conn_angle.id 
_pdbx_struct_conn_angle.ptnr1_label_atom_id 
_pdbx_struct_conn_angle.ptnr1_label_alt_id 
_pdbx_struct_conn_angle.ptnr1_label_asym_id 
_pdbx_struct_conn_angle.ptnr1_label_comp_id 
_pdbx_struct_conn_angle.ptnr1_label_seq_id 
_pdbx_struct_conn_angle.ptnr1_auth_atom_id 
_pdbx_struct_conn_angle.ptnr1_auth_asym_id 
_pdbx_struct_conn_angle.ptnr1_auth_comp_id 
_pdbx_struct_conn_angle.ptnr1_auth_seq_id 
_pdbx_struct_conn_angle.ptnr1_PDB_ins_code 
_pdbx_struct_conn_angle.ptnr1_symmetry 
_pdbx_struct_conn_angle.ptnr2_label_atom_id 
_pdbx_struct_conn_angle.ptnr2_label_alt_id 
_pdbx_struct_conn_angle.ptnr2_label_asym_id 
_pdbx_struct_conn_angle.ptnr2_label_comp_id 
_pdbx_struct_conn_angle.ptnr2_label_seq_id 
_pdbx_struct_conn_angle.ptnr2_auth_atom_id 
_pdbx_struct_conn_angle.ptnr2_auth_asym_id 
_pdbx_struct_conn_angle.ptnr2_auth_comp_id 
_pdbx_struct_conn_angle.ptnr2_auth_seq_id 
_pdbx_struct_conn_angle.ptnr2_PDB_ins_code 
_pdbx_struct_conn_angle.ptnr2_symmetry 
_pdbx_struct_conn_angle.ptnr3_label_atom_id 
_pdbx_struct_conn_angle.ptnr3_label_alt_id 
_pdbx_struct_conn_angle.ptnr3_label_asym_id 
_pdbx_struct_conn_angle.ptnr3_label_comp_id 
_pdbx_struct_conn_angle.ptnr3_label_seq_id 
_pdbx_struct_conn_angle.ptnr3_auth_atom_id 
_pdbx_struct_conn_angle.ptnr3_auth_asym_id 
_pdbx_struct_conn_angle.ptnr3_auth_comp_id 
_pdbx_struct_conn_angle.ptnr3_auth_seq_id 
_pdbx_struct_conn_angle.ptnr3_PDB_ins_code 
_pdbx_struct_conn_angle.ptnr3_symmetry 
_pdbx_struct_conn_angle.value 
_pdbx_struct_conn_angle.value_esd 
1  N7 ? A DG  6 ? A DG  6    ? 1_555 PT1 ? E CPT . ? A CPT 49   ? 1_555 N1 ? E CPT . ? A CPT 49   ? 1_555 90.9  ? 
2  N7 ? A DG  6 ? A DG  6    ? 1_555 PT1 ? E CPT . ? A CPT 49   ? 1_555 N2 ? E CPT . ? A CPT 49   ? 1_555 177.3 ? 
3  N1 ? E CPT . ? A CPT 49   ? 1_555 PT1 ? E CPT . ? A CPT 49   ? 1_555 N2 ? E CPT . ? A CPT 49   ? 1_555 87.9  ? 
4  N7 ? A DG  6 ? A DG  6    ? 1_555 PT1 ? E CPT . ? A CPT 49   ? 1_555 N7 ? A DG  7 ? A DG  7    ? 1_555 90.9  ? 
5  N1 ? E CPT . ? A CPT 49   ? 1_555 PT1 ? E CPT . ? A CPT 49   ? 1_555 N7 ? A DG  7 ? A DG  7    ? 1_555 178.0 ? 
6  N2 ? E CPT . ? A CPT 49   ? 1_555 PT1 ? E CPT . ? A CPT 49   ? 1_555 N7 ? A DG  7 ? A DG  7    ? 1_555 90.3  ? 
7  O  ? L HOH . ? B HOH 1054 ? 1_555 MG  ? F MG  . ? B MG  2002 ? 1_555 O  ? L HOH . ? B HOH 1055 ? 1_555 174.4 ? 
8  O  ? L HOH . ? B HOH 1054 ? 1_555 MG  ? F MG  . ? B MG  2002 ? 1_555 O  ? L HOH . ? B HOH 1056 ? 1_555 95.6  ? 
9  O  ? L HOH . ? B HOH 1055 ? 1_555 MG  ? F MG  . ? B MG  2002 ? 1_555 O  ? L HOH . ? B HOH 1056 ? 1_555 83.3  ? 
10 O  ? L HOH . ? B HOH 1054 ? 1_555 MG  ? F MG  . ? B MG  2002 ? 1_555 O  ? L HOH . ? B HOH 1057 ? 1_555 99.9  ? 
11 O  ? L HOH . ? B HOH 1055 ? 1_555 MG  ? F MG  . ? B MG  2002 ? 1_555 O  ? L HOH . ? B HOH 1057 ? 1_555 85.7  ? 
12 O  ? L HOH . ? B HOH 1056 ? 1_555 MG  ? F MG  . ? B MG  2002 ? 1_555 O  ? L HOH . ? B HOH 1057 ? 1_555 99.5  ? 
13 O  ? L HOH . ? B HOH 1054 ? 1_555 MG  ? F MG  . ? B MG  2002 ? 1_555 O  ? L HOH . ? B HOH 1058 ? 1_555 86.9  ? 
14 O  ? L HOH . ? B HOH 1055 ? 1_555 MG  ? F MG  . ? B MG  2002 ? 1_555 O  ? L HOH . ? B HOH 1058 ? 1_555 87.7  ? 
15 O  ? L HOH . ? B HOH 1056 ? 1_555 MG  ? F MG  . ? B MG  2002 ? 1_555 O  ? L HOH . ? B HOH 1058 ? 1_555 91.6  ? 
16 O  ? L HOH . ? B HOH 1057 ? 1_555 MG  ? F MG  . ? B MG  2002 ? 1_555 O  ? L HOH . ? B HOH 1058 ? 1_555 166.3 ? 
17 O  ? L HOH . ? B HOH 1054 ? 1_555 MG  ? F MG  . ? B MG  2002 ? 1_555 O  ? L HOH . ? B HOH 1059 ? 1_555 92.1  ? 
18 O  ? L HOH . ? B HOH 1055 ? 1_555 MG  ? F MG  . ? B MG  2002 ? 1_555 O  ? L HOH . ? B HOH 1059 ? 1_555 89.0  ? 
19 O  ? L HOH . ? B HOH 1056 ? 1_555 MG  ? F MG  . ? B MG  2002 ? 1_555 O  ? L HOH . ? B HOH 1059 ? 1_555 172.3 ? 
20 O  ? L HOH . ? B HOH 1057 ? 1_555 MG  ? F MG  . ? B MG  2002 ? 1_555 O  ? L HOH . ? B HOH 1059 ? 1_555 79.2  ? 
21 O  ? L HOH . ? B HOH 1058 ? 1_555 MG  ? F MG  . ? B MG  2002 ? 1_555 O  ? L HOH . ? B HOH 1059 ? 1_555 88.8  ? 
22 O  ? L HOH . ? B HOH 1143 ? 1_555 MG  ? G MG  . ? B MG  2004 ? 1_555 O  ? L HOH . ? B HOH 1144 ? 1_555 93.3  ? 
23 O  ? L HOH . ? B HOH 1143 ? 1_555 MG  ? G MG  . ? B MG  2004 ? 1_555 O  ? L HOH . ? B HOH 1145 ? 1_555 86.4  ? 
24 O  ? L HOH . ? B HOH 1144 ? 1_555 MG  ? G MG  . ? B MG  2004 ? 1_555 O  ? L HOH . ? B HOH 1145 ? 1_555 179.4 ? 
25 O  ? L HOH . ? B HOH 1143 ? 1_555 MG  ? G MG  . ? B MG  2004 ? 1_555 O  ? L HOH . ? B HOH 1146 ? 1_555 179.5 ? 
26 O  ? L HOH . ? B HOH 1144 ? 1_555 MG  ? G MG  . ? B MG  2004 ? 1_555 O  ? L HOH . ? B HOH 1146 ? 1_555 86.3  ? 
27 O  ? L HOH . ? B HOH 1145 ? 1_555 MG  ? G MG  . ? B MG  2004 ? 1_555 O  ? L HOH . ? B HOH 1146 ? 1_555 94.1  ? 
28 O  ? L HOH . ? B HOH 1143 ? 1_555 MG  ? G MG  . ? B MG  2004 ? 1_555 O  ? L HOH . ? B HOH 1147 ? 1_555 90.6  ? 
29 O  ? L HOH . ? B HOH 1144 ? 1_555 MG  ? G MG  . ? B MG  2004 ? 1_555 O  ? L HOH . ? B HOH 1147 ? 1_555 87.4  ? 
30 O  ? L HOH . ? B HOH 1145 ? 1_555 MG  ? G MG  . ? B MG  2004 ? 1_555 O  ? L HOH . ? B HOH 1147 ? 1_555 93.1  ? 
31 O  ? L HOH . ? B HOH 1146 ? 1_555 MG  ? G MG  . ? B MG  2004 ? 1_555 O  ? L HOH . ? B HOH 1147 ? 1_555 89.1  ? 
32 O  ? L HOH . ? B HOH 1143 ? 1_555 MG  ? G MG  . ? B MG  2004 ? 1_555 O  ? L HOH . ? B HOH 1148 ? 1_555 89.8  ? 
33 O  ? L HOH . ? B HOH 1144 ? 1_555 MG  ? G MG  . ? B MG  2004 ? 1_555 O  ? L HOH . ? B HOH 1148 ? 1_555 92.4  ? 
34 O  ? L HOH . ? B HOH 1145 ? 1_555 MG  ? G MG  . ? B MG  2004 ? 1_555 O  ? L HOH . ? B HOH 1148 ? 1_555 87.1  ? 
35 O  ? L HOH . ? B HOH 1146 ? 1_555 MG  ? G MG  . ? B MG  2004 ? 1_555 O  ? L HOH . ? B HOH 1148 ? 1_555 90.5  ? 
36 O  ? L HOH . ? B HOH 1147 ? 1_555 MG  ? G MG  . ? B MG  2004 ? 1_555 O  ? L HOH . ? B HOH 1148 ? 1_555 179.6 ? 
37 N7 ? C DG  6 ? C DG  30   ? 1_555 PT1 ? H CPT . ? C CPT 50   ? 1_555 N1 ? H CPT . ? C CPT 50   ? 1_555 97.3  ? 
38 N7 ? C DG  6 ? C DG  30   ? 1_555 PT1 ? H CPT . ? C CPT 50   ? 1_555 N2 ? H CPT . ? C CPT 50   ? 1_555 177.4 ? 
39 N1 ? H CPT . ? C CPT 50   ? 1_555 PT1 ? H CPT . ? C CPT 50   ? 1_555 N2 ? H CPT . ? C CPT 50   ? 1_555 85.2  ? 
40 N7 ? C DG  6 ? C DG  30   ? 1_555 PT1 ? H CPT . ? C CPT 50   ? 1_555 N7 ? C DG  7 ? C DG  31   ? 1_555 89.1  ? 
41 N1 ? H CPT . ? C CPT 50   ? 1_555 PT1 ? H CPT . ? C CPT 50   ? 1_555 N7 ? C DG  7 ? C DG  31   ? 1_555 172.8 ? 
42 N2 ? H CPT . ? C CPT 50   ? 1_555 PT1 ? H CPT . ? C CPT 50   ? 1_555 N7 ? C DG  7 ? C DG  31   ? 1_555 88.3  ? 
43 O  ? N HOH . ? D HOH 1060 ? 1_555 MG  ? I MG  . ? D MG  2001 ? 1_555 O  ? N HOH . ? D HOH 1061 ? 1_555 90.9  ? 
44 O  ? N HOH . ? D HOH 1060 ? 1_555 MG  ? I MG  . ? D MG  2001 ? 1_555 O  ? N HOH . ? D HOH 1062 ? 1_555 95.2  ? 
45 O  ? N HOH . ? D HOH 1061 ? 1_555 MG  ? I MG  . ? D MG  2001 ? 1_555 O  ? N HOH . ? D HOH 1062 ? 1_555 172.2 ? 
46 O  ? N HOH . ? D HOH 1060 ? 1_555 MG  ? I MG  . ? D MG  2001 ? 1_555 O  ? N HOH . ? D HOH 1063 ? 1_555 89.9  ? 
47 O  ? N HOH . ? D HOH 1061 ? 1_555 MG  ? I MG  . ? D MG  2001 ? 1_555 O  ? N HOH . ? D HOH 1063 ? 1_555 92.2  ? 
48 O  ? N HOH . ? D HOH 1062 ? 1_555 MG  ? I MG  . ? D MG  2001 ? 1_555 O  ? N HOH . ? D HOH 1063 ? 1_555 83.0  ? 
49 O  ? N HOH . ? D HOH 1060 ? 1_555 MG  ? I MG  . ? D MG  2001 ? 1_555 O  ? N HOH . ? D HOH 1064 ? 1_555 89.6  ? 
50 O  ? N HOH . ? D HOH 1061 ? 1_555 MG  ? I MG  . ? D MG  2001 ? 1_555 O  ? N HOH . ? D HOH 1064 ? 1_555 91.9  ? 
51 O  ? N HOH . ? D HOH 1062 ? 1_555 MG  ? I MG  . ? D MG  2001 ? 1_555 O  ? N HOH . ? D HOH 1064 ? 1_555 93.0  ? 
52 O  ? N HOH . ? D HOH 1063 ? 1_555 MG  ? I MG  . ? D MG  2001 ? 1_555 O  ? N HOH . ? D HOH 1064 ? 1_555 175.9 ? 
53 O  ? N HOH . ? D HOH 1060 ? 1_555 MG  ? I MG  . ? D MG  2001 ? 1_555 O  ? N HOH . ? D HOH 1065 ? 1_555 162.6 ? 
54 O  ? N HOH . ? D HOH 1061 ? 1_555 MG  ? I MG  . ? D MG  2001 ? 1_555 O  ? N HOH . ? D HOH 1065 ? 1_555 74.0  ? 
55 O  ? N HOH . ? D HOH 1062 ? 1_555 MG  ? I MG  . ? D MG  2001 ? 1_555 O  ? N HOH . ? D HOH 1065 ? 1_555 99.2  ? 
56 O  ? N HOH . ? D HOH 1063 ? 1_555 MG  ? I MG  . ? D MG  2001 ? 1_555 O  ? N HOH . ? D HOH 1065 ? 1_555 82.1  ? 
57 O  ? N HOH . ? D HOH 1064 ? 1_555 MG  ? I MG  . ? D MG  2001 ? 1_555 O  ? N HOH . ? D HOH 1065 ? 1_555 99.5  ? 
58 O  ? N HOH . ? D HOH 1137 ? 1_555 MG  ? J MG  . ? D MG  2003 ? 1_555 O  ? N HOH . ? D HOH 1138 ? 1_555 89.4  ? 
59 O  ? N HOH . ? D HOH 1137 ? 1_555 MG  ? J MG  . ? D MG  2003 ? 1_555 O  ? N HOH . ? D HOH 1139 ? 1_555 90.2  ? 
60 O  ? N HOH . ? D HOH 1138 ? 1_555 MG  ? J MG  . ? D MG  2003 ? 1_555 O  ? N HOH . ? D HOH 1139 ? 1_555 179.6 ? 
61 O  ? N HOH . ? D HOH 1137 ? 1_555 MG  ? J MG  . ? D MG  2003 ? 1_555 O  ? N HOH . ? D HOH 1140 ? 1_555 179.2 ? 
62 O  ? N HOH . ? D HOH 1138 ? 1_555 MG  ? J MG  . ? D MG  2003 ? 1_555 O  ? N HOH . ? D HOH 1140 ? 1_555 91.4  ? 
63 O  ? N HOH . ? D HOH 1139 ? 1_555 MG  ? J MG  . ? D MG  2003 ? 1_555 O  ? N HOH . ? D HOH 1140 ? 1_555 89.0  ? 
64 O  ? N HOH . ? D HOH 1137 ? 1_555 MG  ? J MG  . ? D MG  2003 ? 1_555 O  ? N HOH . ? D HOH 1141 ? 1_555 90.2  ? 
65 O  ? N HOH . ? D HOH 1138 ? 1_555 MG  ? J MG  . ? D MG  2003 ? 1_555 O  ? N HOH . ? D HOH 1141 ? 1_555 90.9  ? 
66 O  ? N HOH . ? D HOH 1139 ? 1_555 MG  ? J MG  . ? D MG  2003 ? 1_555 O  ? N HOH . ? D HOH 1141 ? 1_555 88.9  ? 
67 O  ? N HOH . ? D HOH 1140 ? 1_555 MG  ? J MG  . ? D MG  2003 ? 1_555 O  ? N HOH . ? D HOH 1141 ? 1_555 89.8  ? 
68 O  ? N HOH . ? D HOH 1137 ? 1_555 MG  ? J MG  . ? D MG  2003 ? 1_555 O  ? N HOH . ? D HOH 1142 ? 1_555 90.0  ? 
69 O  ? N HOH . ? D HOH 1138 ? 1_555 MG  ? J MG  . ? D MG  2003 ? 1_555 O  ? N HOH . ? D HOH 1142 ? 1_555 88.6  ? 
70 O  ? N HOH . ? D HOH 1139 ? 1_555 MG  ? J MG  . ? D MG  2003 ? 1_555 O  ? N HOH . ? D HOH 1142 ? 1_555 91.5  ? 
71 O  ? N HOH . ? D HOH 1140 ? 1_555 MG  ? J MG  . ? D MG  2003 ? 1_555 O  ? N HOH . ? D HOH 1142 ? 1_555 90.0  ? 
72 O  ? N HOH . ? D HOH 1141 ? 1_555 MG  ? J MG  . ? D MG  2003 ? 1_555 O  ? N HOH . ? D HOH 1142 ? 1_555 179.5 ? 
# 
loop_
_pdbx_audit_revision_history.ordinal 
_pdbx_audit_revision_history.data_content_type 
_pdbx_audit_revision_history.major_revision 
_pdbx_audit_revision_history.minor_revision 
_pdbx_audit_revision_history.revision_date 
1 'Structure model' 1 0 2010-08-11 
2 'Structure model' 1 1 2011-07-13 
3 'Structure model' 1 2 2017-11-01 
4 'Structure model' 1 3 2023-09-06 
# 
_pdbx_audit_revision_details.ordinal             1 
_pdbx_audit_revision_details.revision_ordinal    1 
_pdbx_audit_revision_details.data_content_type   'Structure model' 
_pdbx_audit_revision_details.provider            repository 
_pdbx_audit_revision_details.type                'Initial release' 
_pdbx_audit_revision_details.description         ? 
_pdbx_audit_revision_details.details             ? 
# 
loop_
_pdbx_audit_revision_group.ordinal 
_pdbx_audit_revision_group.revision_ordinal 
_pdbx_audit_revision_group.data_content_type 
_pdbx_audit_revision_group.group 
1 2 'Structure model' 'Version format compliance' 
2 3 'Structure model' 'Refinement description'    
3 4 'Structure model' 'Data collection'           
4 4 'Structure model' 'Database references'       
5 4 'Structure model' 'Derived calculations'      
6 4 'Structure model' 'Refinement description'    
# 
loop_
_pdbx_audit_revision_category.ordinal 
_pdbx_audit_revision_category.revision_ordinal 
_pdbx_audit_revision_category.data_content_type 
_pdbx_audit_revision_category.category 
1 3 'Structure model' software                      
2 4 'Structure model' chem_comp_atom                
3 4 'Structure model' chem_comp_bond                
4 4 'Structure model' database_2                    
5 4 'Structure model' pdbx_initial_refinement_model 
6 4 'Structure model' pdbx_struct_conn_angle        
7 4 'Structure model' struct_conn                   
8 4 'Structure model' struct_site                   
# 
loop_
_pdbx_audit_revision_item.ordinal 
_pdbx_audit_revision_item.revision_ordinal 
_pdbx_audit_revision_item.data_content_type 
_pdbx_audit_revision_item.item 
1  4 'Structure model' '_database_2.pdbx_DOI'                        
2  4 'Structure model' '_database_2.pdbx_database_accession'         
3  4 'Structure model' '_pdbx_struct_conn_angle.ptnr1_auth_asym_id'  
4  4 'Structure model' '_pdbx_struct_conn_angle.ptnr1_auth_comp_id'  
5  4 'Structure model' '_pdbx_struct_conn_angle.ptnr1_auth_seq_id'   
6  4 'Structure model' '_pdbx_struct_conn_angle.ptnr1_label_asym_id' 
7  4 'Structure model' '_pdbx_struct_conn_angle.ptnr1_label_atom_id' 
8  4 'Structure model' '_pdbx_struct_conn_angle.ptnr1_label_comp_id' 
9  4 'Structure model' '_pdbx_struct_conn_angle.ptnr1_label_seq_id'  
10 4 'Structure model' '_pdbx_struct_conn_angle.ptnr2_auth_asym_id'  
11 4 'Structure model' '_pdbx_struct_conn_angle.ptnr2_auth_comp_id'  
12 4 'Structure model' '_pdbx_struct_conn_angle.ptnr2_auth_seq_id'   
13 4 'Structure model' '_pdbx_struct_conn_angle.ptnr2_label_asym_id' 
14 4 'Structure model' '_pdbx_struct_conn_angle.ptnr2_label_atom_id' 
15 4 'Structure model' '_pdbx_struct_conn_angle.ptnr2_label_comp_id' 
16 4 'Structure model' '_pdbx_struct_conn_angle.ptnr3_auth_asym_id'  
17 4 'Structure model' '_pdbx_struct_conn_angle.ptnr3_auth_comp_id'  
18 4 'Structure model' '_pdbx_struct_conn_angle.ptnr3_auth_seq_id'   
19 4 'Structure model' '_pdbx_struct_conn_angle.ptnr3_label_asym_id' 
20 4 'Structure model' '_pdbx_struct_conn_angle.ptnr3_label_atom_id' 
21 4 'Structure model' '_pdbx_struct_conn_angle.ptnr3_label_comp_id' 
22 4 'Structure model' '_pdbx_struct_conn_angle.ptnr3_label_seq_id'  
23 4 'Structure model' '_pdbx_struct_conn_angle.value'               
24 4 'Structure model' '_struct_conn.pdbx_dist_value'                
25 4 'Structure model' '_struct_conn.ptnr1_auth_asym_id'             
26 4 'Structure model' '_struct_conn.ptnr1_auth_comp_id'             
27 4 'Structure model' '_struct_conn.ptnr1_auth_seq_id'              
28 4 'Structure model' '_struct_conn.ptnr1_label_asym_id'            
29 4 'Structure model' '_struct_conn.ptnr1_label_atom_id'            
30 4 'Structure model' '_struct_conn.ptnr1_label_comp_id'            
31 4 'Structure model' '_struct_conn.ptnr1_label_seq_id'             
32 4 'Structure model' '_struct_conn.ptnr2_auth_asym_id'             
33 4 'Structure model' '_struct_conn.ptnr2_auth_comp_id'             
34 4 'Structure model' '_struct_conn.ptnr2_auth_seq_id'              
35 4 'Structure model' '_struct_conn.ptnr2_label_asym_id'            
36 4 'Structure model' '_struct_conn.ptnr2_label_atom_id'            
37 4 'Structure model' '_struct_conn.ptnr2_label_comp_id'            
38 4 'Structure model' '_struct_site.pdbx_auth_asym_id'              
39 4 'Structure model' '_struct_site.pdbx_auth_comp_id'              
40 4 'Structure model' '_struct_site.pdbx_auth_seq_id'               
# 
_phasing.method   MR 
# 
loop_
_software.pdbx_ordinal 
_software.name 
_software.version 
_software.date 
_software.type 
_software.contact_author 
_software.contact_author_email 
_software.classification 
_software.location 
_software.language 
_software.citation_id 
1 DENZO       .     ?               package 'Zbyszek Otwinowski' hkl@hkl-xray.com            'data reduction'  
http://www.hkl-xray.com/                     ?          ? 
2 SCALEPACK   .     ?               package 'Zbyszek Otwinowski' hkl@hkl-xray.com            'data scaling'    
http://www.hkl-xray.com/                     ?          ? 
3 PHASER      .     ?               program 'Randy J. Read'      cimr-phaser@lists.cam.ac.uk phasing           
http://www-structmed.cimr.cam.ac.uk/phaser/  ?          ? 
4 REFMAC      .     ?               program 'Garib N. Murshudov' garib@ysbl.york.ac.uk       refinement        
http://www.ccp4.ac.uk/dist/html/refmac5.html Fortran_77 ? 
5 PDB_EXTRACT 3.005 'June 11, 2008' package PDB                  help@deposit.rcsb.org       'data extraction' 
http://sw-tools.pdb.org/apps/PDB_EXTRACT/    C++        ? 
6 HKL-2000    .     ?               ?       ?                    ?                           'data collection' ? ?          ? 
7 HKL-2000    .     ?               ?       ?                    ?                           'data reduction'  ? ?          ? 
8 HKL-2000    .     ?               ?       ?                    ?                           'data scaling'    ? ?          ? 
# 
_pdbx_entry_details.entry_id                 3LPV 
_pdbx_entry_details.nonpolymer_details       
;NUMBERING OF WATER MOLECULES IN THE PUBLICATION TEXT REFER THE LAST 
THREE DIGITS OF THE HOH RESIDUE NUMBER IN THE PDB FILE.
;
_pdbx_entry_details.sequence_details         ? 
_pdbx_entry_details.compound_details         ? 
_pdbx_entry_details.source_details           ? 
_pdbx_entry_details.has_ligand_of_interest   ? 
# 
loop_
_pdbx_validate_rmsd_bond.id 
_pdbx_validate_rmsd_bond.PDB_model_num 
_pdbx_validate_rmsd_bond.auth_atom_id_1 
_pdbx_validate_rmsd_bond.auth_asym_id_1 
_pdbx_validate_rmsd_bond.auth_comp_id_1 
_pdbx_validate_rmsd_bond.auth_seq_id_1 
_pdbx_validate_rmsd_bond.PDB_ins_code_1 
_pdbx_validate_rmsd_bond.label_alt_id_1 
_pdbx_validate_rmsd_bond.auth_atom_id_2 
_pdbx_validate_rmsd_bond.auth_asym_id_2 
_pdbx_validate_rmsd_bond.auth_comp_id_2 
_pdbx_validate_rmsd_bond.auth_seq_id_2 
_pdbx_validate_rmsd_bond.PDB_ins_code_2 
_pdbx_validate_rmsd_bond.label_alt_id_2 
_pdbx_validate_rmsd_bond.bond_value 
_pdbx_validate_rmsd_bond.bond_target_value 
_pdbx_validate_rmsd_bond.bond_deviation 
_pdbx_validate_rmsd_bond.bond_standard_deviation 
_pdbx_validate_rmsd_bond.linker_flag 
1 1 "O3'" B DA 17 ? ? "C3'" B DA 17 ? ? 1.379 1.419 -0.040 0.006 N 
2 1 "O3'" B DA 22 ? ? "C3'" B DA 22 ? ? 1.369 1.419 -0.050 0.006 N 
# 
loop_
_pdbx_validate_rmsd_angle.id 
_pdbx_validate_rmsd_angle.PDB_model_num 
_pdbx_validate_rmsd_angle.auth_atom_id_1 
_pdbx_validate_rmsd_angle.auth_asym_id_1 
_pdbx_validate_rmsd_angle.auth_comp_id_1 
_pdbx_validate_rmsd_angle.auth_seq_id_1 
_pdbx_validate_rmsd_angle.PDB_ins_code_1 
_pdbx_validate_rmsd_angle.label_alt_id_1 
_pdbx_validate_rmsd_angle.auth_atom_id_2 
_pdbx_validate_rmsd_angle.auth_asym_id_2 
_pdbx_validate_rmsd_angle.auth_comp_id_2 
_pdbx_validate_rmsd_angle.auth_seq_id_2 
_pdbx_validate_rmsd_angle.PDB_ins_code_2 
_pdbx_validate_rmsd_angle.label_alt_id_2 
_pdbx_validate_rmsd_angle.auth_atom_id_3 
_pdbx_validate_rmsd_angle.auth_asym_id_3 
_pdbx_validate_rmsd_angle.auth_comp_id_3 
_pdbx_validate_rmsd_angle.auth_seq_id_3 
_pdbx_validate_rmsd_angle.PDB_ins_code_3 
_pdbx_validate_rmsd_angle.label_alt_id_3 
_pdbx_validate_rmsd_angle.angle_value 
_pdbx_validate_rmsd_angle.angle_target_value 
_pdbx_validate_rmsd_angle.angle_deviation 
_pdbx_validate_rmsd_angle.angle_standard_deviation 
_pdbx_validate_rmsd_angle.linker_flag 
1  1 "O4'" A DT 5  ? ? "C4'" A DT 5  ? ? "C3'" A DT 5  ? ? 101.93 104.50 -2.57 0.40 N 
2  1 "O4'" A DG 6  ? ? "C4'" A DG 6  ? ? "C3'" A DG 6  ? ? 101.30 104.50 -3.20 0.40 N 
3  1 C5    A DG 7  ? ? N7    A DG 7  ? ? C8    A DG 7  ? ? 107.46 104.30 3.16  0.50 N 
4  1 "C3'" B DG 16 ? ? "C2'" B DG 16 ? ? "C1'" B DG 16 ? ? 96.74  102.40 -5.66 0.80 N 
5  1 "O4'" B DG 16 ? ? "C1'" B DG 16 ? ? N9    B DG 16 ? ? 112.11 108.30 3.81  0.30 N 
6  1 "C4'" B DA 17 ? ? "C3'" B DA 17 ? ? "C2'" B DA 17 ? ? 97.48  102.20 -4.72 0.70 N 
7  1 "O4'" B DC 18 ? ? "C1'" B DC 18 ? ? N1    B DC 18 ? ? 111.52 108.30 3.22  0.30 N 
8  1 "O4'" B DA 22 ? ? "C4'" B DA 22 ? ? "C3'" B DA 22 ? ? 100.78 104.50 -3.72 0.40 N 
9  1 "O5'" B DG 23 ? ? P     B DG 23 ? ? OP2   B DG 23 ? ? 99.68  105.70 -6.02 0.90 N 
10 1 "O4'" B DG 23 ? ? "C4'" B DG 23 ? ? "C3'" B DG 23 ? ? 100.84 104.50 -3.66 0.40 N 
11 1 "C4'" B DG 23 ? ? "C3'" B DG 23 ? ? "C2'" B DG 23 ? ? 94.79  102.20 -7.41 0.70 N 
12 1 "O4'" C DC 25 ? ? "C1'" C DC 25 ? ? N1    C DC 25 ? ? 111.06 108.30 2.76  0.30 N 
13 1 "O4'" C DT 27 ? ? "C4'" C DT 27 ? ? "C3'" C DT 27 ? ? 101.42 104.50 -3.08 0.40 N 
14 1 C4    C DT 27 ? ? C5    C DT 27 ? ? C7    C DT 27 ? ? 123.24 119.00 4.24  0.60 N 
15 1 C6    C DT 27 ? ? C5    C DT 27 ? ? C7    C DT 27 ? ? 118.05 122.90 -4.85 0.60 N 
16 1 C4    C DG 30 ? ? C5    C DG 30 ? ? N7    C DG 30 ? ? 113.89 110.80 3.09  0.40 N 
17 1 C5    C DG 30 ? ? N7    C DG 30 ? ? C8    C DG 30 ? ? 99.62  104.30 -4.68 0.50 N 
18 1 N7    C DG 30 ? ? C8    C DG 30 ? ? N9    C DG 30 ? ? 116.48 113.10 3.38  0.50 N 
19 1 C5    C DG 30 ? ? C6    C DG 30 ? ? O6    C DG 30 ? ? 124.83 128.60 -3.77 0.60 N 
20 1 "O4'" D DG 40 ? ? "C1'" D DG 40 ? ? N9    D DG 40 ? ? 111.25 108.30 2.95  0.30 N 
21 1 "O4'" D DA 41 ? ? "C4'" D DA 41 ? ? "C3'" D DA 41 ? ? 100.49 104.50 -4.01 0.40 N 
22 1 "O4'" D DC 42 ? ? "C1'" D DC 42 ? ? N1    D DC 42 ? ? 110.36 108.30 2.06  0.30 N 
# 
loop_
_chem_comp_atom.comp_id 
_chem_comp_atom.atom_id 
_chem_comp_atom.type_symbol 
_chem_comp_atom.pdbx_aromatic_flag 
_chem_comp_atom.pdbx_stereo_config 
_chem_comp_atom.pdbx_ordinal 
CPT PT1    PT N N 1   
CPT N1     N  N N 2   
CPT N2     N  N N 3   
CPT H11    H  N N 4   
CPT H12    H  N N 5   
CPT H21    H  N N 6   
CPT H22    H  N N 7   
CPT CL2    CL N N 8   
CPT CL1    CL N N 9   
CPT H13    H  N N 10  
CPT H23    H  N N 11  
DA  OP3    O  N N 12  
DA  P      P  N N 13  
DA  OP1    O  N N 14  
DA  OP2    O  N N 15  
DA  "O5'"  O  N N 16  
DA  "C5'"  C  N N 17  
DA  "C4'"  C  N R 18  
DA  "O4'"  O  N N 19  
DA  "C3'"  C  N S 20  
DA  "O3'"  O  N N 21  
DA  "C2'"  C  N N 22  
DA  "C1'"  C  N R 23  
DA  N9     N  Y N 24  
DA  C8     C  Y N 25  
DA  N7     N  Y N 26  
DA  C5     C  Y N 27  
DA  C6     C  Y N 28  
DA  N6     N  N N 29  
DA  N1     N  Y N 30  
DA  C2     C  Y N 31  
DA  N3     N  Y N 32  
DA  C4     C  Y N 33  
DA  HOP3   H  N N 34  
DA  HOP2   H  N N 35  
DA  "H5'"  H  N N 36  
DA  "H5''" H  N N 37  
DA  "H4'"  H  N N 38  
DA  "H3'"  H  N N 39  
DA  "HO3'" H  N N 40  
DA  "H2'"  H  N N 41  
DA  "H2''" H  N N 42  
DA  "H1'"  H  N N 43  
DA  H8     H  N N 44  
DA  H61    H  N N 45  
DA  H62    H  N N 46  
DA  H2     H  N N 47  
DC  OP3    O  N N 48  
DC  P      P  N N 49  
DC  OP1    O  N N 50  
DC  OP2    O  N N 51  
DC  "O5'"  O  N N 52  
DC  "C5'"  C  N N 53  
DC  "C4'"  C  N R 54  
DC  "O4'"  O  N N 55  
DC  "C3'"  C  N S 56  
DC  "O3'"  O  N N 57  
DC  "C2'"  C  N N 58  
DC  "C1'"  C  N R 59  
DC  N1     N  N N 60  
DC  C2     C  N N 61  
DC  O2     O  N N 62  
DC  N3     N  N N 63  
DC  C4     C  N N 64  
DC  N4     N  N N 65  
DC  C5     C  N N 66  
DC  C6     C  N N 67  
DC  HOP3   H  N N 68  
DC  HOP2   H  N N 69  
DC  "H5'"  H  N N 70  
DC  "H5''" H  N N 71  
DC  "H4'"  H  N N 72  
DC  "H3'"  H  N N 73  
DC  "HO3'" H  N N 74  
DC  "H2'"  H  N N 75  
DC  "H2''" H  N N 76  
DC  "H1'"  H  N N 77  
DC  H41    H  N N 78  
DC  H42    H  N N 79  
DC  H5     H  N N 80  
DC  H6     H  N N 81  
DG  OP3    O  N N 82  
DG  P      P  N N 83  
DG  OP1    O  N N 84  
DG  OP2    O  N N 85  
DG  "O5'"  O  N N 86  
DG  "C5'"  C  N N 87  
DG  "C4'"  C  N R 88  
DG  "O4'"  O  N N 89  
DG  "C3'"  C  N S 90  
DG  "O3'"  O  N N 91  
DG  "C2'"  C  N N 92  
DG  "C1'"  C  N R 93  
DG  N9     N  Y N 94  
DG  C8     C  Y N 95  
DG  N7     N  Y N 96  
DG  C5     C  Y N 97  
DG  C6     C  N N 98  
DG  O6     O  N N 99  
DG  N1     N  N N 100 
DG  C2     C  N N 101 
DG  N2     N  N N 102 
DG  N3     N  N N 103 
DG  C4     C  Y N 104 
DG  HOP3   H  N N 105 
DG  HOP2   H  N N 106 
DG  "H5'"  H  N N 107 
DG  "H5''" H  N N 108 
DG  "H4'"  H  N N 109 
DG  "H3'"  H  N N 110 
DG  "HO3'" H  N N 111 
DG  "H2'"  H  N N 112 
DG  "H2''" H  N N 113 
DG  "H1'"  H  N N 114 
DG  H8     H  N N 115 
DG  H1     H  N N 116 
DG  H21    H  N N 117 
DG  H22    H  N N 118 
DT  OP3    O  N N 119 
DT  P      P  N N 120 
DT  OP1    O  N N 121 
DT  OP2    O  N N 122 
DT  "O5'"  O  N N 123 
DT  "C5'"  C  N N 124 
DT  "C4'"  C  N R 125 
DT  "O4'"  O  N N 126 
DT  "C3'"  C  N S 127 
DT  "O3'"  O  N N 128 
DT  "C2'"  C  N N 129 
DT  "C1'"  C  N R 130 
DT  N1     N  N N 131 
DT  C2     C  N N 132 
DT  O2     O  N N 133 
DT  N3     N  N N 134 
DT  C4     C  N N 135 
DT  O4     O  N N 136 
DT  C5     C  N N 137 
DT  C7     C  N N 138 
DT  C6     C  N N 139 
DT  HOP3   H  N N 140 
DT  HOP2   H  N N 141 
DT  "H5'"  H  N N 142 
DT  "H5''" H  N N 143 
DT  "H4'"  H  N N 144 
DT  "H3'"  H  N N 145 
DT  "HO3'" H  N N 146 
DT  "H2'"  H  N N 147 
DT  "H2''" H  N N 148 
DT  "H1'"  H  N N 149 
DT  H3     H  N N 150 
DT  H71    H  N N 151 
DT  H72    H  N N 152 
DT  H73    H  N N 153 
DT  H6     H  N N 154 
HOH O      O  N N 155 
HOH H1     H  N N 156 
HOH H2     H  N N 157 
MG  MG     MG N N 158 
# 
loop_
_chem_comp_bond.comp_id 
_chem_comp_bond.atom_id_1 
_chem_comp_bond.atom_id_2 
_chem_comp_bond.value_order 
_chem_comp_bond.pdbx_aromatic_flag 
_chem_comp_bond.pdbx_stereo_config 
_chem_comp_bond.pdbx_ordinal 
CPT PT1   N1     sing N N 1   
CPT PT1   N2     sing N N 2   
CPT N1    H11    sing N N 3   
CPT N1    H12    sing N N 4   
CPT N1    H13    sing N N 5   
CPT N2    H21    sing N N 6   
CPT N2    H22    sing N N 7   
CPT N2    H23    sing N N 8   
CPT CL2   PT1    sing N N 9   
CPT CL1   PT1    sing N N 10  
DA  OP3   P      sing N N 11  
DA  OP3   HOP3   sing N N 12  
DA  P     OP1    doub N N 13  
DA  P     OP2    sing N N 14  
DA  P     "O5'"  sing N N 15  
DA  OP2   HOP2   sing N N 16  
DA  "O5'" "C5'"  sing N N 17  
DA  "C5'" "C4'"  sing N N 18  
DA  "C5'" "H5'"  sing N N 19  
DA  "C5'" "H5''" sing N N 20  
DA  "C4'" "O4'"  sing N N 21  
DA  "C4'" "C3'"  sing N N 22  
DA  "C4'" "H4'"  sing N N 23  
DA  "O4'" "C1'"  sing N N 24  
DA  "C3'" "O3'"  sing N N 25  
DA  "C3'" "C2'"  sing N N 26  
DA  "C3'" "H3'"  sing N N 27  
DA  "O3'" "HO3'" sing N N 28  
DA  "C2'" "C1'"  sing N N 29  
DA  "C2'" "H2'"  sing N N 30  
DA  "C2'" "H2''" sing N N 31  
DA  "C1'" N9     sing N N 32  
DA  "C1'" "H1'"  sing N N 33  
DA  N9    C8     sing Y N 34  
DA  N9    C4     sing Y N 35  
DA  C8    N7     doub Y N 36  
DA  C8    H8     sing N N 37  
DA  N7    C5     sing Y N 38  
DA  C5    C6     sing Y N 39  
DA  C5    C4     doub Y N 40  
DA  C6    N6     sing N N 41  
DA  C6    N1     doub Y N 42  
DA  N6    H61    sing N N 43  
DA  N6    H62    sing N N 44  
DA  N1    C2     sing Y N 45  
DA  C2    N3     doub Y N 46  
DA  C2    H2     sing N N 47  
DA  N3    C4     sing Y N 48  
DC  OP3   P      sing N N 49  
DC  OP3   HOP3   sing N N 50  
DC  P     OP1    doub N N 51  
DC  P     OP2    sing N N 52  
DC  P     "O5'"  sing N N 53  
DC  OP2   HOP2   sing N N 54  
DC  "O5'" "C5'"  sing N N 55  
DC  "C5'" "C4'"  sing N N 56  
DC  "C5'" "H5'"  sing N N 57  
DC  "C5'" "H5''" sing N N 58  
DC  "C4'" "O4'"  sing N N 59  
DC  "C4'" "C3'"  sing N N 60  
DC  "C4'" "H4'"  sing N N 61  
DC  "O4'" "C1'"  sing N N 62  
DC  "C3'" "O3'"  sing N N 63  
DC  "C3'" "C2'"  sing N N 64  
DC  "C3'" "H3'"  sing N N 65  
DC  "O3'" "HO3'" sing N N 66  
DC  "C2'" "C1'"  sing N N 67  
DC  "C2'" "H2'"  sing N N 68  
DC  "C2'" "H2''" sing N N 69  
DC  "C1'" N1     sing N N 70  
DC  "C1'" "H1'"  sing N N 71  
DC  N1    C2     sing N N 72  
DC  N1    C6     sing N N 73  
DC  C2    O2     doub N N 74  
DC  C2    N3     sing N N 75  
DC  N3    C4     doub N N 76  
DC  C4    N4     sing N N 77  
DC  C4    C5     sing N N 78  
DC  N4    H41    sing N N 79  
DC  N4    H42    sing N N 80  
DC  C5    C6     doub N N 81  
DC  C5    H5     sing N N 82  
DC  C6    H6     sing N N 83  
DG  OP3   P      sing N N 84  
DG  OP3   HOP3   sing N N 85  
DG  P     OP1    doub N N 86  
DG  P     OP2    sing N N 87  
DG  P     "O5'"  sing N N 88  
DG  OP2   HOP2   sing N N 89  
DG  "O5'" "C5'"  sing N N 90  
DG  "C5'" "C4'"  sing N N 91  
DG  "C5'" "H5'"  sing N N 92  
DG  "C5'" "H5''" sing N N 93  
DG  "C4'" "O4'"  sing N N 94  
DG  "C4'" "C3'"  sing N N 95  
DG  "C4'" "H4'"  sing N N 96  
DG  "O4'" "C1'"  sing N N 97  
DG  "C3'" "O3'"  sing N N 98  
DG  "C3'" "C2'"  sing N N 99  
DG  "C3'" "H3'"  sing N N 100 
DG  "O3'" "HO3'" sing N N 101 
DG  "C2'" "C1'"  sing N N 102 
DG  "C2'" "H2'"  sing N N 103 
DG  "C2'" "H2''" sing N N 104 
DG  "C1'" N9     sing N N 105 
DG  "C1'" "H1'"  sing N N 106 
DG  N9    C8     sing Y N 107 
DG  N9    C4     sing Y N 108 
DG  C8    N7     doub Y N 109 
DG  C8    H8     sing N N 110 
DG  N7    C5     sing Y N 111 
DG  C5    C6     sing N N 112 
DG  C5    C4     doub Y N 113 
DG  C6    O6     doub N N 114 
DG  C6    N1     sing N N 115 
DG  N1    C2     sing N N 116 
DG  N1    H1     sing N N 117 
DG  C2    N2     sing N N 118 
DG  C2    N3     doub N N 119 
DG  N2    H21    sing N N 120 
DG  N2    H22    sing N N 121 
DG  N3    C4     sing N N 122 
DT  OP3   P      sing N N 123 
DT  OP3   HOP3   sing N N 124 
DT  P     OP1    doub N N 125 
DT  P     OP2    sing N N 126 
DT  P     "O5'"  sing N N 127 
DT  OP2   HOP2   sing N N 128 
DT  "O5'" "C5'"  sing N N 129 
DT  "C5'" "C4'"  sing N N 130 
DT  "C5'" "H5'"  sing N N 131 
DT  "C5'" "H5''" sing N N 132 
DT  "C4'" "O4'"  sing N N 133 
DT  "C4'" "C3'"  sing N N 134 
DT  "C4'" "H4'"  sing N N 135 
DT  "O4'" "C1'"  sing N N 136 
DT  "C3'" "O3'"  sing N N 137 
DT  "C3'" "C2'"  sing N N 138 
DT  "C3'" "H3'"  sing N N 139 
DT  "O3'" "HO3'" sing N N 140 
DT  "C2'" "C1'"  sing N N 141 
DT  "C2'" "H2'"  sing N N 142 
DT  "C2'" "H2''" sing N N 143 
DT  "C1'" N1     sing N N 144 
DT  "C1'" "H1'"  sing N N 145 
DT  N1    C2     sing N N 146 
DT  N1    C6     sing N N 147 
DT  C2    O2     doub N N 148 
DT  C2    N3     sing N N 149 
DT  N3    C4     sing N N 150 
DT  N3    H3     sing N N 151 
DT  C4    O4     doub N N 152 
DT  C4    C5     sing N N 153 
DT  C5    C7     sing N N 154 
DT  C5    C6     doub N N 155 
DT  C7    H71    sing N N 156 
DT  C7    H72    sing N N 157 
DT  C7    H73    sing N N 158 
DT  C6    H6     sing N N 159 
HOH O     H1     sing N N 160 
HOH O     H2     sing N N 161 
# 
loop_
_ndb_struct_conf_na.entry_id 
_ndb_struct_conf_na.feature 
3LPV 'double helix'        
3LPV 'a-form double helix' 
3LPV 'b-form double helix' 
# 
loop_
_ndb_struct_na_base_pair.model_number 
_ndb_struct_na_base_pair.i_label_asym_id 
_ndb_struct_na_base_pair.i_label_comp_id 
_ndb_struct_na_base_pair.i_label_seq_id 
_ndb_struct_na_base_pair.i_symmetry 
_ndb_struct_na_base_pair.j_label_asym_id 
_ndb_struct_na_base_pair.j_label_comp_id 
_ndb_struct_na_base_pair.j_label_seq_id 
_ndb_struct_na_base_pair.j_symmetry 
_ndb_struct_na_base_pair.shear 
_ndb_struct_na_base_pair.stretch 
_ndb_struct_na_base_pair.stagger 
_ndb_struct_na_base_pair.buckle 
_ndb_struct_na_base_pair.propeller 
_ndb_struct_na_base_pair.opening 
_ndb_struct_na_base_pair.pair_number 
_ndb_struct_na_base_pair.pair_name 
_ndb_struct_na_base_pair.i_auth_asym_id 
_ndb_struct_na_base_pair.i_auth_seq_id 
_ndb_struct_na_base_pair.i_PDB_ins_code 
_ndb_struct_na_base_pair.j_auth_asym_id 
_ndb_struct_na_base_pair.j_auth_seq_id 
_ndb_struct_na_base_pair.j_PDB_ins_code 
_ndb_struct_na_base_pair.hbond_type_28 
_ndb_struct_na_base_pair.hbond_type_12 
1 A DC 1  1_555 B DG 12 1_555 0.147  -0.196 -0.182 5.716   -3.127  -0.686 1  A_DC1:DG24_B  A 1  ? B 24 ? 19 1 
1 A DC 2  1_555 B DG 11 1_555 0.374  -0.151 -0.056 2.186   -7.282  -0.740 2  A_DC2:DG23_B  A 2  ? B 23 ? 19 1 
1 A DT 3  1_555 B DA 10 1_555 0.023  -0.148 -0.109 2.393   -13.724 3.683  3  A_DT3:DA22_B  A 3  ? B 22 ? 20 1 
1 A DC 4  1_555 B DG 9  1_555 0.245  -0.130 0.046  -2.379  -7.984  0.817  4  A_DC4:DG21_B  A 4  ? B 21 ? 19 1 
1 A DT 5  1_555 B DA 8  1_555 0.008  -0.151 0.152  4.594   -6.428  0.116  5  A_DT5:DA20_B  A 5  ? B 20 ? 20 1 
1 A DG 6  1_555 B DC 7  1_555 -0.239 -0.261 0.220  14.133  -19.317 -0.363 6  A_DG6:DC19_B  A 6  ? B 19 ? 19 1 
1 A DG 7  1_555 B DC 6  1_555 -0.450 -0.174 0.040  -5.892  -16.505 3.173  7  A_DG7:DC18_B  A 7  ? B 18 ? 19 1 
1 A DT 8  1_555 B DA 5  1_555 -0.125 -0.054 0.041  -3.582  -17.897 -2.803 8  A_DT8:DA17_B  A 8  ? B 17 ? 20 1 
1 A DC 9  1_555 B DG 4  1_555 0.106  -0.176 0.134  -11.384 -12.187 -1.669 9  A_DC9:DG16_B  A 9  ? B 16 ? 19 1 
1 A DT 10 1_555 B DA 3  1_555 -0.068 -0.142 -0.001 -2.737  -7.611  -2.473 10 A_DT10:DA15_B A 10 ? B 15 ? 20 1 
1 A DC 11 1_555 B DG 2  1_555 0.222  -0.069 -0.158 -0.760  -7.800  -1.936 11 A_DC11:DG14_B A 11 ? B 14 ? 19 1 
1 A DC 12 1_555 B DG 1  1_555 0.417  -0.103 0.171  -6.556  -6.868  -1.754 12 A_DC12:DG13_B A 12 ? B 13 ? 19 1 
1 C DC 1  1_555 D DG 12 1_555 0.219  -0.108 -0.280 8.644   -4.483  -1.373 13 C_DC25:DG48_D C 25 ? D 48 ? 19 1 
1 C DC 2  1_555 D DG 11 1_555 0.283  -0.210 -0.058 1.645   -6.519  -0.872 14 C_DC26:DG47_D C 26 ? D 47 ? 19 1 
1 C DT 3  1_555 D DA 10 1_555 0.068  -0.120 -0.104 0.214   -11.985 3.480  15 C_DT27:DA46_D C 27 ? D 46 ? 20 1 
1 C DC 4  1_555 D DG 9  1_555 0.220  -0.137 0.079  -0.715  -9.123  1.374  16 C_DC28:DG45_D C 28 ? D 45 ? 19 1 
1 C DT 5  1_555 D DA 8  1_555 0.007  -0.137 0.020  5.163   -6.190  0.314  17 C_DT29:DA44_D C 29 ? D 44 ? 20 1 
1 C DG 6  1_555 D DC 7  1_555 -0.274 -0.281 0.252  15.555  -20.194 -2.469 18 C_DG30:DC43_D C 30 ? D 43 ? 19 1 
1 C DG 7  1_555 D DC 6  1_555 -0.470 -0.124 0.018  -5.537  -16.593 3.930  19 C_DG31:DC42_D C 31 ? D 42 ? 19 1 
1 C DT 8  1_555 D DA 5  1_555 -0.147 -0.070 0.045  -3.575  -18.806 -1.887 20 C_DT32:DA41_D C 32 ? D 41 ? 20 1 
1 C DC 9  1_555 D DG 4  1_555 0.003  -0.284 0.131  -9.136  -13.273 -1.404 21 C_DC33:DG40_D C 33 ? D 40 ? 19 1 
1 C DT 10 1_555 D DA 3  1_555 -0.323 -0.103 -0.026 0.574   -5.158  -1.407 22 C_DT34:DA39_D C 34 ? D 39 ? 20 1 
1 C DC 11 1_555 D DG 2  1_555 0.428  -0.193 -0.028 -1.983  -8.227  -0.869 23 C_DC35:DG38_D C 35 ? D 38 ? 19 1 
1 C DC 12 1_555 D DG 1  1_555 0.371  -0.211 0.110  -5.601  -5.178  -1.589 24 C_DC36:DG37_D C 36 ? D 37 ? 19 1 
# 
loop_
_ndb_struct_na_base_pair_step.model_number 
_ndb_struct_na_base_pair_step.i_label_asym_id_1 
_ndb_struct_na_base_pair_step.i_label_comp_id_1 
_ndb_struct_na_base_pair_step.i_label_seq_id_1 
_ndb_struct_na_base_pair_step.i_symmetry_1 
_ndb_struct_na_base_pair_step.j_label_asym_id_1 
_ndb_struct_na_base_pair_step.j_label_comp_id_1 
_ndb_struct_na_base_pair_step.j_label_seq_id_1 
_ndb_struct_na_base_pair_step.j_symmetry_1 
_ndb_struct_na_base_pair_step.i_label_asym_id_2 
_ndb_struct_na_base_pair_step.i_label_comp_id_2 
_ndb_struct_na_base_pair_step.i_label_seq_id_2 
_ndb_struct_na_base_pair_step.i_symmetry_2 
_ndb_struct_na_base_pair_step.j_label_asym_id_2 
_ndb_struct_na_base_pair_step.j_label_comp_id_2 
_ndb_struct_na_base_pair_step.j_label_seq_id_2 
_ndb_struct_na_base_pair_step.j_symmetry_2 
_ndb_struct_na_base_pair_step.shift 
_ndb_struct_na_base_pair_step.slide 
_ndb_struct_na_base_pair_step.rise 
_ndb_struct_na_base_pair_step.tilt 
_ndb_struct_na_base_pair_step.roll 
_ndb_struct_na_base_pair_step.twist 
_ndb_struct_na_base_pair_step.x_displacement 
_ndb_struct_na_base_pair_step.y_displacement 
_ndb_struct_na_base_pair_step.helical_rise 
_ndb_struct_na_base_pair_step.inclination 
_ndb_struct_na_base_pair_step.tip 
_ndb_struct_na_base_pair_step.helical_twist 
_ndb_struct_na_base_pair_step.step_number 
_ndb_struct_na_base_pair_step.step_name 
_ndb_struct_na_base_pair_step.i_auth_asym_id_1 
_ndb_struct_na_base_pair_step.i_auth_seq_id_1 
_ndb_struct_na_base_pair_step.i_PDB_ins_code_1 
_ndb_struct_na_base_pair_step.j_auth_asym_id_1 
_ndb_struct_na_base_pair_step.j_auth_seq_id_1 
_ndb_struct_na_base_pair_step.j_PDB_ins_code_1 
_ndb_struct_na_base_pair_step.i_auth_asym_id_2 
_ndb_struct_na_base_pair_step.i_auth_seq_id_2 
_ndb_struct_na_base_pair_step.i_PDB_ins_code_2 
_ndb_struct_na_base_pair_step.j_auth_asym_id_2 
_ndb_struct_na_base_pair_step.j_auth_seq_id_2 
_ndb_struct_na_base_pair_step.j_PDB_ins_code_2 
1 A DC 1  1_555 B DG 12 1_555 A DC 2  1_555 B DG 11 1_555 -0.887 -2.300 3.401 -2.592 3.109  29.877 -5.067 1.168  3.214 5.996  
4.999  30.144 1  AA_DC1DC2:DG23DG24_BB   A 1  ? B 24 ? A 2  ? B 23 ? 
1 A DC 2  1_555 B DG 11 1_555 A DT 3  1_555 B DA 10 1_555 0.001  -1.711 3.243 0.530  4.499  29.895 -4.150 0.101  2.959 8.659  
-1.019 30.229 2  AA_DC2DT3:DA22DG23_BB   A 2  ? B 23 ? A 3  ? B 22 ? 
1 A DT 3  1_555 B DA 10 1_555 A DC 4  1_555 B DG 9  1_555 -0.072 -1.575 3.334 -1.099 7.453  33.106 -3.857 -0.048 2.922 12.873 
1.897  33.929 3  AA_DT3DC4:DG21DA22_BB   A 3  ? B 22 ? A 4  ? B 21 ? 
1 A DC 4  1_555 B DG 9  1_555 A DT 5  1_555 B DA 8  1_555 -0.325 -1.695 3.178 -1.065 3.683  28.218 -4.240 0.431  2.947 7.509  
2.172  28.472 4  AA_DC4DT5:DA20DG21_BB   A 4  ? B 21 ? A 5  ? B 20 ? 
1 A DT 5  1_555 B DA 8  1_555 A DG 6  1_555 B DC 7  1_555 -0.821 -1.382 3.078 -0.343 7.380  27.593 -4.297 1.597  2.637 15.131 
0.703  28.546 5  AA_DT5DG6:DC19DA20_BB   A 5  ? B 20 ? A 6  ? B 19 ? 
1 A DG 6  1_555 B DC 7  1_555 A DG 7  1_555 B DC 6  1_555 1.343  -1.658 3.535 2.318  26.351 30.070 -5.249 -1.723 1.697 42.015 
-3.696 39.847 6  AA_DG6DG7:DC18DC19_BB   A 6  ? B 19 ? A 7  ? B 18 ? 
1 A DG 7  1_555 B DC 6  1_555 A DT 8  1_555 B DA 5  1_555 -0.646 -1.275 3.151 0.671  3.830  35.155 -2.630 1.157  2.987 6.317  
-1.107 35.362 7  AA_DG7DT8:DA17DC18_BB   A 7  ? B 18 ? A 8  ? B 17 ? 
1 A DT 8  1_555 B DA 5  1_555 A DC 9  1_555 B DG 4  1_555 0.547  -0.463 3.347 4.706  3.024  39.219 -1.048 -0.241 3.344 4.477  
-6.968 39.601 8  AA_DT8DC9:DG16DA17_BB   A 8  ? B 17 ? A 9  ? B 16 ? 
1 A DC 9  1_555 B DG 4  1_555 A DT 10 1_555 B DA 3  1_555 -0.406 -0.306 3.163 3.327  10.425 28.841 -2.502 1.378  2.821 20.043 
-6.396 30.806 9  AA_DC9DT10:DA15DG16_BB  A 9  ? B 16 ? A 10 ? B 15 ? 
1 A DT 10 1_555 B DA 3  1_555 A DC 11 1_555 B DG 2  1_555 0.218  -0.291 3.193 2.741  1.312  36.101 -0.648 0.026  3.188 2.112  
-4.413 36.225 10 AA_DT10DC11:DG14DA15_BB A 10 ? B 15 ? A 11 ? B 14 ? 
1 A DC 11 1_555 B DG 2  1_555 A DC 12 1_555 B DG 1  1_555 0.245  -0.342 3.386 -0.536 3.263  36.014 -1.024 -0.473 3.339 5.263  
0.865  36.161 11 AA_DC11DC12:DG13DG14_BB A 11 ? B 14 ? A 12 ? B 13 ? 
1 C DC 1  1_555 D DG 12 1_555 C DC 2  1_555 D DG 11 1_555 -0.882 -2.323 3.497 -3.687 3.584  29.680 -5.236 0.910  3.284 6.931  
7.130  30.112 12 CC_DC25DC26:DG47DG48_DD C 25 ? D 48 ? C 26 ? D 47 ? 
1 C DC 2  1_555 D DG 11 1_555 C DT 3  1_555 D DA 10 1_555 -0.276 -1.842 3.308 0.610  5.066  27.356 -4.997 0.716  2.919 10.594 
-1.276 27.819 13 CC_DC26DT27:DA46DG47_DD C 26 ? D 47 ? C 27 ? D 46 ? 
1 C DT 3  1_555 D DA 10 1_555 C DC 4  1_555 D DG 9  1_555 0.139  -1.395 3.283 -1.380 6.313  33.460 -3.351 -0.449 2.970 10.839 
2.369  34.061 14 CC_DT27DC28:DG45DA46_DD C 27 ? D 46 ? C 28 ? D 45 ? 
1 C DC 4  1_555 D DG 9  1_555 C DT 5  1_555 D DA 8  1_555 -0.129 -1.705 3.207 0.592  4.195  29.588 -4.129 0.367  2.940 8.161  
-1.151 29.883 15 CC_DC28DT29:DA44DG45_DD C 28 ? D 45 ? C 29 ? D 44 ? 
1 C DT 5  1_555 D DA 8  1_555 C DG 6  1_555 D DC 7  1_555 -0.845 -1.503 3.104 -1.191 7.971  26.575 -4.843 1.507  2.587 16.854 
2.518  27.750 16 CC_DT29DG30:DC43DA44_DD C 29 ? D 44 ? C 30 ? D 43 ? 
1 C DG 6  1_555 D DC 7  1_555 C DG 7  1_555 D DC 6  1_555 1.492  -1.656 3.543 3.150  26.992 30.294 -5.210 -1.827 1.711 42.480 
-4.957 40.483 17 CC_DG30DG31:DC42DC43_DD C 30 ? D 43 ? C 31 ? D 42 ? 
1 C DG 7  1_555 D DC 6  1_555 C DT 8  1_555 D DA 5  1_555 -0.730 -1.210 3.157 0.130  3.655  34.535 -2.557 1.243  3.015 6.136  
-0.219 34.722 18 CC_DG31DT32:DA41DC42_DD C 31 ? D 42 ? C 32 ? D 41 ? 
1 C DT 8  1_555 D DA 5  1_555 C DC 9  1_555 D DG 4  1_555 0.446  -0.542 3.323 4.195  4.143  38.054 -1.344 -0.149 3.278 6.308  
-6.386 38.492 19 CC_DT32DC33:DG40DA41_DD C 32 ? D 41 ? C 33 ? D 40 ? 
1 C DC 9  1_555 D DG 4  1_555 C DT 10 1_555 D DA 3  1_555 -0.415 -0.355 3.133 2.982  9.140  28.158 -2.488 1.396  2.824 18.131 
-5.916 29.723 20 CC_DC33DT34:DA39DG40_DD C 33 ? D 40 ? C 34 ? D 39 ? 
1 C DT 10 1_555 D DA 3  1_555 C DC 11 1_555 D DG 2  1_555 0.324  -0.250 3.301 2.448  1.751  38.575 -0.594 -0.186 3.300 2.646  
-3.699 38.688 21 CC_DT34DC35:DG38DA39_DD C 34 ? D 39 ? C 35 ? D 38 ? 
1 C DC 11 1_555 D DG 2  1_555 C DC 12 1_555 D DG 1  1_555 0.259  -0.348 3.309 0.726  4.290  34.072 -1.265 -0.325 3.247 7.284  
-1.233 34.341 22 CC_DC35DC36:DG37DG38_DD C 35 ? D 38 ? C 36 ? D 37 ? 
# 
loop_
_pdbx_entity_nonpoly.entity_id 
_pdbx_entity_nonpoly.name 
_pdbx_entity_nonpoly.comp_id 
3 Cisplatin       CPT 
4 'MAGNESIUM ION' MG  
5 water           HOH 
# 
_pdbx_initial_refinement_model.id               1 
_pdbx_initial_refinement_model.entity_id_list   ? 
_pdbx_initial_refinement_model.type             'experimental model' 
_pdbx_initial_refinement_model.source_name      PDB 
_pdbx_initial_refinement_model.accession_code   1AIO 
_pdbx_initial_refinement_model.details          ? 
# 
